data_4E1J
#
_entry.id   4E1J
#
_cell.length_a   93.220
_cell.length_b   101.975
_cell.length_c   107.548
_cell.angle_alpha   90.00
_cell.angle_beta   90.03
_cell.angle_gamma   90.00
#
_symmetry.space_group_name_H-M   'P 1 21 1'
#
loop_
_entity.id
_entity.type
_entity.pdbx_description
1 polymer 'Glycerol kinase'
2 non-polymer GLYCEROL
3 non-polymer 'SODIUM ION'
4 non-polymer 'CHLORIDE ION'
5 water water
#
_entity_poly.entity_id   1
_entity_poly.type   'polypeptide(L)'
_entity_poly.pdbx_seq_one_letter_code
;(MSE)HHHHHHSSGVDLGTENLYFQS(MSE)(MSE)GGYILAIDQGTTSTRAIVFDGNQKIAGVGQKEFKQHFPKSGWVE
HDPEEIWQTVVSTVKEAIEKSGITANDIAAIGITNQRETVVVWDRETGKPIHNAIVWQDRRTAAFCDKLKKKGLEKTFVK
KTGLLLDPYFSGTKLNWLLSNVKGAQVRAAKGELCFGTIDTFLIWRLTGGECFCTDATNASRTLLYNIAENAWDDELTEV
LRVPKE(MSE)LPEVKDCAADFGVTDPSLFGAAIPILGVAGDQQAATIGQACFKPG(MSE)LKSTYGTGCFALLNTGKD
(MSE)VRSKNRLLTTIAYRLDGETTYALEGSIFVAGAAVQWLRDGLKVIKAAPDTGSLAESADPSQEVYLVPAFTGLGAP
HWDPDARGAIFG(MSE)TRNTGPAEFARAALEAVCYQTRDLLEA(MSE)HKDWRRNGNDTVLRVDGG(MSE)VASDWT
(MSE)QRLSDLLDAPVDRPVILETTALGVAWLAGSRAGVWPNQEAFAKSWARDRRFEPH(MSE)DEATRKVKLKGWRSAV
KRTLIAA
;
_entity_poly.pdbx_strand_id   A,B,C,D
#
loop_
_chem_comp.id
_chem_comp.type
_chem_comp.name
_chem_comp.formula
CL non-polymer 'CHLORIDE ION' 'Cl -1'
GOL non-polymer GLYCEROL 'C3 H8 O3'
NA non-polymer 'SODIUM ION' 'Na 1'
#
# COMPACT_ATOMS: atom_id res chain seq x y z
N ASP A 12 -33.65 -4.02 -27.84
CA ASP A 12 -32.44 -4.66 -28.44
C ASP A 12 -32.48 -6.19 -28.54
N LEU A 13 -32.19 -6.67 -29.73
CA LEU A 13 -32.36 -8.04 -30.09
C LEU A 13 -31.01 -8.72 -29.97
N GLY A 14 -30.86 -9.83 -29.27
CA GLY A 14 -31.77 -10.38 -28.33
C GLY A 14 -31.26 -10.12 -26.90
N THR A 15 -31.68 -9.00 -26.31
CA THR A 15 -31.64 -8.85 -24.85
C THR A 15 -33.07 -9.01 -24.24
N GLU A 16 -34.04 -9.39 -25.07
CA GLU A 16 -35.45 -9.52 -24.67
C GLU A 16 -35.70 -10.40 -23.44
N ASN A 17 -34.95 -11.51 -23.34
CA ASN A 17 -35.06 -12.45 -22.23
C ASN A 17 -33.69 -12.70 -21.60
N LEU A 18 -32.83 -11.67 -21.67
CA LEU A 18 -31.46 -11.76 -21.16
C LEU A 18 -31.26 -11.09 -19.77
N TYR A 19 -30.82 -11.88 -18.80
CA TYR A 19 -30.56 -11.35 -17.47
C TYR A 19 -29.12 -10.83 -17.30
N PHE A 20 -28.98 -9.61 -16.78
CA PHE A 20 -27.67 -9.20 -16.26
C PHE A 20 -27.81 -8.37 -14.99
N GLN A 21 -26.84 -8.60 -14.11
CA GLN A 21 -26.63 -7.79 -12.91
C GLN A 21 -25.86 -6.49 -13.23
N SER A 22 -26.36 -5.37 -12.73
CA SER A 22 -25.58 -4.14 -12.80
C SER A 22 -24.99 -3.74 -11.44
N MSE A 23 -23.75 -3.24 -11.50
CA MSE A 23 -23.13 -2.38 -10.48
C MSE A 23 -23.34 -2.69 -8.98
O MSE A 23 -23.22 -3.85 -8.55
CB MSE A 23 -23.39 -0.88 -10.77
N MSE A 24 -23.63 -1.63 -8.22
CA MSE A 24 -23.72 -1.65 -6.76
C MSE A 24 -23.21 -0.39 -6.07
O MSE A 24 -23.79 0.00 -5.04
CB MSE A 24 -23.04 -2.85 -6.18
N GLY A 25 -22.15 0.24 -6.58
CA GLY A 25 -21.63 1.53 -6.01
C GLY A 25 -20.76 1.47 -4.74
N GLY A 26 -19.83 2.43 -4.61
CA GLY A 26 -18.99 2.59 -3.39
C GLY A 26 -17.92 1.51 -3.09
N TYR A 27 -17.49 0.81 -4.12
CA TYR A 27 -16.44 -0.22 -4.04
C TYR A 27 -15.08 0.37 -3.67
N ILE A 28 -14.37 -0.33 -2.79
CA ILE A 28 -13.09 0.12 -2.28
C ILE A 28 -12.16 -1.03 -2.21
N LEU A 29 -10.94 -0.81 -2.71
CA LEU A 29 -9.92 -1.80 -2.81
C LEU A 29 -8.84 -1.51 -1.74
N ALA A 30 -8.67 -2.47 -0.84
CA ALA A 30 -7.59 -2.46 0.13
C ALA A 30 -6.56 -3.49 -0.25
N ILE A 31 -5.31 -3.03 -0.25
CA ILE A 31 -4.20 -3.92 -0.48
C ILE A 31 -3.50 -4.10 0.88
N ASP A 32 -3.28 -5.36 1.27
CA ASP A 32 -2.64 -5.69 2.54
C ASP A 32 -1.41 -6.53 2.29
N GLN A 33 -0.30 -5.82 2.11
CA GLN A 33 1.00 -6.40 1.87
C GLN A 33 1.60 -6.86 3.23
N GLY A 34 1.36 -8.11 3.58
CA GLY A 34 1.72 -8.70 4.84
C GLY A 34 3.13 -9.25 4.87
N THR A 35 3.49 -9.84 6.01
CA THR A 35 4.78 -10.42 6.25
C THR A 35 5.00 -11.62 5.37
N THR A 36 4.01 -12.48 5.29
CA THR A 36 4.23 -13.74 4.61
C THR A 36 3.29 -13.90 3.37
N SER A 37 2.29 -13.04 3.23
CA SER A 37 1.53 -13.01 1.99
C SER A 37 0.92 -11.65 1.73
N THR A 38 0.45 -11.47 0.49
CA THR A 38 -0.23 -10.31 0.13
C THR A 38 -1.70 -10.65 0.00
N ARG A 39 -2.55 -9.79 0.55
CA ARG A 39 -3.98 -9.87 0.30
C ARG A 39 -4.57 -8.58 -0.30
N ALA A 40 -5.51 -8.79 -1.19
CA ALA A 40 -6.31 -7.72 -1.72
C ALA A 40 -7.78 -8.00 -1.42
N ILE A 41 -8.45 -7.02 -0.82
CA ILE A 41 -9.85 -7.14 -0.58
C ILE A 41 -10.63 -5.97 -1.18
N VAL A 42 -11.66 -6.33 -1.94
CA VAL A 42 -12.67 -5.38 -2.38
C VAL A 42 -13.80 -5.31 -1.38
N PHE A 43 -14.13 -4.12 -0.93
CA PHE A 43 -15.28 -3.91 -0.06
C PHE A 43 -16.39 -3.18 -0.81
N ASP A 44 -17.64 -3.66 -0.70
CA ASP A 44 -18.74 -3.00 -1.42
C ASP A 44 -19.15 -1.76 -0.67
N GLY A 45 -20.08 -1.01 -1.23
CA GLY A 45 -20.69 0.16 -0.58
C GLY A 45 -21.31 -0.06 0.80
N ASN A 46 -21.47 -1.31 1.24
CA ASN A 46 -21.93 -1.55 2.61
C ASN A 46 -20.79 -1.99 3.55
N GLN A 47 -19.55 -1.86 3.08
CA GLN A 47 -18.36 -2.18 3.88
C GLN A 47 -18.28 -3.70 4.10
N LYS A 48 -18.97 -4.43 3.23
CA LYS A 48 -18.91 -5.85 3.25
C LYS A 48 -17.83 -6.26 2.32
N ILE A 49 -17.19 -7.38 2.63
CA ILE A 49 -16.26 -7.99 1.72
C ILE A 49 -16.97 -8.55 0.46
N ALA A 50 -16.62 -8.06 -0.72
CA ALA A 50 -17.10 -8.69 -1.96
C ALA A 50 -16.18 -9.71 -2.62
N GLY A 51 -14.86 -9.61 -2.43
CA GLY A 51 -13.90 -10.44 -3.16
C GLY A 51 -12.50 -10.33 -2.57
N VAL A 52 -11.77 -11.45 -2.55
CA VAL A 52 -10.45 -11.52 -1.91
C VAL A 52 -9.43 -12.22 -2.77
N GLY A 53 -8.25 -11.63 -2.92
CA GLY A 53 -7.08 -12.35 -3.45
C GLY A 53 -6.00 -12.47 -2.38
N GLN A 54 -5.32 -13.60 -2.35
CA GLN A 54 -4.31 -13.89 -1.38
C GLN A 54 -3.23 -14.73 -2.06
N LYS A 55 -1.96 -14.46 -1.72
CA LYS A 55 -0.83 -15.08 -2.37
C LYS A 55 0.45 -14.90 -1.57
N GLU A 56 1.03 -16.03 -1.17
CA GLU A 56 2.35 -16.08 -0.52
C GLU A 56 3.47 -15.64 -1.41
N PHE A 57 4.55 -15.18 -0.80
CA PHE A 57 5.78 -14.91 -1.53
C PHE A 57 6.89 -15.56 -0.70
N LYS A 58 8.10 -15.65 -1.24
CA LYS A 58 9.10 -16.49 -0.58
C LYS A 58 9.79 -15.79 0.60
N GLN A 59 9.88 -16.45 1.75
CA GLN A 59 10.67 -15.88 2.83
C GLN A 59 12.16 -16.29 2.65
N HIS A 60 13.05 -15.32 2.44
CA HIS A 60 14.51 -15.57 2.31
C HIS A 60 15.28 -15.36 3.60
N PHE A 61 16.02 -16.40 3.99
CA PHE A 61 16.85 -16.39 5.17
C PHE A 61 18.36 -16.63 4.83
N PRO A 62 19.10 -15.59 4.44
CA PRO A 62 20.50 -15.79 4.09
C PRO A 62 21.41 -16.23 5.24
N LYS A 63 20.98 -16.04 6.47
CA LYS A 63 21.69 -16.49 7.67
C LYS A 63 20.64 -16.49 8.78
N SER A 64 20.84 -17.36 9.77
CA SER A 64 20.15 -17.26 11.06
C SER A 64 19.92 -15.81 11.57
N GLY A 65 18.67 -15.46 11.81
CA GLY A 65 18.30 -14.09 12.21
C GLY A 65 18.17 -13.03 11.12
N TRP A 66 18.61 -13.34 9.90
CA TRP A 66 18.50 -12.44 8.74
C TRP A 66 17.25 -12.82 7.98
N VAL A 67 16.45 -11.85 7.52
CA VAL A 67 15.18 -12.13 6.80
C VAL A 67 14.94 -11.11 5.65
N GLU A 68 14.64 -11.61 4.46
CA GLU A 68 14.62 -10.73 3.32
C GLU A 68 13.46 -11.12 2.46
N HIS A 69 12.86 -10.12 1.82
CA HIS A 69 11.90 -10.40 0.74
C HIS A 69 12.42 -9.90 -0.62
N ASP A 70 12.10 -10.64 -1.67
CA ASP A 70 12.20 -10.14 -3.03
C ASP A 70 11.08 -9.15 -3.30
N PRO A 71 11.40 -7.85 -3.45
CA PRO A 71 10.38 -6.84 -3.74
C PRO A 71 9.71 -6.89 -5.14
N GLU A 72 10.32 -7.54 -6.15
CA GLU A 72 9.65 -7.80 -7.43
C GLU A 72 8.57 -8.82 -7.20
N GLU A 73 8.89 -9.82 -6.38
CA GLU A 73 7.96 -10.87 -6.11
C GLU A 73 6.81 -10.26 -5.33
N ILE A 74 7.11 -9.41 -4.34
CA ILE A 74 6.07 -8.74 -3.55
C ILE A 74 5.24 -7.92 -4.53
N TRP A 75 5.93 -7.13 -5.36
CA TRP A 75 5.20 -6.42 -6.41
C TRP A 75 4.18 -7.28 -7.25
N GLN A 76 4.65 -8.40 -7.82
CA GLN A 76 3.81 -9.27 -8.67
C GLN A 76 2.60 -9.83 -7.92
N THR A 77 2.81 -10.01 -6.63
CA THR A 77 1.85 -10.52 -5.70
C THR A 77 0.73 -9.47 -5.49
N VAL A 78 1.10 -8.20 -5.58
CA VAL A 78 0.10 -7.14 -5.43
C VAL A 78 -0.69 -7.07 -6.71
N VAL A 79 -0.02 -6.92 -7.86
CA VAL A 79 -0.70 -6.95 -9.20
C VAL A 79 -1.73 -8.08 -9.34
N SER A 80 -1.36 -9.33 -9.02
CA SER A 80 -2.18 -10.51 -9.26
C SER A 80 -3.35 -10.70 -8.28
N THR A 81 -3.04 -10.38 -7.04
CA THR A 81 -3.96 -10.36 -5.97
C THR A 81 -5.05 -9.31 -6.22
N VAL A 82 -4.67 -8.13 -6.69
CA VAL A 82 -5.67 -7.14 -7.07
C VAL A 82 -6.68 -7.62 -8.16
N LYS A 83 -6.17 -7.98 -9.33
CA LYS A 83 -6.96 -8.56 -10.45
C LYS A 83 -7.87 -9.66 -9.91
N GLU A 84 -7.31 -10.48 -9.03
CA GLU A 84 -8.05 -11.62 -8.50
C GLU A 84 -9.29 -11.24 -7.68
N ALA A 85 -9.16 -10.22 -6.82
CA ALA A 85 -10.24 -9.79 -5.94
C ALA A 85 -11.36 -9.12 -6.70
N ILE A 86 -10.96 -8.34 -7.70
CA ILE A 86 -11.85 -7.59 -8.56
C ILE A 86 -12.68 -8.61 -9.34
N GLU A 87 -12.03 -9.58 -9.99
CA GLU A 87 -12.77 -10.58 -10.76
C GLU A 87 -13.75 -11.35 -9.81
N LYS A 88 -13.24 -11.91 -8.70
CA LYS A 88 -14.08 -12.57 -7.69
C LYS A 88 -15.19 -11.66 -7.10
N SER A 89 -15.10 -10.37 -7.37
CA SER A 89 -16.07 -9.44 -6.85
C SER A 89 -17.22 -9.24 -7.84
N GLY A 90 -16.98 -9.70 -9.07
CA GLY A 90 -17.91 -9.52 -10.18
C GLY A 90 -17.94 -8.10 -10.73
N ILE A 91 -16.79 -7.41 -10.67
CA ILE A 91 -16.70 -6.04 -11.18
C ILE A 91 -15.46 -5.78 -12.04
N THR A 92 -15.24 -4.51 -12.36
CA THR A 92 -14.11 -4.06 -13.15
C THR A 92 -13.30 -3.09 -12.33
N ALA A 93 -12.02 -2.90 -12.67
CA ALA A 93 -11.20 -1.96 -11.98
C ALA A 93 -11.86 -0.58 -12.00
N ASN A 94 -12.58 -0.26 -13.08
CA ASN A 94 -13.33 1.00 -13.20
C ASN A 94 -14.40 1.21 -12.18
N ASP A 95 -14.78 0.17 -11.45
CA ASP A 95 -15.80 0.36 -10.42
C ASP A 95 -15.21 0.68 -9.04
N ILE A 96 -13.89 0.83 -8.97
CA ILE A 96 -13.25 1.09 -7.69
C ILE A 96 -13.20 2.60 -7.42
N ALA A 97 -13.97 3.10 -6.47
CA ALA A 97 -13.84 4.53 -6.22
C ALA A 97 -12.42 4.88 -5.77
N ALA A 98 -11.89 4.15 -4.81
CA ALA A 98 -10.53 4.45 -4.36
C ALA A 98 -9.80 3.23 -3.81
N ILE A 99 -8.51 3.41 -3.53
CA ILE A 99 -7.62 2.34 -3.01
C ILE A 99 -7.06 2.71 -1.65
N GLY A 100 -6.99 1.73 -0.77
CA GLY A 100 -6.23 1.87 0.46
C GLY A 100 -5.08 0.85 0.45
N ILE A 101 -3.93 1.26 0.99
CA ILE A 101 -2.68 0.47 1.17
C ILE A 101 -2.27 0.36 2.67
N THR A 102 -2.14 -0.86 3.20
CA THR A 102 -1.41 -1.15 4.43
C THR A 102 -0.38 -2.21 4.13
N ASN A 103 0.51 -2.47 5.09
CA ASN A 103 1.77 -3.15 4.85
C ASN A 103 2.43 -3.55 6.15
N GLN A 104 3.05 -4.73 6.18
CA GLN A 104 4.05 -5.02 7.23
C GLN A 104 4.92 -3.80 7.42
N ARG A 105 5.20 -3.39 8.65
CA ARG A 105 5.90 -2.12 8.90
C ARG A 105 7.40 -2.34 8.96
N GLU A 106 8.18 -1.25 9.09
CA GLU A 106 9.63 -1.34 9.30
C GLU A 106 10.43 -1.92 8.13
N THR A 107 10.00 -3.03 7.57
CA THR A 107 10.58 -3.53 6.29
C THR A 107 11.03 -2.39 5.35
N VAL A 108 12.29 -2.43 4.92
CA VAL A 108 12.92 -1.35 4.17
C VAL A 108 13.19 -1.82 2.72
N VAL A 109 12.85 -0.95 1.74
CA VAL A 109 13.30 -1.13 0.38
C VAL A 109 14.05 0.14 -0.08
N VAL A 110 15.18 -0.05 -0.70
CA VAL A 110 15.88 1.03 -1.29
C VAL A 110 15.88 0.79 -2.82
N TRP A 111 15.54 1.81 -3.60
CA TRP A 111 15.52 1.58 -5.05
C TRP A 111 15.97 2.78 -5.93
N ASP A 112 16.31 2.50 -7.19
CA ASP A 112 16.81 3.60 -8.05
C ASP A 112 15.72 4.56 -8.41
N ARG A 113 15.91 5.81 -8.07
CA ARG A 113 14.93 6.81 -8.38
C ARG A 113 14.56 6.90 -9.86
N GLU A 114 15.39 6.38 -10.77
CA GLU A 114 15.10 6.50 -12.23
C GLU A 114 14.49 5.23 -12.82
N THR A 115 15.15 4.10 -12.61
CA THR A 115 14.66 2.83 -13.12
C THR A 115 13.66 2.11 -12.20
N GLY A 116 13.62 2.50 -10.92
CA GLY A 116 12.76 1.81 -9.93
C GLY A 116 13.27 0.43 -9.54
N LYS A 117 14.49 0.11 -9.97
CA LYS A 117 15.15 -1.15 -9.66
C LYS A 117 15.69 -1.17 -8.22
N PRO A 118 15.28 -2.15 -7.44
CA PRO A 118 15.77 -2.08 -6.08
C PRO A 118 17.22 -2.44 -6.09
N ILE A 119 17.97 -1.86 -5.19
CA ILE A 119 19.37 -2.13 -5.13
C ILE A 119 19.69 -3.43 -4.39
N HIS A 120 18.66 -4.12 -3.83
CA HIS A 120 18.81 -5.22 -2.87
C HIS A 120 17.44 -5.73 -2.44
N ASN A 121 17.36 -6.94 -1.96
CA ASN A 121 16.13 -7.45 -1.39
C ASN A 121 15.68 -6.55 -0.28
N ALA A 122 14.40 -6.66 0.06
CA ALA A 122 13.85 -5.88 1.17
C ALA A 122 14.36 -6.58 2.42
N ILE A 123 14.80 -5.83 3.41
CA ILE A 123 15.23 -6.41 4.71
C ILE A 123 14.04 -6.29 5.65
N VAL A 124 13.48 -7.43 6.03
CA VAL A 124 12.19 -7.49 6.72
C VAL A 124 12.29 -6.96 8.18
N TRP A 125 11.16 -6.53 8.74
CA TRP A 125 11.11 -6.14 10.15
C TRP A 125 11.68 -7.23 11.06
N GLN A 126 11.44 -8.50 10.75
CA GLN A 126 12.02 -9.59 11.55
C GLN A 126 13.55 -9.69 11.58
N ASP A 127 14.22 -9.04 10.65
CA ASP A 127 15.66 -9.20 10.49
C ASP A 127 16.51 -8.58 11.60
N ARG A 128 17.60 -9.25 11.97
CA ARG A 128 18.27 -8.91 13.23
C ARG A 128 19.72 -8.56 13.01
N ARG A 129 20.07 -8.24 11.77
CA ARG A 129 21.46 -8.20 11.31
C ARG A 129 22.23 -7.03 11.90
N THR A 130 21.55 -5.97 12.27
CA THR A 130 22.23 -4.78 12.79
C THR A 130 22.38 -4.75 14.33
N ALA A 131 22.10 -5.86 15.01
CA ALA A 131 22.38 -5.94 16.46
C ALA A 131 23.71 -5.26 16.86
N ALA A 132 24.82 -5.65 16.21
CA ALA A 132 26.14 -5.04 16.54
C ALA A 132 26.21 -3.52 16.30
N PHE A 133 25.67 -3.06 15.18
CA PHE A 133 25.66 -1.63 14.90
C PHE A 133 24.81 -0.87 15.94
N CYS A 134 23.67 -1.44 16.35
CA CYS A 134 22.84 -0.84 17.41
C CYS A 134 23.60 -0.72 18.74
N ASP A 135 24.52 -1.67 19.00
CA ASP A 135 25.35 -1.61 20.19
C ASP A 135 26.37 -0.47 20.13
N LYS A 136 27.07 -0.29 19.00
CA LYS A 136 27.91 0.91 18.80
C LYS A 136 27.20 2.20 19.21
N LEU A 137 25.99 2.41 18.68
CA LEU A 137 25.22 3.64 18.93
C LEU A 137 24.77 3.75 20.37
N LYS A 138 24.40 2.64 20.98
CA LYS A 138 23.95 2.65 22.36
C LYS A 138 25.12 3.09 23.28
N LYS A 139 26.30 2.50 23.05
CA LYS A 139 27.45 2.75 23.92
C LYS A 139 27.87 4.18 23.79
N LYS A 140 27.61 4.76 22.63
CA LYS A 140 28.06 6.11 22.32
C LYS A 140 27.17 7.17 22.97
N GLY A 141 26.22 6.71 23.77
CA GLY A 141 25.26 7.58 24.47
C GLY A 141 24.04 7.98 23.64
N LEU A 142 23.73 7.21 22.59
CA LEU A 142 22.73 7.72 21.64
C LEU A 142 21.28 7.33 21.83
N GLU A 143 21.00 6.27 22.58
CA GLU A 143 19.63 5.76 22.64
C GLU A 143 18.66 6.80 23.17
N LYS A 144 19.19 7.77 23.92
CA LYS A 144 18.37 8.76 24.59
C LYS A 144 17.60 9.61 23.59
N THR A 145 18.27 10.20 22.61
CA THR A 145 17.55 11.07 21.66
C THR A 145 16.53 10.29 20.83
N PHE A 146 16.93 9.12 20.30
CA PHE A 146 16.00 8.17 19.63
C PHE A 146 14.79 7.91 20.52
N VAL A 147 14.99 7.51 21.75
CA VAL A 147 13.83 7.17 22.49
C VAL A 147 12.98 8.39 22.54
N LYS A 148 13.59 9.53 22.81
CA LYS A 148 12.85 10.75 23.00
C LYS A 148 12.14 11.32 21.78
N LYS A 149 12.84 11.36 20.67
CA LYS A 149 12.32 11.79 19.41
C LYS A 149 11.26 10.91 18.79
N THR A 150 11.44 9.63 18.95
CA THR A 150 10.95 8.61 18.09
C THR A 150 9.90 7.75 18.74
N GLY A 151 10.01 7.63 20.05
CA GLY A 151 9.20 6.71 20.84
C GLY A 151 9.61 5.25 20.77
N LEU A 152 10.73 4.98 20.09
CA LEU A 152 11.12 3.64 19.78
C LEU A 152 12.36 3.34 20.62
N LEU A 153 13.20 2.40 20.19
CA LEU A 153 14.40 2.03 20.90
C LEU A 153 15.47 1.90 19.86
N LEU A 154 16.73 1.74 20.27
CA LEU A 154 17.78 1.35 19.32
C LEU A 154 17.89 -0.16 19.23
N ASP A 155 16.84 -0.76 18.66
CA ASP A 155 16.80 -2.17 18.37
C ASP A 155 16.78 -2.33 16.84
N PRO A 156 17.29 -3.47 16.29
CA PRO A 156 17.31 -3.75 14.85
C PRO A 156 15.94 -3.89 14.20
N TYR A 157 14.87 -3.99 15.00
CA TYR A 157 13.48 -4.06 14.51
C TYR A 157 13.12 -2.89 13.53
N PHE A 158 13.46 -1.67 13.89
CA PHE A 158 13.04 -0.51 13.14
C PHE A 158 13.80 -0.28 11.82
N SER A 159 13.33 0.65 10.97
CA SER A 159 13.92 0.82 9.63
C SER A 159 15.34 1.40 9.58
N GLY A 160 15.60 2.39 10.44
CA GLY A 160 16.73 3.32 10.25
C GLY A 160 18.07 2.62 10.13
N THR A 161 18.29 1.72 11.07
CA THR A 161 19.42 0.80 11.17
C THR A 161 19.56 -0.13 9.96
N LYS A 162 18.44 -0.65 9.47
CA LYS A 162 18.52 -1.47 8.24
C LYS A 162 18.95 -0.66 7.01
N LEU A 163 18.54 0.60 6.97
CA LEU A 163 18.87 1.48 5.83
C LEU A 163 20.34 1.91 5.88
N ASN A 164 20.84 2.26 7.08
CA ASN A 164 22.28 2.38 7.29
C ASN A 164 23.05 1.18 6.75
N TRP A 165 22.57 -0.01 7.01
CA TRP A 165 23.21 -1.21 6.54
C TRP A 165 23.26 -1.33 5.04
N LEU A 166 22.17 -0.99 4.36
CA LEU A 166 22.22 -1.03 2.87
C LEU A 166 23.18 0.02 2.25
N LEU A 167 23.14 1.24 2.80
CA LEU A 167 23.97 2.32 2.29
C LEU A 167 25.43 1.98 2.48
N SER A 168 25.74 1.29 3.58
CA SER A 168 27.10 0.91 3.88
C SER A 168 27.57 -0.41 3.25
N ASN A 169 26.68 -1.32 2.90
CA ASN A 169 27.15 -2.62 2.43
C ASN A 169 26.86 -2.94 0.97
N VAL A 170 25.94 -2.23 0.34
CA VAL A 170 25.82 -2.45 -1.12
C VAL A 170 26.72 -1.48 -1.85
N LYS A 171 27.63 -2.05 -2.61
CA LYS A 171 28.59 -1.31 -3.46
C LYS A 171 27.90 -0.25 -4.31
N GLY A 172 28.43 0.95 -4.27
CA GLY A 172 27.88 2.01 -5.06
C GLY A 172 26.78 2.75 -4.34
N ALA A 173 26.10 2.07 -3.42
CA ALA A 173 24.91 2.60 -2.71
C ALA A 173 25.16 3.94 -2.06
N GLN A 174 26.19 4.02 -1.24
CA GLN A 174 26.38 5.23 -0.46
C GLN A 174 26.51 6.39 -1.43
N VAL A 175 27.31 6.17 -2.47
CA VAL A 175 27.58 7.17 -3.53
C VAL A 175 26.30 7.61 -4.23
N ARG A 176 25.63 6.67 -4.89
CA ARG A 176 24.36 6.94 -5.56
C ARG A 176 23.33 7.60 -4.63
N ALA A 177 23.32 7.21 -3.36
CA ALA A 177 22.39 7.81 -2.41
C ALA A 177 22.67 9.30 -2.26
N ALA A 178 23.96 9.64 -2.11
CA ALA A 178 24.40 11.02 -1.87
C ALA A 178 24.17 11.90 -3.07
N LYS A 179 24.22 11.31 -4.27
CA LYS A 179 23.95 12.06 -5.52
C LYS A 179 22.49 12.48 -5.68
N GLY A 180 21.61 11.92 -4.82
CA GLY A 180 20.17 12.12 -4.90
C GLY A 180 19.52 11.09 -5.80
N GLU A 181 20.22 10.00 -6.09
CA GLU A 181 19.70 8.98 -7.01
C GLU A 181 18.93 7.77 -6.38
N LEU A 182 18.88 7.67 -5.05
CA LEU A 182 18.12 6.55 -4.44
C LEU A 182 16.88 6.94 -3.60
N CYS A 183 15.90 6.05 -3.59
CA CYS A 183 14.68 6.27 -2.83
C CYS A 183 14.66 5.27 -1.70
N PHE A 184 14.41 5.74 -0.49
CA PHE A 184 14.15 4.85 0.62
C PHE A 184 12.65 4.68 0.72
N GLY A 185 12.18 3.50 1.07
CA GLY A 185 10.79 3.37 1.51
C GLY A 185 10.54 2.15 2.37
N THR A 186 9.70 2.33 3.38
CA THR A 186 8.93 1.24 3.89
C THR A 186 8.01 0.73 2.73
N ILE A 187 7.36 -0.41 2.94
CA ILE A 187 6.60 -1.14 1.91
C ILE A 187 5.46 -0.29 1.30
N ASP A 188 4.84 0.59 2.08
CA ASP A 188 3.79 1.43 1.55
C ASP A 188 4.32 2.36 0.48
N THR A 189 5.43 3.00 0.76
CA THR A 189 6.07 3.91 -0.19
C THR A 189 6.45 3.14 -1.43
N PHE A 190 6.95 1.91 -1.27
CA PHE A 190 7.30 1.11 -2.43
C PHE A 190 6.08 0.86 -3.26
N LEU A 191 4.93 0.61 -2.65
CA LEU A 191 3.73 0.28 -3.48
C LEU A 191 3.17 1.52 -4.17
N ILE A 192 3.17 2.62 -3.43
CA ILE A 192 2.63 3.87 -3.92
C ILE A 192 3.44 4.25 -5.16
N TRP A 193 4.77 4.22 -5.00
CA TRP A 193 5.66 4.53 -6.08
C TRP A 193 5.31 3.75 -7.35
N ARG A 194 5.09 2.45 -7.20
CA ARG A 194 4.81 1.56 -8.32
C ARG A 194 3.39 1.62 -8.87
N LEU A 195 2.40 1.78 -8.02
CA LEU A 195 1.03 1.97 -8.43
C LEU A 195 0.90 3.22 -9.29
N THR A 196 1.60 4.28 -8.91
CA THR A 196 1.51 5.52 -9.65
C THR A 196 2.61 5.57 -10.69
N GLY A 197 3.30 4.47 -10.92
CA GLY A 197 4.34 4.46 -11.92
C GLY A 197 5.34 5.57 -11.65
N GLY A 198 5.85 5.63 -10.41
CA GLY A 198 6.88 6.56 -10.08
C GLY A 198 6.44 7.96 -9.81
N GLU A 199 5.17 8.28 -9.94
CA GLU A 199 4.77 9.70 -9.82
C GLU A 199 4.80 10.24 -8.39
N CYS A 200 4.51 9.36 -7.45
CA CYS A 200 4.25 9.82 -6.09
C CYS A 200 5.25 9.17 -5.16
N PHE A 201 6.02 9.98 -4.45
CA PHE A 201 7.01 9.49 -3.52
C PHE A 201 6.68 9.98 -2.09
N CYS A 202 6.01 9.09 -1.36
CA CYS A 202 5.23 9.39 -0.17
C CYS A 202 5.11 8.22 0.79
N THR A 203 4.88 8.58 2.07
CA THR A 203 4.41 7.69 3.11
C THR A 203 3.37 8.42 3.96
N ASP A 204 2.81 7.67 4.91
CA ASP A 204 1.95 8.23 5.91
C ASP A 204 2.73 8.36 7.24
N ALA A 205 2.16 9.09 8.20
CA ALA A 205 2.82 9.34 9.50
C ALA A 205 3.03 8.07 10.27
N THR A 206 2.08 7.16 10.21
CA THR A 206 2.27 5.91 10.95
C THR A 206 3.46 5.08 10.44
N ASN A 207 3.55 4.79 9.13
CA ASN A 207 4.80 4.14 8.64
C ASN A 207 6.05 4.94 8.94
N ALA A 208 6.04 6.27 8.72
CA ALA A 208 7.21 7.09 9.08
C ALA A 208 7.62 6.95 10.58
N SER A 209 6.63 6.89 11.46
CA SER A 209 6.83 6.54 12.91
C SER A 209 7.83 5.46 13.19
N ARG A 210 7.90 4.53 12.27
CA ARG A 210 8.49 3.22 12.58
C ARG A 210 9.95 3.15 12.11
N THR A 211 10.45 4.26 11.57
CA THR A 211 11.73 4.19 10.88
C THR A 211 12.94 4.50 11.68
N LEU A 212 12.77 5.08 12.87
CA LEU A 212 13.84 5.70 13.67
C LEU A 212 14.39 7.00 13.09
N LEU A 213 13.68 7.60 12.12
CA LEU A 213 14.16 8.79 11.40
C LEU A 213 13.22 9.96 11.55
N TYR A 214 12.11 9.70 12.17
CA TYR A 214 11.03 10.61 12.10
C TYR A 214 10.78 11.05 13.51
N ASN A 215 10.47 12.33 13.69
CA ASN A 215 10.17 12.89 14.99
C ASN A 215 8.70 12.84 15.14
N ILE A 216 8.28 12.15 16.18
CA ILE A 216 6.91 11.78 16.39
C ILE A 216 6.17 12.93 17.03
N ALA A 217 6.94 13.89 17.58
CA ALA A 217 6.36 15.11 18.11
C ALA A 217 6.32 16.23 17.06
N GLU A 218 7.41 16.39 16.31
CA GLU A 218 7.48 17.44 15.33
C GLU A 218 6.79 17.06 14.02
N ASN A 219 6.46 15.78 13.86
CA ASN A 219 5.98 15.23 12.60
C ASN A 219 6.90 15.63 11.45
N ALA A 220 8.18 15.26 11.55
CA ALA A 220 9.13 15.61 10.50
C ALA A 220 10.32 14.73 10.56
N TRP A 221 10.92 14.45 9.42
CA TRP A 221 12.20 13.78 9.40
C TRP A 221 13.08 14.55 10.39
N ASP A 222 13.92 13.86 11.16
CA ASP A 222 14.69 14.52 12.24
C ASP A 222 16.16 14.69 11.84
N ASP A 223 16.62 15.95 11.79
CA ASP A 223 17.96 16.24 11.29
C ASP A 223 19.01 15.41 12.02
N GLU A 224 18.90 15.36 13.34
CA GLU A 224 19.94 14.72 14.15
C GLU A 224 19.97 13.23 13.91
N LEU A 225 18.79 12.60 13.88
CA LEU A 225 18.74 11.15 13.72
C LEU A 225 19.28 10.71 12.36
N THR A 226 18.93 11.47 11.32
CA THR A 226 19.39 11.13 9.96
C THR A 226 20.90 11.28 9.81
N GLU A 227 21.41 12.38 10.32
CA GLU A 227 22.85 12.61 10.42
C GLU A 227 23.56 11.48 11.15
N VAL A 228 23.05 11.11 12.31
CA VAL A 228 23.61 10.02 13.13
C VAL A 228 23.70 8.72 12.34
N LEU A 229 22.64 8.41 11.60
CA LEU A 229 22.59 7.20 10.79
C LEU A 229 23.16 7.36 9.40
N ARG A 230 23.55 8.60 9.07
CA ARG A 230 24.17 8.97 7.79
C ARG A 230 23.25 8.64 6.61
N VAL A 231 22.05 9.19 6.70
CA VAL A 231 21.02 9.03 5.70
C VAL A 231 20.80 10.39 5.13
N PRO A 232 20.99 10.53 3.82
CA PRO A 232 20.70 11.79 3.12
C PRO A 232 19.21 12.08 3.16
N LYS A 233 18.83 13.28 3.57
CA LYS A 233 17.41 13.60 3.65
C LYS A 233 16.69 13.39 2.29
N GLU A 234 17.43 13.54 1.21
CA GLU A 234 16.87 13.37 -0.12
C GLU A 234 16.13 12.05 -0.39
N MSE A 235 16.63 10.94 0.18
CA MSE A 235 16.14 9.59 -0.13
C MSE A 235 14.78 9.33 0.50
O MSE A 235 14.26 8.24 0.38
CB MSE A 235 17.03 8.55 0.55
CG MSE A 235 18.48 8.56 0.26
SE MSE A 235 19.03 7.11 1.45
CE MSE A 235 18.56 5.54 0.33
N LEU A 236 14.32 10.30 1.27
CA LEU A 236 13.14 10.15 2.12
C LEU A 236 11.87 10.71 1.50
N PRO A 237 10.79 9.95 1.59
CA PRO A 237 9.60 10.39 0.87
C PRO A 237 8.89 11.47 1.69
N GLU A 238 7.94 12.12 1.06
CA GLU A 238 7.09 13.05 1.72
C GLU A 238 6.12 12.28 2.62
N VAL A 239 5.85 12.85 3.79
CA VAL A 239 5.06 12.21 4.79
C VAL A 239 3.71 12.86 4.86
N LYS A 240 2.64 12.05 4.77
CA LYS A 240 1.26 12.59 4.86
C LYS A 240 0.40 11.99 5.94
N ASP A 241 -0.75 12.63 6.17
CA ASP A 241 -1.84 12.02 6.93
C ASP A 241 -2.21 10.66 6.33
N CYS A 242 -2.92 9.85 7.09
CA CYS A 242 -3.36 8.54 6.69
C CYS A 242 -4.44 8.56 5.59
N ALA A 243 -5.28 9.59 5.63
CA ALA A 243 -6.24 9.87 4.58
C ALA A 243 -5.71 11.11 3.87
N ALA A 244 -5.17 10.94 2.68
CA ALA A 244 -4.58 12.08 1.99
C ALA A 244 -4.66 11.70 0.56
N ASP A 245 -4.06 12.51 -0.33
CA ASP A 245 -4.01 12.20 -1.74
C ASP A 245 -2.63 11.64 -2.06
N PHE A 246 -2.57 10.32 -2.21
CA PHE A 246 -1.34 9.60 -2.55
C PHE A 246 -1.15 9.38 -4.06
N GLY A 247 -1.90 10.10 -4.90
CA GLY A 247 -1.73 9.91 -6.31
C GLY A 247 -2.80 8.98 -6.89
N VAL A 248 -2.61 8.63 -8.14
CA VAL A 248 -3.60 8.00 -8.94
C VAL A 248 -2.87 6.88 -9.61
N THR A 249 -3.52 5.76 -9.59
CA THR A 249 -3.04 4.57 -10.23
C THR A 249 -2.62 4.77 -11.71
N ASP A 250 -1.38 4.40 -12.01
CA ASP A 250 -0.94 4.15 -13.36
C ASP A 250 -1.97 3.32 -14.15
N PRO A 251 -2.58 3.92 -15.19
CA PRO A 251 -3.69 3.23 -15.89
C PRO A 251 -3.36 1.87 -16.58
N SER A 252 -2.12 1.66 -17.00
CA SER A 252 -1.60 0.38 -17.52
C SER A 252 -1.74 -0.87 -16.61
N LEU A 253 -1.62 -0.65 -15.31
CA LEU A 253 -1.58 -1.77 -14.37
C LEU A 253 -2.93 -2.49 -14.29
N PHE A 254 -4.05 -1.78 -14.10
CA PHE A 254 -5.35 -2.46 -13.96
C PHE A 254 -6.36 -2.07 -15.04
N GLY A 255 -5.99 -1.11 -15.90
CA GLY A 255 -6.88 -0.66 -16.96
C GLY A 255 -7.83 0.35 -16.36
N ALA A 256 -7.34 1.16 -15.43
CA ALA A 256 -8.18 2.22 -14.84
C ALA A 256 -7.33 3.14 -13.98
N ALA A 257 -7.73 4.41 -13.88
CA ALA A 257 -7.05 5.39 -13.02
C ALA A 257 -7.85 5.65 -11.75
N ILE A 258 -7.33 5.12 -10.66
CA ILE A 258 -7.97 5.08 -9.41
C ILE A 258 -7.17 5.88 -8.39
N PRO A 259 -7.84 6.75 -7.63
CA PRO A 259 -7.10 7.54 -6.67
C PRO A 259 -6.78 6.71 -5.42
N ILE A 260 -5.51 6.79 -4.99
CA ILE A 260 -5.05 6.14 -3.76
C ILE A 260 -5.28 7.13 -2.62
N LEU A 261 -6.11 6.75 -1.64
CA LEU A 261 -6.58 7.72 -0.65
C LEU A 261 -6.38 7.37 0.82
N GLY A 262 -5.97 6.14 1.09
CA GLY A 262 -5.76 5.63 2.45
C GLY A 262 -4.40 4.92 2.50
N VAL A 263 -3.60 5.25 3.53
CA VAL A 263 -2.34 4.57 3.81
C VAL A 263 -2.05 4.63 5.32
N ALA A 264 -1.69 3.48 5.89
CA ALA A 264 -1.27 3.36 7.31
C ALA A 264 -0.54 2.01 7.52
N GLY A 265 0.42 1.97 8.43
CA GLY A 265 1.07 0.70 8.82
C GLY A 265 0.04 -0.35 9.17
N ASP A 266 0.27 -1.65 8.87
CA ASP A 266 -0.77 -2.66 9.16
C ASP A 266 -1.29 -2.66 10.60
N GLN A 267 -0.43 -2.48 11.59
CA GLN A 267 -0.96 -2.59 12.96
C GLN A 267 -1.83 -1.37 13.32
N GLN A 268 -1.50 -0.21 12.75
CA GLN A 268 -2.36 0.98 12.89
C GLN A 268 -3.64 0.92 12.05
N ALA A 269 -3.55 0.37 10.84
CA ALA A 269 -4.77 0.07 10.09
C ALA A 269 -5.75 -0.84 10.89
N ALA A 270 -5.29 -1.95 11.47
CA ALA A 270 -6.13 -2.77 12.35
C ALA A 270 -6.74 -1.98 13.51
N THR A 271 -5.96 -1.04 14.06
CA THR A 271 -6.41 -0.20 15.14
C THR A 271 -7.61 0.63 14.68
N ILE A 272 -7.46 1.28 13.55
CA ILE A 272 -8.57 1.98 12.91
C ILE A 272 -9.73 1.03 12.62
N GLY A 273 -9.45 -0.16 12.14
CA GLY A 273 -10.51 -1.04 11.69
C GLY A 273 -11.33 -1.63 12.81
N GLN A 274 -10.75 -1.66 14.01
CA GLN A 274 -11.39 -2.07 15.24
C GLN A 274 -12.04 -0.87 15.98
N ALA A 275 -12.22 0.26 15.29
CA ALA A 275 -12.82 1.47 15.86
C ALA A 275 -12.15 1.98 17.12
N CYS A 276 -10.89 1.65 17.35
CA CYS A 276 -10.21 2.14 18.55
C CYS A 276 -9.78 3.61 18.45
N PHE A 277 -10.78 4.50 18.36
CA PHE A 277 -10.54 5.96 18.18
C PHE A 277 -10.40 6.81 19.46
N LYS A 278 -10.69 6.22 20.62
CA LYS A 278 -10.81 7.07 21.80
C LYS A 278 -9.84 6.62 22.86
N PRO A 279 -9.39 7.55 23.71
CA PRO A 279 -8.28 7.26 24.58
C PRO A 279 -8.58 6.04 25.46
N GLY A 280 -7.59 5.17 25.67
CA GLY A 280 -7.84 3.93 26.42
C GLY A 280 -8.30 2.76 25.60
N MSE A 281 -8.94 2.97 24.45
CA MSE A 281 -9.32 1.81 23.62
C MSE A 281 -8.11 0.95 23.15
O MSE A 281 -7.01 1.49 22.91
CB MSE A 281 -10.24 2.23 22.48
CG MSE A 281 -11.64 2.58 23.00
SE MSE A 281 -12.71 3.14 21.51
CE MSE A 281 -13.51 1.40 21.03
N LEU A 282 -8.29 -0.37 23.07
CA LEU A 282 -7.15 -1.25 22.74
C LEU A 282 -7.48 -2.45 21.88
N LYS A 283 -6.53 -2.81 21.02
CA LYS A 283 -6.70 -3.90 20.08
C LYS A 283 -5.44 -4.75 20.12
N SER A 284 -5.56 -6.01 19.71
CA SER A 284 -4.40 -6.85 19.56
C SER A 284 -4.59 -7.71 18.31
N THR A 285 -3.65 -7.67 17.36
CA THR A 285 -3.72 -8.47 16.09
C THR A 285 -2.83 -9.70 16.14
N TYR A 286 -3.39 -10.86 15.84
CA TYR A 286 -2.65 -12.10 15.91
C TYR A 286 -2.33 -12.63 14.52
N GLY A 287 -1.04 -12.65 14.17
CA GLY A 287 -0.48 -13.17 12.88
C GLY A 287 0.79 -13.99 13.15
N THR A 288 1.83 -13.88 12.31
CA THR A 288 3.12 -14.52 12.64
C THR A 288 3.64 -13.98 13.97
N GLY A 289 3.57 -12.67 14.12
CA GLY A 289 3.78 -11.97 15.40
C GLY A 289 2.45 -11.52 15.99
N CYS A 290 2.50 -10.80 17.12
CA CYS A 290 1.29 -10.24 17.76
C CYS A 290 1.57 -8.79 18.13
N PHE A 291 0.63 -7.88 17.86
CA PHE A 291 0.91 -6.47 18.08
C PHE A 291 -0.32 -5.79 18.66
N ALA A 292 -0.12 -5.21 19.88
CA ALA A 292 -1.20 -4.63 20.72
C ALA A 292 -0.98 -3.15 20.70
N LEU A 293 -2.03 -2.39 20.39
CA LEU A 293 -1.88 -0.94 20.39
C LEU A 293 -2.93 -0.30 21.32
N LEU A 294 -2.53 0.68 22.12
CA LEU A 294 -3.46 1.36 23.02
C LEU A 294 -3.62 2.80 22.60
N ASN A 295 -4.85 3.19 22.26
CA ASN A 295 -5.16 4.58 21.95
C ASN A 295 -5.00 5.48 23.19
N THR A 296 -4.20 6.52 23.03
CA THR A 296 -3.66 7.31 24.08
C THR A 296 -4.00 8.81 23.83
N GLY A 297 -4.80 9.05 22.81
CA GLY A 297 -5.32 10.35 22.49
C GLY A 297 -4.30 11.34 22.00
N LYS A 298 -4.44 12.58 22.47
CA LYS A 298 -3.60 13.67 21.97
C LYS A 298 -2.21 13.55 22.55
N ASP A 299 -2.06 12.66 23.52
CA ASP A 299 -0.85 12.67 24.34
C ASP A 299 0.14 11.53 24.05
N MSE A 300 1.38 11.91 23.92
CA MSE A 300 2.37 10.96 23.62
C MSE A 300 2.86 10.41 24.96
O MSE A 300 3.69 11.03 25.63
CB MSE A 300 3.46 11.72 22.88
CG MSE A 300 4.59 10.94 22.38
SE MSE A 300 5.35 12.32 21.28
CE MSE A 300 7.25 11.90 21.36
N VAL A 301 2.32 9.26 25.36
CA VAL A 301 2.69 8.65 26.63
C VAL A 301 4.06 8.00 26.51
N ARG A 302 4.98 8.37 27.40
CA ARG A 302 6.30 7.77 27.43
C ARG A 302 6.23 6.64 28.37
N SER A 303 6.56 5.45 27.87
CA SER A 303 6.40 4.26 28.68
C SER A 303 7.48 4.19 29.74
N LYS A 304 7.14 3.64 30.90
CA LYS A 304 8.19 3.27 31.89
C LYS A 304 8.24 1.77 32.10
N ASN A 305 7.64 1.05 31.16
CA ASN A 305 7.33 -0.36 31.30
C ASN A 305 7.66 -1.08 30.00
N ARG A 306 8.62 -0.50 29.26
CA ARG A 306 9.27 -1.13 28.12
C ARG A 306 8.39 -1.35 26.89
N LEU A 307 7.45 -0.41 26.68
CA LEU A 307 6.52 -0.39 25.57
C LEU A 307 6.98 0.70 24.57
N LEU A 308 6.49 0.65 23.32
CA LEU A 308 6.81 1.68 22.32
C LEU A 308 5.77 2.74 22.39
N THR A 309 6.20 3.95 22.11
CA THR A 309 5.31 5.07 21.88
C THR A 309 5.24 5.29 20.38
N THR A 310 4.05 5.31 19.84
CA THR A 310 3.99 5.47 18.40
C THR A 310 2.84 6.33 17.95
N ILE A 311 2.78 6.63 16.65
CA ILE A 311 1.66 7.39 16.07
C ILE A 311 0.60 6.36 15.68
N ALA A 312 -0.60 6.52 16.22
CA ALA A 312 -1.70 5.65 15.93
C ALA A 312 -2.24 6.03 14.56
N TYR A 313 -2.24 7.34 14.28
CA TYR A 313 -2.75 7.88 13.05
C TYR A 313 -2.72 9.37 13.06
N ARG A 314 -2.71 9.96 11.87
CA ARG A 314 -2.68 11.42 11.71
C ARG A 314 -3.74 11.70 10.66
N LEU A 315 -4.63 12.62 11.03
CA LEU A 315 -5.93 12.81 10.39
C LEU A 315 -6.18 14.31 10.29
N ASP A 316 -6.18 14.80 9.06
CA ASP A 316 -6.31 16.23 8.77
C ASP A 316 -5.41 17.09 9.64
N GLY A 317 -4.13 16.75 9.72
CA GLY A 317 -3.16 17.53 10.49
C GLY A 317 -3.07 17.15 11.95
N GLU A 318 -3.94 16.26 12.42
CA GLU A 318 -3.94 15.91 13.83
C GLU A 318 -3.42 14.49 14.15
N THR A 319 -2.42 14.44 15.03
CA THR A 319 -1.81 13.21 15.42
C THR A 319 -2.44 12.66 16.69
N THR A 320 -2.95 11.42 16.58
CA THR A 320 -3.36 10.59 17.71
C THR A 320 -2.31 9.51 18.01
N TYR A 321 -1.92 9.40 19.28
CA TYR A 321 -0.80 8.59 19.64
C TYR A 321 -1.19 7.31 20.23
N ALA A 322 -0.20 6.48 20.47
CA ALA A 322 -0.50 5.16 21.01
C ALA A 322 0.66 4.55 21.70
N LEU A 323 0.35 3.58 22.54
CA LEU A 323 1.33 2.70 23.16
C LEU A 323 1.23 1.29 22.50
N GLU A 324 2.37 0.72 22.13
CA GLU A 324 2.36 -0.59 21.45
C GLU A 324 3.24 -1.56 22.11
N GLY A 325 2.73 -2.77 22.26
CA GLY A 325 3.56 -3.93 22.57
C GLY A 325 3.69 -4.78 21.28
N SER A 326 4.91 -5.24 21.01
CA SER A 326 5.27 -5.91 19.78
C SER A 326 5.83 -7.28 20.12
N ILE A 327 5.11 -8.36 19.79
CA ILE A 327 5.53 -9.74 20.05
C ILE A 327 5.97 -10.35 18.71
N PHE A 328 7.25 -10.79 18.63
CA PHE A 328 7.88 -11.15 17.38
C PHE A 328 7.35 -12.51 16.88
N VAL A 329 7.18 -13.43 17.81
CA VAL A 329 6.74 -14.77 17.46
C VAL A 329 5.48 -15.10 18.22
N ALA A 330 4.40 -15.28 17.44
CA ALA A 330 3.09 -15.65 17.95
C ALA A 330 2.62 -16.81 17.10
N GLY A 331 1.97 -16.53 15.97
CA GLY A 331 1.58 -17.63 15.06
C GLY A 331 2.77 -18.39 14.52
N ALA A 332 3.91 -17.69 14.41
CA ALA A 332 5.12 -18.33 13.84
C ALA A 332 5.52 -19.53 14.69
N ALA A 333 5.06 -19.56 15.95
CA ALA A 333 5.34 -20.71 16.80
C ALA A 333 4.57 -21.95 16.39
N VAL A 334 3.30 -21.80 16.05
CA VAL A 334 2.56 -22.98 15.66
C VAL A 334 3.04 -23.39 14.26
N GLN A 335 3.46 -22.39 13.49
CA GLN A 335 4.06 -22.64 12.19
C GLN A 335 5.36 -23.44 12.33
N TRP A 336 6.11 -23.19 13.38
CA TRP A 336 7.27 -24.01 13.66
C TRP A 336 6.82 -25.43 13.97
N LEU A 337 5.81 -25.57 14.83
CA LEU A 337 5.33 -26.90 15.19
C LEU A 337 4.93 -27.65 13.94
N ARG A 338 4.20 -26.99 13.04
CA ARG A 338 3.61 -27.68 11.91
C ARG A 338 4.56 -27.91 10.74
N ASP A 339 5.51 -27.01 10.51
CA ASP A 339 6.43 -27.14 9.35
C ASP A 339 7.88 -27.47 9.76
N GLY A 340 8.25 -27.16 10.99
CA GLY A 340 9.63 -27.37 11.40
C GLY A 340 9.74 -28.70 12.08
N LEU A 341 9.20 -28.77 13.29
CA LEU A 341 9.24 -29.98 14.09
C LEU A 341 8.32 -30.96 13.41
N LYS A 342 7.28 -30.44 12.77
CA LYS A 342 6.24 -31.25 12.16
C LYS A 342 5.57 -32.20 13.18
N VAL A 343 5.65 -31.81 14.46
CA VAL A 343 5.03 -32.53 15.59
C VAL A 343 3.52 -32.60 15.42
N ILE A 344 3.00 -31.79 14.50
CA ILE A 344 1.56 -31.71 14.20
C ILE A 344 1.31 -31.74 12.68
N THR A 350 -5.47 -26.07 15.45
CA THR A 350 -4.48 -26.46 16.47
C THR A 350 -5.09 -26.38 17.89
N GLY A 351 -6.14 -25.59 18.02
CA GLY A 351 -6.91 -25.55 19.26
C GLY A 351 -7.64 -26.87 19.48
N SER A 352 -8.03 -27.55 18.40
CA SER A 352 -8.54 -28.91 18.51
C SER A 352 -7.50 -29.72 19.25
N LEU A 353 -6.28 -29.79 18.70
CA LEU A 353 -5.23 -30.60 19.30
C LEU A 353 -4.97 -30.14 20.72
N ALA A 354 -5.07 -28.83 20.94
CA ALA A 354 -4.65 -28.25 22.22
C ALA A 354 -5.61 -28.56 23.35
N GLU A 355 -6.90 -28.60 23.04
CA GLU A 355 -7.91 -28.98 24.03
C GLU A 355 -7.72 -30.43 24.54
N SER A 356 -6.95 -31.23 23.81
CA SER A 356 -6.71 -32.63 24.14
C SER A 356 -5.51 -32.82 25.07
N ALA A 357 -4.85 -31.72 25.45
CA ALA A 357 -3.62 -31.84 26.25
C ALA A 357 -3.91 -32.34 27.66
N ASP A 358 -2.97 -33.04 28.29
CA ASP A 358 -3.18 -33.51 29.67
C ASP A 358 -3.08 -32.34 30.65
N PRO A 359 -4.10 -32.12 31.49
CA PRO A 359 -3.98 -31.00 32.41
C PRO A 359 -2.93 -31.27 33.44
N SER A 360 -2.67 -32.56 33.74
CA SER A 360 -1.71 -32.90 34.79
C SER A 360 -0.33 -32.30 34.48
N GLN A 361 -0.03 -32.16 33.18
CA GLN A 361 1.29 -31.77 32.71
C GLN A 361 1.45 -30.25 32.47
N GLU A 362 2.65 -29.76 32.75
CA GLU A 362 2.82 -28.33 32.82
C GLU A 362 3.87 -27.90 31.81
N VAL A 363 3.51 -27.72 30.54
CA VAL A 363 4.54 -27.46 29.53
C VAL A 363 4.45 -26.02 29.06
N TYR A 364 5.58 -25.33 29.02
CA TYR A 364 5.63 -23.92 28.57
C TYR A 364 6.62 -23.75 27.46
N LEU A 365 6.24 -22.98 26.45
CA LEU A 365 7.10 -22.66 25.33
C LEU A 365 7.29 -21.15 25.36
N VAL A 366 8.54 -20.72 25.31
CA VAL A 366 8.82 -19.28 25.20
C VAL A 366 9.47 -19.09 23.81
N PRO A 367 8.67 -18.69 22.81
CA PRO A 367 9.24 -18.77 21.45
C PRO A 367 10.23 -17.65 21.14
N ALA A 368 11.30 -17.51 21.92
CA ALA A 368 12.31 -16.44 21.71
C ALA A 368 13.27 -16.74 20.56
N PHE A 369 12.74 -17.25 19.41
CA PHE A 369 13.55 -17.82 18.31
C PHE A 369 14.79 -17.01 18.01
N THR A 370 14.61 -15.71 17.79
CA THR A 370 15.76 -14.84 17.62
C THR A 370 15.73 -13.63 18.58
N GLY A 371 15.34 -13.83 19.84
CA GLY A 371 15.34 -12.73 20.83
C GLY A 371 13.89 -12.47 21.25
N LEU A 372 13.67 -11.47 22.07
CA LEU A 372 12.33 -11.25 22.57
C LEU A 372 12.06 -9.83 22.42
N GLY A 373 10.82 -9.52 22.03
CA GLY A 373 10.40 -8.11 21.88
C GLY A 373 9.87 -7.61 23.22
N ALA A 374 8.80 -6.80 23.16
CA ALA A 374 8.21 -6.21 24.35
C ALA A 374 7.56 -7.23 25.21
N PRO A 375 7.68 -7.09 26.57
CA PRO A 375 8.38 -5.94 27.13
C PRO A 375 9.82 -6.23 27.49
N HIS A 376 10.39 -7.26 26.88
CA HIS A 376 11.71 -7.68 27.23
C HIS A 376 12.82 -7.02 26.46
N TRP A 377 12.69 -6.89 25.14
CA TRP A 377 13.76 -6.31 24.34
C TRP A 377 15.10 -7.00 24.66
N ASP A 378 15.07 -8.31 24.78
CA ASP A 378 16.30 -9.07 24.98
C ASP A 378 16.61 -9.81 23.70
N PRO A 379 17.54 -9.27 22.91
CA PRO A 379 17.92 -9.76 21.59
C PRO A 379 18.76 -11.03 21.70
N ASP A 380 19.23 -11.36 22.92
CA ASP A 380 20.04 -12.59 23.12
C ASP A 380 19.21 -13.76 23.61
N ALA A 381 17.94 -13.54 23.92
CA ALA A 381 17.13 -14.68 24.41
C ALA A 381 16.85 -15.66 23.25
N ARG A 382 16.83 -16.95 23.53
CA ARG A 382 16.53 -17.98 22.54
C ARG A 382 15.33 -18.89 22.93
N GLY A 383 14.82 -19.65 21.97
CA GLY A 383 13.71 -20.60 22.20
C GLY A 383 13.96 -21.52 23.39
N ALA A 384 12.92 -21.81 24.17
CA ALA A 384 13.01 -22.75 25.32
C ALA A 384 11.66 -23.41 25.59
N ILE A 385 11.67 -24.70 25.94
CA ILE A 385 10.46 -25.44 26.35
C ILE A 385 10.65 -25.96 27.76
N PHE A 386 9.61 -25.89 28.59
CA PHE A 386 9.78 -26.30 29.96
C PHE A 386 8.72 -27.25 30.42
N GLY A 387 9.07 -27.98 31.48
CA GLY A 387 8.12 -28.79 32.20
C GLY A 387 7.81 -30.08 31.48
N MSE A 388 8.65 -30.48 30.54
CA MSE A 388 8.35 -31.72 29.89
C MSE A 388 8.45 -32.93 30.79
O MSE A 388 9.24 -32.99 31.76
CB MSE A 388 9.23 -31.96 28.70
CG MSE A 388 8.71 -31.33 27.50
SE MSE A 388 10.29 -30.77 26.58
CE MSE A 388 11.70 -31.21 27.85
N THR A 389 7.67 -33.90 30.39
CA THR A 389 7.52 -35.10 31.14
C THR A 389 7.73 -36.23 30.16
N ARG A 390 8.01 -37.42 30.68
CA ARG A 390 8.20 -38.60 29.84
C ARG A 390 7.03 -38.83 28.87
N ASN A 391 5.83 -38.38 29.23
CA ASN A 391 4.65 -38.58 28.36
C ASN A 391 4.22 -37.46 27.43
N THR A 392 4.71 -36.23 27.66
CA THR A 392 4.31 -35.05 26.86
C THR A 392 4.44 -35.26 25.37
N GLY A 393 3.39 -34.89 24.64
CA GLY A 393 3.33 -35.15 23.23
C GLY A 393 2.99 -33.92 22.42
N PRO A 394 2.46 -34.13 21.21
CA PRO A 394 2.10 -33.05 20.33
C PRO A 394 1.07 -32.11 20.94
N ALA A 395 0.08 -32.71 21.62
CA ALA A 395 -1.06 -31.97 22.15
C ALA A 395 -0.59 -30.85 23.07
N GLU A 396 0.34 -31.19 23.98
CA GLU A 396 0.89 -30.25 24.95
C GLU A 396 1.83 -29.20 24.32
N PHE A 397 2.53 -29.55 23.24
CA PHE A 397 3.34 -28.55 22.53
C PHE A 397 2.42 -27.57 21.87
N ALA A 398 1.35 -28.09 21.29
CA ALA A 398 0.38 -27.27 20.64
C ALA A 398 -0.29 -26.28 21.63
N ARG A 399 -0.73 -26.77 22.79
CA ARG A 399 -1.17 -25.91 23.91
C ARG A 399 -0.08 -24.90 24.35
N ALA A 400 1.12 -25.36 24.60
CA ALA A 400 2.18 -24.42 24.98
C ALA A 400 2.29 -23.23 23.97
N ALA A 401 2.11 -23.54 22.68
CA ALA A 401 2.22 -22.54 21.62
C ALA A 401 1.15 -21.48 21.67
N LEU A 402 -0.09 -21.93 21.87
CA LEU A 402 -1.23 -21.03 21.90
C LEU A 402 -1.29 -20.30 23.19
N GLU A 403 -0.84 -20.94 24.27
CA GLU A 403 -0.77 -20.27 25.56
C GLU A 403 0.32 -19.23 25.60
N ALA A 404 1.44 -19.49 24.93
CA ALA A 404 2.49 -18.45 24.83
C ALA A 404 1.92 -17.18 24.16
N VAL A 405 1.03 -17.34 23.17
CA VAL A 405 0.34 -16.17 22.62
C VAL A 405 -0.40 -15.42 23.77
N CYS A 406 -1.21 -16.15 24.55
CA CYS A 406 -1.93 -15.59 25.70
C CYS A 406 -1.08 -14.88 26.72
N TYR A 407 -0.08 -15.59 27.24
CA TYR A 407 0.76 -15.05 28.31
C TYR A 407 1.50 -13.78 27.83
N GLN A 408 1.90 -13.73 26.57
CA GLN A 408 2.63 -12.54 26.12
C GLN A 408 1.71 -11.38 25.91
N THR A 409 0.47 -11.68 25.55
CA THR A 409 -0.53 -10.64 25.43
C THR A 409 -0.74 -10.10 26.82
N ARG A 410 -1.07 -10.99 27.76
CA ARG A 410 -1.17 -10.62 29.19
C ARG A 410 -0.08 -9.61 29.65
N ASP A 411 1.20 -9.99 29.56
CA ASP A 411 2.33 -9.14 29.91
C ASP A 411 2.34 -7.81 29.15
N LEU A 412 1.83 -7.80 27.90
CA LEU A 412 1.68 -6.51 27.24
C LEU A 412 0.67 -5.65 27.99
N LEU A 413 -0.51 -6.22 28.27
CA LEU A 413 -1.59 -5.50 28.91
C LEU A 413 -1.26 -5.07 30.32
N GLU A 414 -0.56 -5.90 31.07
CA GLU A 414 -0.17 -5.48 32.40
C GLU A 414 0.78 -4.31 32.28
N ALA A 415 1.62 -4.28 31.26
CA ALA A 415 2.50 -3.14 31.10
C ALA A 415 1.72 -1.90 30.70
N MSE A 416 0.63 -2.09 29.96
CA MSE A 416 -0.17 -0.94 29.51
C MSE A 416 -0.88 -0.30 30.72
O MSE A 416 -0.94 0.95 30.84
CB MSE A 416 -1.18 -1.33 28.44
CG MSE A 416 -0.56 -1.37 27.04
SE MSE A 416 -1.60 -2.48 25.79
CE MSE A 416 -3.39 -1.88 26.11
N HIS A 417 -1.41 -1.16 31.59
CA HIS A 417 -2.08 -0.76 32.83
C HIS A 417 -1.19 0.16 33.66
N LYS A 418 0.09 -0.20 33.83
CA LYS A 418 1.06 0.58 34.57
C LYS A 418 1.41 1.91 33.90
N ASP A 419 1.19 1.99 32.58
CA ASP A 419 1.47 3.20 31.82
C ASP A 419 0.24 4.07 31.66
N TRP A 420 -0.94 3.46 31.73
CA TRP A 420 -2.16 4.19 31.43
C TRP A 420 -3.39 3.90 32.31
N ARG A 421 -4.07 4.98 32.74
CA ARG A 421 -5.46 4.95 33.27
C ARG A 421 -6.19 6.27 33.03
N THR A 427 -12.78 0.11 26.60
CA THR A 427 -11.93 -0.51 27.61
C THR A 427 -12.22 -2.03 27.74
N VAL A 428 -12.47 -2.69 26.61
CA VAL A 428 -12.42 -4.15 26.50
C VAL A 428 -11.65 -4.53 25.22
N LEU A 429 -10.69 -5.44 25.40
CA LEU A 429 -9.74 -5.82 24.38
C LEU A 429 -10.38 -6.26 23.07
N ARG A 430 -10.14 -5.52 22.00
CA ARG A 430 -10.57 -6.03 20.68
C ARG A 430 -9.51 -6.88 19.98
N VAL A 431 -9.93 -7.89 19.26
CA VAL A 431 -9.00 -8.88 18.79
C VAL A 431 -9.22 -9.24 17.30
N ASP A 432 -8.15 -9.40 16.54
CA ASP A 432 -8.31 -9.73 15.10
C ASP A 432 -7.08 -10.47 14.60
N GLY A 433 -7.06 -10.82 13.33
CA GLY A 433 -6.10 -11.79 12.80
C GLY A 433 -6.74 -13.16 12.69
N GLY A 434 -6.34 -13.94 11.69
CA GLY A 434 -6.91 -15.28 11.43
C GLY A 434 -6.91 -16.25 12.59
N MSE A 435 -5.96 -16.06 13.51
CA MSE A 435 -5.75 -16.90 14.70
C MSE A 435 -6.94 -16.92 15.67
O MSE A 435 -7.06 -17.85 16.48
CB MSE A 435 -4.53 -16.35 15.45
CG MSE A 435 -4.03 -17.09 16.71
SE MSE A 435 -2.04 -16.97 16.73
CE MSE A 435 -1.75 -16.90 14.77
N VAL A 436 -7.78 -15.90 15.62
CA VAL A 436 -8.82 -15.67 16.64
C VAL A 436 -10.19 -16.26 16.29
N ALA A 437 -10.29 -16.85 15.11
CA ALA A 437 -11.54 -17.51 14.69
C ALA A 437 -11.67 -18.72 15.59
N SER A 438 -10.55 -19.04 16.24
CA SER A 438 -10.45 -20.17 17.16
C SER A 438 -11.07 -19.82 18.52
N ASP A 439 -12.23 -20.43 18.76
CA ASP A 439 -13.00 -20.25 19.97
C ASP A 439 -12.23 -20.75 21.19
N TRP A 440 -11.59 -21.92 21.06
CA TRP A 440 -10.78 -22.44 22.19
C TRP A 440 -9.66 -21.46 22.59
N THR A 441 -9.04 -20.84 21.60
CA THR A 441 -7.87 -19.97 21.82
C THR A 441 -8.32 -18.68 22.48
N MSE A 442 -9.41 -18.12 21.99
CA MSE A 442 -9.93 -16.85 22.57
C MSE A 442 -10.53 -17.03 23.96
O MSE A 442 -10.42 -16.15 24.78
CB MSE A 442 -10.94 -16.16 21.65
CG MSE A 442 -10.35 -15.66 20.33
SE MSE A 442 -8.89 -14.41 20.63
CE MSE A 442 -7.31 -15.55 20.59
N GLN A 443 -11.17 -18.18 24.20
CA GLN A 443 -11.64 -18.53 25.54
C GLN A 443 -10.43 -18.67 26.49
N ARG A 444 -9.45 -19.50 26.11
CA ARG A 444 -8.18 -19.57 26.82
C ARG A 444 -7.52 -18.21 27.03
N LEU A 445 -7.63 -17.31 26.04
CA LEU A 445 -7.18 -15.92 26.21
C LEU A 445 -7.94 -15.11 27.27
N SER A 446 -9.27 -15.21 27.26
CA SER A 446 -10.05 -14.47 28.28
C SER A 446 -9.64 -14.98 29.65
N ASP A 447 -9.51 -16.30 29.75
CA ASP A 447 -9.21 -16.92 31.04
C ASP A 447 -7.93 -16.40 31.63
N LEU A 448 -6.83 -16.59 30.89
CA LEU A 448 -5.53 -16.12 31.38
C LEU A 448 -5.54 -14.63 31.66
N LEU A 449 -6.14 -13.84 30.79
CA LEU A 449 -6.28 -12.37 31.08
C LEU A 449 -7.17 -12.04 32.29
N ASP A 450 -8.01 -12.99 32.69
CA ASP A 450 -9.09 -12.70 33.65
C ASP A 450 -9.78 -11.38 33.25
N ALA A 451 -10.13 -11.28 31.96
CA ALA A 451 -10.71 -10.09 31.36
C ALA A 451 -11.51 -10.53 30.13
N PRO A 452 -12.51 -9.71 29.74
CA PRO A 452 -13.30 -10.06 28.57
C PRO A 452 -12.55 -9.70 27.28
N VAL A 453 -12.89 -10.44 26.23
CA VAL A 453 -12.25 -10.31 24.92
C VAL A 453 -13.29 -10.10 23.81
N ASP A 454 -13.21 -8.98 23.10
CA ASP A 454 -14.10 -8.73 21.94
C ASP A 454 -13.53 -9.12 20.54
N ARG A 455 -14.20 -10.08 19.91
CA ARG A 455 -13.90 -10.54 18.55
C ARG A 455 -14.93 -10.00 17.55
N PRO A 456 -14.46 -9.30 16.50
CA PRO A 456 -15.38 -8.63 15.57
C PRO A 456 -15.95 -9.59 14.58
N VAL A 457 -16.96 -9.14 13.83
CA VAL A 457 -17.55 -9.90 12.71
C VAL A 457 -16.56 -10.02 11.55
N ILE A 458 -16.00 -8.90 11.11
CA ILE A 458 -14.91 -8.94 10.12
C ILE A 458 -13.56 -8.96 10.89
N LEU A 459 -12.80 -10.02 10.66
CA LEU A 459 -11.51 -10.18 11.31
C LEU A 459 -10.44 -9.48 10.50
N GLU A 460 -10.71 -9.21 9.23
CA GLU A 460 -9.70 -8.56 8.38
C GLU A 460 -9.70 -7.06 8.69
N THR A 461 -9.36 -6.75 9.92
CA THR A 461 -9.59 -5.45 10.40
C THR A 461 -8.58 -4.49 9.85
N THR A 462 -7.41 -5.02 9.45
CA THR A 462 -6.37 -4.16 8.94
C THR A 462 -6.73 -3.65 7.52
N ALA A 463 -7.34 -4.53 6.72
CA ALA A 463 -7.82 -4.16 5.39
C ALA A 463 -8.95 -3.15 5.47
N LEU A 464 -9.93 -3.39 6.35
CA LEU A 464 -11.07 -2.50 6.50
C LEU A 464 -10.67 -1.12 7.02
N GLY A 465 -9.72 -1.07 7.93
CA GLY A 465 -9.28 0.19 8.49
C GLY A 465 -8.74 1.10 7.38
N VAL A 466 -7.87 0.56 6.55
CA VAL A 466 -7.37 1.34 5.44
C VAL A 466 -8.41 1.52 4.33
N ALA A 467 -9.35 0.57 4.20
CA ALA A 467 -10.47 0.74 3.27
C ALA A 467 -11.38 1.88 3.73
N TRP A 468 -11.69 1.92 5.03
CA TRP A 468 -12.36 3.07 5.63
C TRP A 468 -11.67 4.41 5.36
N LEU A 469 -10.35 4.50 5.55
CA LEU A 469 -9.66 5.79 5.36
C LEU A 469 -9.81 6.31 3.95
N ALA A 470 -9.77 5.38 2.98
CA ALA A 470 -9.92 5.69 1.57
C ALA A 470 -11.37 5.98 1.27
N GLY A 471 -12.24 5.10 1.75
CA GLY A 471 -13.69 5.26 1.59
C GLY A 471 -14.18 6.63 2.07
N SER A 472 -13.74 7.01 3.27
CA SER A 472 -14.21 8.24 3.88
C SER A 472 -13.71 9.46 3.14
N ARG A 473 -12.46 9.43 2.72
CA ARG A 473 -11.95 10.55 1.93
C ARG A 473 -12.62 10.67 0.55
N ALA A 474 -12.86 9.55 -0.12
CA ALA A 474 -13.57 9.47 -1.40
C ALA A 474 -15.04 9.92 -1.25
N GLY A 475 -15.60 9.77 -0.04
CA GLY A 475 -16.98 10.16 0.21
C GLY A 475 -18.06 9.17 -0.19
N VAL A 476 -17.69 7.92 -0.36
CA VAL A 476 -18.65 6.90 -0.65
C VAL A 476 -18.92 6.10 0.63
N TRP A 477 -18.21 6.46 1.70
CA TRP A 477 -18.29 5.75 3.00
C TRP A 477 -18.43 6.73 4.14
N PRO A 478 -18.94 6.26 5.27
CA PRO A 478 -19.26 7.17 6.35
C PRO A 478 -18.07 7.63 7.16
N ASN A 479 -18.28 8.73 7.86
CA ASN A 479 -17.29 9.43 8.65
C ASN A 479 -16.88 8.61 9.89
N GLN A 480 -15.92 9.14 10.64
CA GLN A 480 -15.30 8.42 11.74
C GLN A 480 -16.32 7.87 12.75
N GLU A 481 -17.15 8.74 13.33
CA GLU A 481 -18.10 8.33 14.37
C GLU A 481 -19.13 7.32 13.86
N ALA A 482 -19.66 7.54 12.66
CA ALA A 482 -20.52 6.55 12.05
C ALA A 482 -19.83 5.18 11.93
N PHE A 483 -18.67 5.14 11.29
CA PHE A 483 -17.88 3.91 11.14
C PHE A 483 -17.63 3.22 12.50
N ALA A 484 -17.31 4.01 13.51
CA ALA A 484 -17.09 3.58 14.91
C ALA A 484 -18.28 2.91 15.62
N LYS A 485 -19.45 3.54 15.51
CA LYS A 485 -20.68 2.94 16.07
C LYS A 485 -21.14 1.76 15.21
N SER A 486 -20.61 1.68 14.00
CA SER A 486 -20.99 0.56 13.14
C SER A 486 -20.23 -0.74 13.49
N TRP A 487 -19.21 -0.59 14.34
CA TRP A 487 -18.37 -1.73 14.70
C TRP A 487 -19.26 -2.83 15.24
N ALA A 488 -19.07 -4.01 14.66
CA ALA A 488 -19.93 -5.16 14.86
C ALA A 488 -19.22 -6.30 15.61
N ARG A 489 -19.71 -6.63 16.80
CA ARG A 489 -19.13 -7.69 17.61
C ARG A 489 -19.66 -9.05 17.21
N ASP A 490 -18.79 -10.01 16.94
CA ASP A 490 -19.25 -11.39 16.77
C ASP A 490 -19.47 -12.03 18.14
N ARG A 491 -18.61 -11.72 19.10
CA ARG A 491 -18.49 -12.54 20.33
C ARG A 491 -17.67 -11.89 21.40
N ARG A 492 -18.29 -11.68 22.57
CA ARG A 492 -17.54 -11.37 23.78
C ARG A 492 -17.24 -12.64 24.56
N PHE A 493 -15.95 -12.93 24.75
CA PHE A 493 -15.53 -14.00 25.62
C PHE A 493 -15.42 -13.47 27.06
N GLU A 494 -15.75 -14.34 28.02
CA GLU A 494 -15.70 -13.95 29.42
C GLU A 494 -14.88 -14.99 30.16
N PRO A 495 -14.19 -14.56 31.22
CA PRO A 495 -13.28 -15.44 31.95
C PRO A 495 -14.10 -16.49 32.71
N HIS A 496 -13.81 -17.75 32.48
CA HIS A 496 -14.51 -18.84 33.11
C HIS A 496 -13.48 -19.92 33.43
N MSE A 497 -12.41 -19.53 34.14
CA MSE A 497 -11.40 -20.49 34.55
C MSE A 497 -11.30 -20.35 36.05
O MSE A 497 -11.33 -19.25 36.58
CB MSE A 497 -10.06 -20.21 33.88
CG MSE A 497 -8.86 -20.96 34.46
SE MSE A 497 -7.15 -20.44 33.62
CE MSE A 497 -7.32 -21.42 31.93
N ASP A 498 -11.17 -21.48 36.75
CA ASP A 498 -10.96 -21.45 38.19
C ASP A 498 -9.72 -20.61 38.55
N GLU A 499 -9.89 -19.75 39.55
CA GLU A 499 -8.79 -18.89 39.96
C GLU A 499 -7.54 -19.69 40.39
N ALA A 500 -7.71 -20.76 41.14
CA ALA A 500 -6.58 -21.58 41.54
C ALA A 500 -5.74 -22.06 40.34
N THR A 501 -6.40 -22.78 39.43
CA THR A 501 -5.85 -23.10 38.12
C THR A 501 -5.11 -21.89 37.51
N ARG A 502 -5.78 -20.75 37.40
CA ARG A 502 -5.15 -19.55 36.88
C ARG A 502 -3.83 -19.24 37.57
N LYS A 503 -3.83 -19.20 38.91
CA LYS A 503 -2.60 -18.89 39.62
C LYS A 503 -1.49 -19.81 39.12
N VAL A 504 -1.79 -21.10 39.03
CA VAL A 504 -0.79 -22.12 38.69
C VAL A 504 -0.16 -21.88 37.30
N LYS A 505 -1.03 -21.58 36.34
CA LYS A 505 -0.63 -21.31 34.97
C LYS A 505 0.24 -20.04 34.87
N LEU A 506 -0.23 -18.95 35.46
CA LEU A 506 0.52 -17.69 35.51
C LEU A 506 1.88 -17.77 36.17
N LYS A 507 1.97 -18.56 37.24
CA LYS A 507 3.25 -18.74 37.97
C LYS A 507 4.25 -19.55 37.14
N GLY A 508 3.77 -20.61 36.49
CA GLY A 508 4.60 -21.43 35.58
C GLY A 508 5.17 -20.64 34.38
N TRP A 509 4.38 -19.71 33.85
CA TRP A 509 4.90 -18.88 32.80
C TRP A 509 5.95 -17.88 33.29
N ARG A 510 5.75 -17.29 34.46
CA ARG A 510 6.74 -16.33 34.97
C ARG A 510 8.03 -17.04 35.22
N SER A 511 7.94 -18.25 35.68
CA SER A 511 9.15 -19.02 35.85
C SER A 511 9.82 -19.46 34.50
N ALA A 512 9.03 -19.82 33.49
CA ALA A 512 9.57 -20.00 32.12
C ALA A 512 10.29 -18.72 31.61
N VAL A 513 9.63 -17.59 31.70
CA VAL A 513 10.26 -16.35 31.34
C VAL A 513 11.62 -16.10 32.03
N LYS A 514 11.66 -16.20 33.37
CA LYS A 514 12.90 -15.92 34.10
C LYS A 514 14.01 -16.82 33.61
N ARG A 515 13.70 -18.10 33.45
CA ARG A 515 14.67 -19.08 33.00
C ARG A 515 15.22 -18.79 31.61
N THR A 516 14.41 -18.08 30.80
CA THR A 516 14.78 -17.75 29.42
C THR A 516 15.60 -16.44 29.37
N LEU A 517 15.27 -15.50 30.25
CA LEU A 517 15.91 -14.19 30.27
C LEU A 517 17.26 -14.17 30.96
N ILE A 518 17.44 -15.05 31.96
CA ILE A 518 18.66 -15.05 32.80
C ILE A 518 19.94 -15.32 31.98
N ALA A 519 21.04 -14.70 32.38
CA ALA A 519 22.36 -15.01 31.83
C ALA A 519 22.80 -16.40 32.26
N GLY B 26 1.13 -4.64 -66.08
CA GLY B 26 1.50 -3.20 -65.95
C GLY B 26 0.75 -2.39 -64.89
N TYR B 27 -0.27 -1.66 -65.34
CA TYR B 27 -1.00 -0.76 -64.52
C TYR B 27 -1.98 -1.50 -63.60
N ILE B 28 -2.10 -0.99 -62.39
CA ILE B 28 -2.94 -1.53 -61.36
C ILE B 28 -3.71 -0.39 -60.75
N LEU B 29 -5.02 -0.60 -60.58
CA LEU B 29 -5.88 0.37 -59.93
C LEU B 29 -6.14 0.03 -58.43
N ALA B 30 -5.78 0.96 -57.56
CA ALA B 30 -6.07 0.84 -56.13
C ALA B 30 -7.20 1.75 -55.78
N ILE B 31 -8.34 1.19 -55.34
CA ILE B 31 -9.39 2.03 -54.72
C ILE B 31 -9.20 2.07 -53.18
N ASP B 32 -9.12 3.29 -52.63
CA ASP B 32 -8.93 3.48 -51.19
C ASP B 32 -10.03 4.35 -50.71
N GLN B 33 -11.08 3.66 -50.24
CA GLN B 33 -12.30 4.27 -49.79
C GLN B 33 -12.17 4.49 -48.30
N GLY B 34 -11.75 5.71 -47.93
CA GLY B 34 -11.48 6.06 -46.55
C GLY B 34 -12.62 6.64 -45.75
N THR B 35 -12.27 7.16 -44.58
CA THR B 35 -13.23 7.62 -43.59
C THR B 35 -13.86 8.89 -44.07
N THR B 36 -13.03 9.78 -44.60
CA THR B 36 -13.50 11.10 -44.99
C THR B 36 -13.40 11.39 -46.47
N SER B 37 -12.66 10.56 -47.20
CA SER B 37 -12.68 10.69 -48.64
C SER B 37 -12.28 9.42 -49.38
N THR B 38 -12.56 9.40 -50.66
CA THR B 38 -12.17 8.30 -51.46
C THR B 38 -11.05 8.66 -52.41
N ARG B 39 -9.96 7.92 -52.33
CA ARG B 39 -8.88 8.03 -53.29
C ARG B 39 -8.83 6.83 -54.25
N ALA B 40 -8.43 7.11 -55.51
CA ALA B 40 -8.08 6.11 -56.53
C ALA B 40 -6.70 6.43 -57.12
N ILE B 41 -5.77 5.48 -57.07
CA ILE B 41 -4.42 5.66 -57.60
C ILE B 41 -4.16 4.59 -58.63
N VAL B 42 -3.70 4.97 -59.82
CA VAL B 42 -3.22 4.01 -60.80
C VAL B 42 -1.74 3.95 -60.65
N PHE B 43 -1.19 2.74 -60.54
CA PHE B 43 0.23 2.48 -60.40
C PHE B 43 0.72 1.85 -61.67
N ASP B 44 1.89 2.28 -62.14
CA ASP B 44 2.39 1.73 -63.41
C ASP B 44 3.14 0.44 -63.18
N GLY B 45 3.61 -0.18 -64.26
CA GLY B 45 4.42 -1.41 -64.15
C GLY B 45 5.65 -1.33 -63.26
N ASN B 46 6.12 -0.13 -62.93
CA ASN B 46 7.32 0.07 -62.06
C ASN B 46 7.02 0.40 -60.56
N GLN B 47 5.74 0.34 -60.19
CA GLN B 47 5.22 0.55 -58.83
C GLN B 47 5.17 2.01 -58.42
N LYS B 48 5.04 2.88 -59.42
CA LYS B 48 4.99 4.32 -59.19
C LYS B 48 3.64 4.89 -59.52
N ILE B 49 3.27 5.95 -58.80
CA ILE B 49 1.96 6.58 -58.97
C ILE B 49 1.92 7.24 -60.33
N ALA B 50 0.95 6.85 -61.15
CA ALA B 50 0.79 7.44 -62.47
C ALA B 50 -0.34 8.45 -62.54
N GLY B 51 -1.33 8.30 -61.67
CA GLY B 51 -2.48 9.19 -61.73
C GLY B 51 -3.39 9.01 -60.55
N VAL B 52 -3.82 10.13 -59.97
CA VAL B 52 -4.58 10.11 -58.73
C VAL B 52 -5.92 10.81 -58.87
N GLY B 53 -6.93 10.22 -58.25
CA GLY B 53 -8.25 10.85 -58.05
C GLY B 53 -8.68 10.85 -56.59
N GLN B 54 -9.20 11.97 -56.12
CA GLN B 54 -9.57 12.10 -54.71
C GLN B 54 -10.83 12.91 -54.58
N LYS B 55 -11.67 12.56 -53.63
CA LYS B 55 -12.98 13.15 -53.50
C LYS B 55 -13.54 12.90 -52.09
N GLU B 56 -13.75 14.02 -51.38
CA GLU B 56 -14.45 14.05 -50.11
C GLU B 56 -15.89 13.72 -50.32
N PHE B 57 -16.49 13.15 -49.29
CA PHE B 57 -17.91 12.88 -49.26
C PHE B 57 -18.42 13.33 -47.90
N LYS B 58 -19.74 13.44 -47.72
CA LYS B 58 -20.34 13.98 -46.47
C LYS B 58 -20.26 13.06 -45.22
N GLN B 59 -19.94 13.65 -44.07
CA GLN B 59 -19.98 12.98 -42.78
C GLN B 59 -21.25 13.38 -42.05
N HIS B 60 -22.17 12.43 -41.89
CA HIS B 60 -23.41 12.75 -41.18
C HIS B 60 -23.32 12.40 -39.71
N PHE B 61 -23.89 13.29 -38.90
CA PHE B 61 -23.83 13.17 -37.46
C PHE B 61 -25.24 13.33 -36.99
N PRO B 62 -26.00 12.24 -36.96
CA PRO B 62 -27.39 12.47 -36.58
C PRO B 62 -27.57 12.78 -35.10
N LYS B 63 -26.62 12.39 -34.26
CA LYS B 63 -26.65 12.68 -32.82
C LYS B 63 -25.20 12.68 -32.33
N SER B 64 -24.96 13.27 -31.16
CA SER B 64 -23.61 13.27 -30.54
C SER B 64 -23.12 11.81 -30.42
N GLY B 65 -21.98 11.51 -31.04
CA GLY B 65 -21.45 10.13 -31.05
C GLY B 65 -21.88 9.26 -32.21
N TRP B 66 -22.92 9.66 -32.95
CA TRP B 66 -23.35 8.94 -34.16
C TRP B 66 -22.67 9.46 -35.42
N VAL B 67 -22.13 8.54 -36.21
CA VAL B 67 -21.46 8.86 -37.43
C VAL B 67 -21.99 7.92 -38.53
N GLU B 68 -22.52 8.51 -39.59
CA GLU B 68 -23.08 7.77 -40.69
C GLU B 68 -22.51 8.33 -42.02
N HIS B 69 -22.53 7.47 -43.03
CA HIS B 69 -22.13 7.81 -44.41
C HIS B 69 -23.27 7.40 -45.37
N ASP B 70 -23.56 8.28 -46.32
CA ASP B 70 -24.41 7.95 -47.49
C ASP B 70 -23.70 6.95 -48.41
N PRO B 71 -24.10 5.70 -48.37
CA PRO B 71 -23.52 4.69 -49.23
C PRO B 71 -23.56 4.96 -50.72
N GLU B 72 -24.51 5.78 -51.20
CA GLU B 72 -24.61 6.12 -52.64
C GLU B 72 -23.55 7.09 -53.00
N GLU B 73 -23.34 8.05 -52.10
CA GLU B 73 -22.36 9.09 -52.26
C GLU B 73 -20.96 8.48 -52.28
N ILE B 74 -20.74 7.53 -51.39
CA ILE B 74 -19.44 6.85 -51.31
C ILE B 74 -19.21 6.12 -52.65
N TRP B 75 -20.28 5.47 -53.13
CA TRP B 75 -20.27 4.79 -54.42
C TRP B 75 -19.96 5.76 -55.58
N GLN B 76 -20.76 6.81 -55.77
CA GLN B 76 -20.47 7.84 -56.77
C GLN B 76 -19.01 8.31 -56.73
N THR B 77 -18.49 8.35 -55.52
CA THR B 77 -17.20 8.89 -55.23
C THR B 77 -16.13 7.93 -55.73
N VAL B 78 -16.40 6.62 -55.72
CA VAL B 78 -15.48 5.60 -56.22
C VAL B 78 -15.36 5.67 -57.74
N VAL B 79 -16.49 5.89 -58.40
CA VAL B 79 -16.60 5.91 -59.85
C VAL B 79 -15.90 7.15 -60.42
N SER B 80 -16.21 8.33 -59.87
CA SER B 80 -15.58 9.58 -60.34
C SER B 80 -14.10 9.59 -60.10
N THR B 81 -13.69 9.05 -58.98
CA THR B 81 -12.32 9.16 -58.56
C THR B 81 -11.46 8.19 -59.37
N VAL B 82 -12.04 7.04 -59.71
CA VAL B 82 -11.46 6.05 -60.62
C VAL B 82 -11.27 6.59 -62.05
N LYS B 83 -12.31 7.17 -62.65
CA LYS B 83 -12.18 7.87 -63.93
C LYS B 83 -11.13 8.99 -63.85
N GLU B 84 -11.22 9.84 -62.83
CA GLU B 84 -10.24 10.90 -62.67
C GLU B 84 -8.76 10.41 -62.62
N ALA B 85 -8.53 9.23 -62.04
CA ALA B 85 -7.16 8.69 -61.94
C ALA B 85 -6.67 8.14 -63.28
N ILE B 86 -7.61 7.56 -64.02
CA ILE B 86 -7.31 7.05 -65.34
C ILE B 86 -7.06 8.25 -66.29
N GLU B 87 -8.01 9.17 -66.38
CA GLU B 87 -7.82 10.36 -67.23
C GLU B 87 -6.50 11.09 -66.88
N LYS B 88 -6.15 11.14 -65.60
CA LYS B 88 -4.85 11.71 -65.17
C LYS B 88 -3.65 10.81 -65.44
N SER B 89 -3.87 9.56 -65.84
CA SER B 89 -2.76 8.61 -65.99
C SER B 89 -2.19 8.55 -67.41
N GLY B 90 -3.00 8.95 -68.38
CA GLY B 90 -2.58 8.99 -69.78
C GLY B 90 -3.07 7.75 -70.53
N ILE B 91 -4.01 7.03 -69.93
CA ILE B 91 -4.34 5.66 -70.35
C ILE B 91 -5.85 5.41 -70.39
N THR B 92 -6.25 4.18 -70.71
CA THR B 92 -7.67 3.79 -70.64
C THR B 92 -7.97 2.63 -69.70
N ALA B 93 -9.24 2.54 -69.30
CA ALA B 93 -9.65 1.48 -68.43
C ALA B 93 -9.15 0.12 -68.91
N ASN B 94 -8.93 -0.04 -70.22
CA ASN B 94 -8.50 -1.31 -70.81
C ASN B 94 -7.05 -1.64 -70.57
N ASP B 95 -6.27 -0.66 -70.10
CA ASP B 95 -4.86 -0.87 -69.82
C ASP B 95 -4.60 -1.33 -68.36
N ILE B 96 -5.66 -1.36 -67.53
CA ILE B 96 -5.54 -1.78 -66.11
C ILE B 96 -5.63 -3.28 -66.06
N ALA B 97 -4.56 -3.93 -65.64
CA ALA B 97 -4.56 -5.39 -65.66
C ALA B 97 -5.39 -5.93 -64.49
N ALA B 98 -5.38 -5.20 -63.37
CA ALA B 98 -6.20 -5.59 -62.20
C ALA B 98 -6.54 -4.47 -61.22
N ILE B 99 -7.54 -4.72 -60.41
CA ILE B 99 -7.95 -3.78 -59.36
C ILE B 99 -7.58 -4.35 -57.98
N GLY B 100 -7.11 -3.49 -57.08
CA GLY B 100 -7.04 -3.83 -55.66
C GLY B 100 -8.00 -2.90 -54.94
N ILE B 101 -8.66 -3.38 -53.88
CA ILE B 101 -9.60 -2.53 -53.12
C ILE B 101 -9.27 -2.52 -51.65
N THR B 102 -9.27 -1.34 -51.02
CA THR B 102 -9.09 -1.19 -49.57
C THR B 102 -10.03 -0.14 -49.04
N ASN B 103 -10.27 -0.13 -47.74
CA ASN B 103 -11.37 0.61 -47.18
C ASN B 103 -11.26 0.85 -45.68
N GLN B 104 -11.83 1.97 -45.24
CA GLN B 104 -12.14 2.17 -43.81
C GLN B 104 -12.85 0.89 -43.30
N ARG B 105 -12.37 0.38 -42.15
CA ARG B 105 -12.77 -0.91 -41.72
C ARG B 105 -13.95 -0.72 -40.84
N GLU B 106 -14.52 -1.84 -40.41
CA GLU B 106 -15.65 -1.90 -39.46
C GLU B 106 -16.94 -1.32 -39.95
N THR B 107 -16.86 -0.15 -40.57
CA THR B 107 -18.05 0.48 -41.17
C THR B 107 -19.01 -0.54 -41.85
N VAL B 108 -20.31 -0.44 -41.58
CA VAL B 108 -21.28 -1.52 -41.93
C VAL B 108 -22.32 -0.97 -42.93
N VAL B 109 -22.49 -1.66 -44.07
CA VAL B 109 -23.60 -1.36 -44.95
C VAL B 109 -24.52 -2.56 -44.93
N VAL B 110 -25.82 -2.31 -44.88
CA VAL B 110 -26.76 -3.40 -45.12
C VAL B 110 -27.68 -3.11 -46.33
N TRP B 111 -27.67 -3.98 -47.34
CA TRP B 111 -28.50 -3.74 -48.51
C TRP B 111 -29.37 -4.92 -49.03
N ASP B 112 -30.44 -4.54 -49.70
CA ASP B 112 -31.31 -5.52 -50.37
C ASP B 112 -30.52 -6.36 -51.35
N ARG B 113 -30.57 -7.67 -51.22
CA ARG B 113 -29.86 -8.58 -52.11
C ARG B 113 -30.29 -8.39 -53.59
N GLU B 114 -31.54 -8.06 -53.83
CA GLU B 114 -32.06 -7.97 -55.20
C GLU B 114 -31.83 -6.64 -55.88
N THR B 115 -32.24 -5.53 -55.24
CA THR B 115 -32.10 -4.18 -55.82
C THR B 115 -30.73 -3.57 -55.55
N GLY B 116 -30.04 -4.11 -54.55
CA GLY B 116 -28.77 -3.53 -54.10
C GLY B 116 -28.86 -2.24 -53.29
N LYS B 117 -30.07 -1.72 -53.09
CA LYS B 117 -30.25 -0.48 -52.35
C LYS B 117 -30.05 -0.67 -50.84
N PRO B 118 -29.29 0.22 -50.21
CA PRO B 118 -29.10 0.08 -48.76
C PRO B 118 -30.42 0.30 -47.96
N ILE B 119 -30.50 -0.40 -46.87
CA ILE B 119 -31.60 -0.31 -45.91
C ILE B 119 -31.50 0.92 -44.97
N HIS B 120 -30.34 1.58 -44.95
CA HIS B 120 -30.01 2.65 -44.00
C HIS B 120 -28.66 3.17 -44.47
N ASN B 121 -28.34 4.39 -44.12
CA ASN B 121 -26.97 4.86 -44.20
C ASN B 121 -25.99 3.79 -43.66
N ALA B 122 -24.75 3.86 -44.12
CA ALA B 122 -23.67 3.08 -43.53
C ALA B 122 -23.42 3.68 -42.14
N ILE B 123 -23.11 2.82 -41.18
CA ILE B 123 -22.77 3.24 -39.84
C ILE B 123 -21.26 3.07 -39.70
N VAL B 124 -20.59 4.18 -39.46
CA VAL B 124 -19.14 4.23 -39.56
C VAL B 124 -18.47 3.62 -38.33
N TRP B 125 -17.20 3.25 -38.48
CA TRP B 125 -16.45 2.74 -37.36
C TRP B 125 -16.34 3.77 -36.17
N GLN B 126 -16.42 5.06 -36.45
CA GLN B 126 -16.40 6.08 -35.38
C GLN B 126 -17.64 6.12 -34.56
N ASP B 127 -18.71 5.53 -35.05
CA ASP B 127 -20.06 5.60 -34.43
C ASP B 127 -20.13 4.88 -33.08
N ARG B 128 -20.82 5.48 -32.12
CA ARG B 128 -20.81 4.89 -30.75
C ARG B 128 -22.19 4.50 -30.23
N ARG B 129 -23.20 4.40 -31.09
CA ARG B 129 -24.65 4.27 -30.64
C ARG B 129 -24.96 3.05 -29.77
N THR B 130 -24.15 2.01 -29.90
CA THR B 130 -24.36 0.76 -29.20
C THR B 130 -23.55 0.64 -27.88
N ALA B 131 -23.08 1.78 -27.33
CA ALA B 131 -22.43 1.79 -25.99
C ALA B 131 -23.26 0.99 -25.00
N ALA B 132 -24.54 1.39 -24.83
CA ALA B 132 -25.46 0.68 -23.92
C ALA B 132 -25.52 -0.83 -24.18
N PHE B 133 -25.79 -1.22 -25.43
CA PHE B 133 -25.91 -2.62 -25.77
C PHE B 133 -24.62 -3.38 -25.49
N CYS B 134 -23.46 -2.85 -25.85
CA CYS B 134 -22.19 -3.54 -25.53
C CYS B 134 -22.05 -3.77 -24.00
N ASP B 135 -22.42 -2.74 -23.23
CA ASP B 135 -22.30 -2.72 -21.78
C ASP B 135 -23.16 -3.85 -21.23
N LYS B 136 -24.36 -4.02 -21.79
CA LYS B 136 -25.19 -5.19 -21.42
C LYS B 136 -24.44 -6.52 -21.66
N LEU B 137 -23.86 -6.72 -22.84
CA LEU B 137 -23.12 -7.98 -23.10
C LEU B 137 -21.90 -8.22 -22.15
N LYS B 138 -21.18 -7.17 -21.83
CA LYS B 138 -20.05 -7.17 -20.90
C LYS B 138 -20.45 -7.53 -19.47
N LYS B 139 -21.49 -6.87 -18.93
CA LYS B 139 -22.07 -7.31 -17.65
C LYS B 139 -22.61 -8.72 -17.69
N LYS B 140 -22.94 -9.21 -18.89
CA LYS B 140 -23.36 -10.59 -19.03
C LYS B 140 -22.16 -11.54 -18.97
N GLY B 141 -20.94 -11.05 -19.13
CA GLY B 141 -19.79 -11.94 -19.08
C GLY B 141 -19.41 -12.49 -20.44
N LEU B 142 -19.90 -11.87 -21.51
CA LEU B 142 -19.75 -12.41 -22.83
C LEU B 142 -18.45 -11.95 -23.49
N GLU B 143 -17.80 -10.92 -22.94
CA GLU B 143 -16.61 -10.37 -23.60
C GLU B 143 -15.53 -11.45 -23.81
N LYS B 144 -15.43 -12.37 -22.86
CA LYS B 144 -14.46 -13.46 -22.90
C LYS B 144 -14.52 -14.31 -24.16
N THR B 145 -15.70 -14.64 -24.68
CA THR B 145 -15.70 -15.45 -25.91
C THR B 145 -15.42 -14.61 -27.13
N PHE B 146 -15.97 -13.42 -27.18
CA PHE B 146 -15.58 -12.56 -28.27
C PHE B 146 -14.09 -12.39 -28.27
N VAL B 147 -13.44 -12.07 -27.14
CA VAL B 147 -12.00 -11.84 -27.08
C VAL B 147 -11.24 -13.07 -27.58
N LYS B 148 -11.65 -14.24 -27.08
CA LYS B 148 -10.98 -15.45 -27.39
C LYS B 148 -11.13 -15.71 -28.90
N LYS B 149 -12.35 -15.63 -29.41
CA LYS B 149 -12.64 -16.11 -30.77
C LYS B 149 -12.22 -15.19 -31.92
N THR B 150 -11.92 -13.93 -31.59
CA THR B 150 -12.08 -12.80 -32.47
C THR B 150 -10.83 -11.92 -32.39
N GLY B 151 -10.21 -11.89 -31.20
CA GLY B 151 -9.12 -11.00 -30.84
C GLY B 151 -9.51 -9.59 -30.45
N LEU B 152 -10.82 -9.32 -30.42
CA LEU B 152 -11.36 -7.94 -30.31
C LEU B 152 -11.92 -7.74 -28.92
N LEU B 153 -12.84 -6.80 -28.75
CA LEU B 153 -13.44 -6.45 -27.47
C LEU B 153 -14.86 -6.03 -27.75
N LEU B 154 -15.72 -6.16 -26.75
CA LEU B 154 -17.09 -5.70 -26.84
C LEU B 154 -17.18 -4.19 -26.72
N ASP B 155 -16.78 -3.53 -27.81
CA ASP B 155 -16.75 -2.07 -27.94
C ASP B 155 -17.56 -1.72 -29.23
N PRO B 156 -18.28 -0.59 -29.23
CA PRO B 156 -19.06 -0.05 -30.38
C PRO B 156 -18.30 0.04 -31.71
N TYR B 157 -16.98 0.21 -31.64
CA TYR B 157 -16.07 0.31 -32.76
C TYR B 157 -16.38 -0.66 -33.89
N PHE B 158 -16.47 -1.94 -33.58
CA PHE B 158 -16.56 -3.03 -34.52
C PHE B 158 -17.98 -3.27 -35.03
N SER B 159 -18.09 -4.01 -36.13
CA SER B 159 -19.30 -4.09 -36.92
C SER B 159 -20.48 -4.76 -36.25
N GLY B 160 -20.21 -5.90 -35.59
CA GLY B 160 -21.28 -6.82 -35.13
C GLY B 160 -22.48 -6.16 -34.43
N THR B 161 -22.13 -5.23 -33.57
CA THR B 161 -23.03 -4.54 -32.70
C THR B 161 -23.78 -3.46 -33.49
N LYS B 162 -23.13 -2.84 -34.47
CA LYS B 162 -23.86 -1.95 -35.41
C LYS B 162 -24.84 -2.72 -36.34
N LEU B 163 -24.41 -3.87 -36.83
CA LEU B 163 -25.31 -4.80 -37.49
C LEU B 163 -26.53 -5.14 -36.63
N ASN B 164 -26.29 -5.59 -35.40
CA ASN B 164 -27.36 -5.82 -34.46
C ASN B 164 -28.31 -4.64 -34.41
N TRP B 165 -27.74 -3.46 -34.28
CA TRP B 165 -28.53 -2.26 -34.20
C TRP B 165 -29.47 -2.06 -35.40
N LEU B 166 -29.01 -2.34 -36.64
CA LEU B 166 -29.82 -2.19 -37.86
C LEU B 166 -30.97 -3.21 -37.86
N LEU B 167 -30.65 -4.48 -37.60
CA LEU B 167 -31.65 -5.56 -37.49
C LEU B 167 -32.74 -5.25 -36.43
N SER B 168 -32.37 -4.47 -35.45
CA SER B 168 -33.22 -4.31 -34.35
C SER B 168 -34.03 -3.06 -34.56
N ASN B 169 -33.50 -2.08 -35.29
CA ASN B 169 -34.20 -0.81 -35.46
C ASN B 169 -34.68 -0.45 -36.86
N VAL B 170 -34.28 -1.16 -37.90
CA VAL B 170 -34.93 -0.85 -39.19
C VAL B 170 -36.03 -1.81 -39.50
N LYS B 171 -37.22 -1.24 -39.59
CA LYS B 171 -38.40 -2.09 -39.42
C LYS B 171 -38.49 -3.02 -40.64
N GLY B 172 -38.81 -4.28 -40.39
CA GLY B 172 -38.88 -5.31 -41.44
C GLY B 172 -37.54 -5.98 -41.77
N ALA B 173 -36.44 -5.32 -41.41
CA ALA B 173 -35.10 -5.80 -41.79
C ALA B 173 -34.82 -7.12 -41.18
N GLN B 174 -35.26 -7.30 -39.96
CA GLN B 174 -35.00 -8.56 -39.29
C GLN B 174 -35.53 -9.79 -40.08
N VAL B 175 -36.83 -9.75 -40.40
CA VAL B 175 -37.48 -10.83 -41.13
C VAL B 175 -36.90 -10.92 -42.56
N ARG B 176 -36.83 -9.78 -43.23
CA ARG B 176 -36.14 -9.68 -44.49
C ARG B 176 -34.79 -10.39 -44.40
N ALA B 177 -34.12 -10.28 -43.27
CA ALA B 177 -32.77 -10.80 -43.15
C ALA B 177 -32.79 -12.30 -42.96
N ALA B 178 -33.74 -12.77 -42.16
CA ALA B 178 -33.87 -14.21 -41.91
C ALA B 178 -34.34 -14.88 -43.19
N LYS B 179 -35.19 -14.20 -43.97
CA LYS B 179 -35.63 -14.70 -45.29
C LYS B 179 -34.52 -14.89 -46.32
N GLY B 180 -33.34 -14.26 -46.11
CA GLY B 180 -32.25 -14.27 -47.10
C GLY B 180 -32.23 -13.10 -48.09
N GLU B 181 -32.93 -12.03 -47.79
CA GLU B 181 -33.06 -10.96 -48.75
C GLU B 181 -32.12 -9.78 -48.53
N LEU B 182 -31.18 -9.94 -47.61
CA LEU B 182 -30.31 -8.85 -47.23
C LEU B 182 -28.88 -9.29 -47.25
N CYS B 183 -27.99 -8.36 -47.59
CA CYS B 183 -26.57 -8.62 -47.51
C CYS B 183 -25.99 -7.71 -46.46
N PHE B 184 -25.23 -8.26 -45.54
CA PHE B 184 -24.30 -7.49 -44.79
C PHE B 184 -22.95 -7.37 -45.52
N GLY B 185 -22.44 -6.16 -45.60
CA GLY B 185 -21.01 -6.05 -45.84
C GLY B 185 -20.34 -4.89 -45.13
N THR B 186 -19.06 -5.09 -44.78
CA THR B 186 -18.12 -3.98 -44.66
C THR B 186 -17.91 -3.22 -46.01
N ILE B 187 -17.08 -2.17 -46.04
CA ILE B 187 -17.06 -1.28 -47.23
C ILE B 187 -16.48 -2.02 -48.43
N ASP B 188 -15.44 -2.82 -48.18
CA ASP B 188 -14.89 -3.67 -49.24
C ASP B 188 -16.06 -4.40 -49.93
N THR B 189 -16.89 -5.08 -49.14
CA THR B 189 -17.92 -5.98 -49.66
C THR B 189 -18.95 -5.20 -50.44
N PHE B 190 -19.26 -4.02 -50.00
CA PHE B 190 -20.20 -3.18 -50.68
C PHE B 190 -19.66 -2.71 -52.05
N LEU B 191 -18.36 -2.40 -52.11
CA LEU B 191 -17.72 -1.98 -53.32
C LEU B 191 -17.60 -3.14 -54.33
N ILE B 192 -17.24 -4.35 -53.86
CA ILE B 192 -17.09 -5.51 -54.76
C ILE B 192 -18.45 -5.86 -55.30
N TRP B 193 -19.48 -5.83 -54.45
CA TRP B 193 -20.85 -6.05 -54.96
C TRP B 193 -21.21 -5.13 -56.14
N ARG B 194 -21.17 -3.81 -55.95
CA ARG B 194 -21.42 -2.84 -57.00
C ARG B 194 -20.41 -2.88 -58.20
N LEU B 195 -19.12 -3.05 -57.96
CA LEU B 195 -18.16 -3.14 -59.06
C LEU B 195 -18.42 -4.32 -59.99
N THR B 196 -18.81 -5.45 -59.42
CA THR B 196 -19.03 -6.60 -60.24
C THR B 196 -20.47 -6.68 -60.66
N GLY B 197 -21.25 -5.61 -60.48
CA GLY B 197 -22.65 -5.71 -60.82
C GLY B 197 -23.42 -6.80 -60.09
N GLY B 198 -23.18 -6.97 -58.80
CA GLY B 198 -24.00 -7.84 -57.98
C GLY B 198 -23.57 -9.28 -58.03
N GLU B 199 -22.53 -9.58 -58.79
CA GLU B 199 -22.12 -10.96 -59.00
C GLU B 199 -21.34 -11.55 -57.85
N CYS B 200 -20.43 -10.77 -57.28
CA CYS B 200 -19.54 -11.36 -56.30
C CYS B 200 -19.88 -10.79 -54.96
N PHE B 201 -20.17 -11.66 -53.99
CA PHE B 201 -20.55 -11.21 -52.65
C PHE B 201 -19.50 -11.78 -51.69
N CYS B 202 -18.53 -10.95 -51.35
CA CYS B 202 -17.26 -11.43 -50.82
C CYS B 202 -16.62 -10.39 -49.93
N THR B 203 -15.81 -10.88 -48.99
CA THR B 203 -14.86 -10.09 -48.20
C THR B 203 -13.53 -10.82 -48.11
N ASP B 204 -12.51 -10.12 -47.63
CA ASP B 204 -11.25 -10.78 -47.39
C ASP B 204 -11.16 -11.01 -45.86
N ALA B 205 -10.20 -11.85 -45.45
CA ALA B 205 -10.01 -12.20 -44.04
C ALA B 205 -9.68 -11.05 -43.10
N THR B 206 -9.00 -10.04 -43.60
CA THR B 206 -8.70 -8.89 -42.78
C THR B 206 -9.97 -8.10 -42.47
N ASN B 207 -10.81 -7.85 -43.44
CA ASN B 207 -12.05 -7.20 -43.12
C ASN B 207 -12.95 -7.98 -42.22
N ALA B 208 -13.04 -9.27 -42.44
CA ALA B 208 -13.92 -10.12 -41.71
C ALA B 208 -13.54 -10.09 -40.25
N SER B 209 -12.26 -9.95 -40.04
CA SER B 209 -11.53 -9.99 -38.81
C SER B 209 -12.07 -9.01 -37.84
N ARG B 210 -12.63 -7.98 -38.39
CA ARG B 210 -13.06 -6.81 -37.71
C ARG B 210 -14.49 -6.80 -37.29
N THR B 211 -15.19 -7.86 -37.55
CA THR B 211 -16.65 -7.78 -37.42
C THR B 211 -17.26 -8.19 -36.11
N LEU B 212 -16.50 -8.93 -35.29
CA LEU B 212 -17.00 -9.53 -34.05
C LEU B 212 -17.73 -10.77 -34.42
N LEU B 213 -17.87 -11.05 -35.72
CA LEU B 213 -18.67 -12.15 -36.17
C LEU B 213 -17.80 -13.30 -36.61
N TYR B 214 -16.49 -13.07 -36.63
CA TYR B 214 -15.59 -13.95 -37.36
C TYR B 214 -14.52 -14.55 -36.46
N ASN B 215 -14.45 -15.87 -36.44
CA ASN B 215 -13.50 -16.58 -35.65
C ASN B 215 -12.13 -16.54 -36.34
N ILE B 216 -11.16 -15.96 -35.66
CA ILE B 216 -9.87 -15.57 -36.28
C ILE B 216 -8.87 -16.74 -36.26
N ALA B 217 -9.18 -17.74 -35.44
CA ALA B 217 -8.35 -18.94 -35.35
C ALA B 217 -8.78 -19.94 -36.42
N GLU B 218 -10.07 -20.09 -36.61
CA GLU B 218 -10.65 -21.10 -37.46
C GLU B 218 -10.90 -20.54 -38.84
N ASN B 219 -10.90 -19.22 -38.97
CA ASN B 219 -11.22 -18.61 -40.23
C ASN B 219 -12.63 -18.97 -40.69
N ALA B 220 -13.62 -18.68 -39.85
CA ALA B 220 -15.00 -18.90 -40.21
C ALA B 220 -15.92 -17.94 -39.48
N TRP B 221 -17.04 -17.65 -40.10
CA TRP B 221 -18.12 -17.03 -39.35
C TRP B 221 -18.41 -17.94 -38.13
N ASP B 222 -18.52 -17.34 -36.94
CA ASP B 222 -18.66 -18.13 -35.72
C ASP B 222 -20.14 -18.30 -35.33
N ASP B 223 -20.58 -19.55 -35.20
CA ASP B 223 -22.03 -19.79 -34.92
C ASP B 223 -22.50 -19.15 -33.60
N GLU B 224 -21.69 -19.27 -32.55
CA GLU B 224 -21.96 -18.66 -31.21
C GLU B 224 -22.12 -17.15 -31.26
N LEU B 225 -21.17 -16.47 -31.89
CA LEU B 225 -21.16 -15.01 -31.98
C LEU B 225 -22.28 -14.46 -32.79
N THR B 226 -22.61 -15.09 -33.92
CA THR B 226 -23.73 -14.57 -34.73
C THR B 226 -25.06 -14.86 -34.08
N GLU B 227 -25.16 -15.99 -33.38
CA GLU B 227 -26.31 -16.27 -32.53
C GLU B 227 -26.40 -15.21 -31.43
N VAL B 228 -25.30 -15.01 -30.72
CA VAL B 228 -25.29 -13.98 -29.64
C VAL B 228 -25.80 -12.68 -30.21
N LEU B 229 -25.28 -12.30 -31.38
CA LEU B 229 -25.66 -11.04 -32.00
C LEU B 229 -26.93 -11.11 -32.86
N ARG B 230 -27.57 -12.28 -32.90
CA ARG B 230 -28.80 -12.50 -33.67
C ARG B 230 -28.60 -12.18 -35.20
N VAL B 231 -27.43 -12.53 -35.72
CA VAL B 231 -27.13 -12.27 -37.13
C VAL B 231 -27.30 -13.54 -37.96
N PRO B 232 -28.34 -13.59 -38.82
CA PRO B 232 -28.51 -14.75 -39.71
C PRO B 232 -27.25 -14.91 -40.57
N LYS B 233 -26.71 -16.11 -40.62
CA LYS B 233 -25.58 -16.39 -41.49
C LYS B 233 -25.88 -16.20 -43.02
N GLU B 234 -27.14 -16.13 -43.41
CA GLU B 234 -27.45 -16.01 -44.82
C GLU B 234 -27.15 -14.58 -45.31
N MSE B 235 -26.69 -13.74 -44.39
CA MSE B 235 -26.43 -12.34 -44.64
C MSE B 235 -24.96 -12.08 -44.95
O MSE B 235 -24.58 -10.98 -45.38
CB MSE B 235 -26.70 -11.58 -43.33
CG MSE B 235 -27.76 -10.60 -43.41
SE MSE B 235 -27.75 -9.79 -41.60
CE MSE B 235 -28.51 -8.16 -42.29
N LEU B 236 -24.13 -13.08 -44.68
CA LEU B 236 -22.71 -12.90 -44.61
C LEU B 236 -22.03 -13.32 -45.88
N PRO B 237 -21.11 -12.46 -46.35
CA PRO B 237 -20.38 -12.76 -47.60
C PRO B 237 -19.48 -13.92 -47.38
N GLU B 238 -19.03 -14.49 -48.48
CA GLU B 238 -17.91 -15.45 -48.46
C GLU B 238 -16.59 -14.77 -48.13
N VAL B 239 -15.74 -15.44 -47.34
CA VAL B 239 -14.48 -14.85 -46.94
C VAL B 239 -13.28 -15.43 -47.73
N LYS B 240 -12.45 -14.55 -48.30
CA LYS B 240 -11.36 -15.01 -49.18
C LYS B 240 -10.03 -14.48 -48.66
N ASP B 241 -8.92 -15.02 -49.16
CA ASP B 241 -7.59 -14.46 -48.97
C ASP B 241 -7.53 -13.01 -49.49
N CYS B 242 -6.50 -12.25 -49.11
CA CYS B 242 -6.37 -10.86 -49.62
C CYS B 242 -6.01 -10.83 -51.13
N ALA B 243 -5.30 -11.85 -51.59
CA ALA B 243 -5.09 -12.03 -53.03
C ALA B 243 -5.97 -13.21 -53.43
N ALA B 244 -7.10 -12.96 -54.04
CA ALA B 244 -7.94 -14.10 -54.48
C ALA B 244 -8.68 -13.58 -55.70
N ASP B 245 -9.54 -14.37 -56.31
CA ASP B 245 -10.33 -13.87 -57.43
C ASP B 245 -11.63 -13.24 -56.94
N PHE B 246 -11.74 -11.91 -56.89
CA PHE B 246 -12.98 -11.28 -56.34
C PHE B 246 -14.05 -10.93 -57.38
N GLY B 247 -13.91 -11.44 -58.58
CA GLY B 247 -14.82 -11.08 -59.63
C GLY B 247 -14.19 -10.12 -60.63
N VAL B 248 -15.01 -9.66 -61.56
CA VAL B 248 -14.54 -8.92 -62.68
C VAL B 248 -15.45 -7.73 -62.75
N THR B 249 -14.86 -6.60 -63.03
CA THR B 249 -15.55 -5.38 -63.31
C THR B 249 -16.71 -5.52 -64.36
N ASP B 250 -17.90 -5.07 -63.96
CA ASP B 250 -19.07 -4.83 -64.81
C ASP B 250 -18.63 -3.83 -65.89
N PRO B 251 -18.60 -4.26 -67.18
CA PRO B 251 -18.08 -3.45 -68.31
C PRO B 251 -18.71 -2.05 -68.42
N SER B 252 -20.00 -1.95 -68.11
CA SER B 252 -20.82 -0.73 -68.10
C SER B 252 -20.26 0.48 -67.32
N LEU B 253 -19.43 0.23 -66.30
CA LEU B 253 -19.00 1.27 -65.39
C LEU B 253 -17.84 2.10 -65.92
N PHE B 254 -16.83 1.45 -66.47
CA PHE B 254 -15.63 2.14 -66.95
C PHE B 254 -15.23 1.79 -68.39
N GLY B 255 -16.04 0.97 -69.07
CA GLY B 255 -15.80 0.60 -70.47
C GLY B 255 -14.73 -0.46 -70.49
N ALA B 256 -14.76 -1.39 -69.52
CA ALA B 256 -13.79 -2.51 -69.43
C ALA B 256 -14.20 -3.57 -68.42
N ALA B 257 -13.74 -4.80 -68.66
CA ALA B 257 -13.91 -5.90 -67.76
C ALA B 257 -12.56 -6.17 -67.09
N ILE B 258 -12.43 -5.71 -65.84
CA ILE B 258 -11.16 -5.79 -65.08
C ILE B 258 -11.34 -6.72 -63.86
N PRO B 259 -10.44 -7.69 -63.69
CA PRO B 259 -10.45 -8.60 -62.55
C PRO B 259 -10.03 -7.91 -61.22
N ILE B 260 -10.84 -8.10 -60.17
CA ILE B 260 -10.53 -7.59 -58.82
C ILE B 260 -9.72 -8.67 -58.16
N LEU B 261 -8.46 -8.38 -57.86
CA LEU B 261 -7.55 -9.47 -57.39
C LEU B 261 -6.96 -9.27 -55.98
N GLY B 262 -7.23 -8.10 -55.39
CA GLY B 262 -6.69 -7.78 -54.08
C GLY B 262 -7.67 -7.02 -53.20
N VAL B 263 -7.79 -7.47 -51.95
CA VAL B 263 -8.68 -6.76 -50.99
C VAL B 263 -8.06 -6.89 -49.58
N ALA B 264 -8.05 -5.82 -48.81
CA ALA B 264 -7.68 -5.87 -47.41
C ALA B 264 -8.17 -4.58 -46.80
N GLY B 265 -8.38 -4.55 -45.49
CA GLY B 265 -8.75 -3.27 -44.85
C GLY B 265 -7.61 -2.29 -44.88
N ASP B 266 -7.95 -0.99 -44.90
CA ASP B 266 -6.92 -0.01 -45.11
C ASP B 266 -5.71 -0.25 -44.23
N GLN B 267 -5.88 -0.60 -42.96
CA GLN B 267 -4.70 -0.64 -42.10
C GLN B 267 -3.79 -1.86 -42.30
N GLN B 268 -4.35 -3.00 -42.64
CA GLN B 268 -3.57 -4.15 -43.08
C GLN B 268 -2.93 -3.86 -44.45
N ALA B 269 -3.70 -3.33 -45.39
CA ALA B 269 -3.11 -2.97 -46.67
C ALA B 269 -1.82 -2.11 -46.46
N ALA B 270 -1.93 -1.10 -45.57
CA ALA B 270 -0.78 -0.24 -45.22
C ALA B 270 0.38 -1.07 -44.70
N THR B 271 0.08 -2.10 -43.92
CA THR B 271 1.09 -2.99 -43.34
C THR B 271 1.80 -3.75 -44.47
N ILE B 272 1.02 -4.19 -45.46
CA ILE B 272 1.61 -4.81 -46.64
C ILE B 272 2.41 -3.81 -47.47
N GLY B 273 1.84 -2.64 -47.71
CA GLY B 273 2.51 -1.54 -48.38
C GLY B 273 3.81 -1.04 -47.76
N GLN B 274 4.01 -1.29 -46.46
CA GLN B 274 5.23 -0.93 -45.75
C GLN B 274 6.13 -2.15 -45.66
N ALA B 275 5.71 -3.27 -46.25
CA ALA B 275 6.51 -4.50 -46.29
C ALA B 275 6.79 -5.06 -44.91
N CYS B 276 5.88 -4.77 -43.99
CA CYS B 276 5.94 -5.39 -42.67
C CYS B 276 5.51 -6.84 -42.68
N PHE B 277 6.33 -7.67 -43.34
CA PHE B 277 6.10 -9.09 -43.57
C PHE B 277 6.73 -10.07 -42.61
N LYS B 278 7.69 -9.66 -41.84
CA LYS B 278 8.43 -10.59 -41.00
C LYS B 278 7.93 -10.36 -39.57
N PRO B 279 8.03 -11.36 -38.69
CA PRO B 279 7.50 -11.12 -37.33
C PRO B 279 8.27 -10.00 -36.62
N GLY B 280 7.56 -9.12 -35.94
CA GLY B 280 8.25 -8.04 -35.25
C GLY B 280 8.26 -6.72 -35.95
N MSE B 281 8.04 -6.71 -37.26
CA MSE B 281 7.96 -5.44 -38.00
C MSE B 281 6.63 -4.73 -37.76
O MSE B 281 5.60 -5.40 -37.51
CB MSE B 281 8.19 -5.70 -39.49
CG MSE B 281 9.66 -6.22 -39.82
SE MSE B 281 9.70 -6.51 -41.79
CE MSE B 281 9.97 -4.74 -42.48
N LEU B 282 6.65 -3.40 -37.77
CA LEU B 282 5.49 -2.63 -37.37
C LEU B 282 5.39 -1.33 -38.07
N LYS B 283 4.15 -0.85 -38.12
CA LYS B 283 3.80 0.31 -38.93
C LYS B 283 2.79 1.13 -38.15
N SER B 284 2.72 2.39 -38.50
CA SER B 284 1.73 3.22 -37.95
C SER B 284 1.23 4.19 -39.03
N THR B 285 -0.09 4.31 -39.20
CA THR B 285 -0.68 5.21 -40.22
C THR B 285 -1.46 6.33 -39.56
N TYR B 286 -1.19 7.57 -39.92
CA TYR B 286 -1.91 8.70 -39.31
C TYR B 286 -2.90 9.29 -40.29
N GLY B 287 -4.16 9.37 -39.91
CA GLY B 287 -5.20 10.11 -40.68
C GLY B 287 -6.10 10.71 -39.64
N THR B 288 -7.42 10.65 -39.86
CA THR B 288 -8.34 10.99 -38.78
C THR B 288 -7.99 10.24 -37.50
N GLY B 289 -7.74 8.96 -37.60
CA GLY B 289 -7.28 8.18 -36.45
C GLY B 289 -5.84 7.79 -36.68
N CYS B 290 -5.29 7.04 -35.74
CA CYS B 290 -3.96 6.48 -35.90
C CYS B 290 -4.06 5.00 -35.59
N PHE B 291 -3.46 4.16 -36.42
CA PHE B 291 -3.61 2.69 -36.29
C PHE B 291 -2.28 2.02 -36.48
N ALA B 292 -1.85 1.31 -35.46
CA ALA B 292 -0.51 0.70 -35.48
C ALA B 292 -0.66 -0.81 -35.37
N LEU B 293 0.10 -1.51 -36.20
CA LEU B 293 0.03 -2.94 -36.32
C LEU B 293 1.45 -3.49 -36.32
N LEU B 294 1.63 -4.53 -35.52
CA LEU B 294 2.90 -5.14 -35.32
C LEU B 294 2.72 -6.54 -35.88
N ASN B 295 3.57 -6.93 -36.83
CA ASN B 295 3.47 -8.28 -37.41
C ASN B 295 3.93 -9.31 -36.43
N THR B 296 3.09 -10.30 -36.22
CA THR B 296 3.29 -11.28 -35.20
C THR B 296 3.45 -12.69 -35.78
N GLY B 297 3.59 -12.79 -37.10
CA GLY B 297 3.71 -14.11 -37.76
C GLY B 297 2.55 -15.07 -37.61
N LYS B 298 2.87 -16.37 -37.58
CA LYS B 298 1.90 -17.44 -37.48
C LYS B 298 1.16 -17.45 -36.17
N ASP B 299 1.66 -16.74 -35.16
CA ASP B 299 1.11 -16.89 -33.81
C ASP B 299 0.16 -15.76 -33.45
N MSE B 300 -0.98 -16.15 -32.92
CA MSE B 300 -1.98 -15.26 -32.51
C MSE B 300 -1.53 -14.94 -31.09
O MSE B 300 -1.25 -15.84 -30.31
CB MSE B 300 -3.28 -16.06 -32.56
CG MSE B 300 -4.56 -15.28 -32.56
SE MSE B 300 -5.95 -16.58 -32.98
CE MSE B 300 -7.30 -16.07 -31.71
N VAL B 301 -1.35 -13.68 -30.76
CA VAL B 301 -0.87 -13.31 -29.45
C VAL B 301 -2.05 -12.77 -28.69
N ARG B 302 -2.22 -13.18 -27.45
CA ARG B 302 -3.27 -12.66 -26.62
C ARG B 302 -2.63 -11.52 -25.95
N SER B 303 -3.18 -10.32 -26.12
CA SER B 303 -2.66 -9.20 -25.38
C SER B 303 -2.90 -9.35 -23.88
N LYS B 304 -1.89 -8.95 -23.13
CA LYS B 304 -2.12 -8.71 -21.70
C LYS B 304 -2.13 -7.20 -21.49
N ASN B 305 -2.05 -6.44 -22.60
CA ASN B 305 -1.83 -5.01 -22.50
C ASN B 305 -2.82 -4.13 -23.26
N ARG B 306 -4.05 -4.62 -23.36
CA ARG B 306 -5.17 -3.91 -23.99
C ARG B 306 -5.01 -3.64 -25.47
N LEU B 307 -4.35 -4.55 -26.18
CA LEU B 307 -4.28 -4.43 -27.63
C LEU B 307 -5.16 -5.46 -28.30
N LEU B 308 -5.42 -5.27 -29.59
CA LEU B 308 -6.16 -6.22 -30.38
C LEU B 308 -5.26 -7.19 -31.07
N THR B 309 -5.76 -8.41 -31.19
CA THR B 309 -5.19 -9.41 -32.08
C THR B 309 -6.05 -9.49 -33.33
N THR B 310 -5.41 -9.49 -34.48
CA THR B 310 -6.16 -9.34 -35.73
C THR B 310 -5.44 -10.14 -36.82
N ILE B 311 -6.06 -10.28 -38.00
CA ILE B 311 -5.38 -10.85 -39.15
C ILE B 311 -4.65 -9.74 -39.91
N ALA B 312 -3.32 -9.80 -39.95
CA ALA B 312 -2.57 -8.86 -40.79
C ALA B 312 -2.84 -9.12 -42.25
N TYR B 313 -2.90 -10.40 -42.64
CA TYR B 313 -3.25 -10.87 -44.00
C TYR B 313 -3.37 -12.39 -44.02
N ARG B 314 -4.07 -12.88 -45.04
CA ARG B 314 -4.14 -14.31 -45.27
C ARG B 314 -3.79 -14.51 -46.74
N LEU B 315 -2.73 -15.26 -46.98
CA LEU B 315 -2.31 -15.57 -48.34
C LEU B 315 -2.29 -17.05 -48.53
N ASP B 316 -3.03 -17.48 -49.55
CA ASP B 316 -3.05 -18.87 -49.96
C ASP B 316 -3.40 -19.77 -48.80
N GLY B 317 -4.45 -19.44 -48.06
CA GLY B 317 -4.91 -20.22 -46.92
C GLY B 317 -4.10 -20.06 -45.65
N GLU B 318 -2.92 -19.46 -45.76
CA GLU B 318 -2.02 -19.26 -44.63
C GLU B 318 -2.23 -17.88 -44.00
N THR B 319 -2.50 -17.88 -42.71
CA THR B 319 -2.87 -16.67 -42.01
C THR B 319 -1.68 -16.20 -41.24
N THR B 320 -1.42 -14.90 -41.37
CA THR B 320 -0.50 -14.16 -40.53
C THR B 320 -1.30 -13.19 -39.63
N TYR B 321 -0.94 -13.16 -38.34
CA TYR B 321 -1.53 -12.34 -37.32
C TYR B 321 -0.78 -11.04 -37.05
N ALA B 322 -1.45 -10.13 -36.39
CA ALA B 322 -0.85 -8.92 -35.86
C ALA B 322 -1.47 -8.54 -34.49
N LEU B 323 -0.73 -7.70 -33.79
CA LEU B 323 -1.25 -6.92 -32.67
C LEU B 323 -1.49 -5.49 -33.21
N GLU B 324 -2.64 -4.94 -32.80
CA GLU B 324 -3.03 -3.59 -33.23
C GLU B 324 -3.35 -2.67 -32.06
N GLY B 325 -2.88 -1.44 -32.14
CA GLY B 325 -3.47 -0.39 -31.34
C GLY B 325 -4.20 0.63 -32.19
N SER B 326 -5.42 0.95 -31.78
CA SER B 326 -6.36 1.77 -32.52
C SER B 326 -6.56 3.08 -31.72
N ILE B 327 -6.21 4.22 -32.31
CA ILE B 327 -6.40 5.54 -31.69
C ILE B 327 -7.48 6.24 -32.48
N PHE B 328 -8.61 6.49 -31.83
CA PHE B 328 -9.79 6.97 -32.50
C PHE B 328 -9.63 8.38 -33.07
N VAL B 329 -9.03 9.27 -32.28
CA VAL B 329 -8.88 10.66 -32.63
C VAL B 329 -7.41 11.03 -32.69
N ALA B 330 -6.94 11.23 -33.93
CA ALA B 330 -5.56 11.63 -34.22
C ALA B 330 -5.69 12.89 -35.02
N GLY B 331 -5.79 12.78 -36.35
CA GLY B 331 -5.96 14.01 -37.17
C GLY B 331 -7.26 14.75 -36.90
N ALA B 332 -8.33 14.02 -36.56
CA ALA B 332 -9.63 14.67 -36.29
C ALA B 332 -9.54 15.72 -35.19
N ALA B 333 -8.49 15.66 -34.38
CA ALA B 333 -8.32 16.70 -33.35
C ALA B 333 -7.96 18.06 -33.96
N VAL B 334 -7.03 18.07 -34.90
CA VAL B 334 -6.73 19.34 -35.57
C VAL B 334 -7.88 19.81 -36.47
N GLN B 335 -8.63 18.88 -37.05
CA GLN B 335 -9.85 19.22 -37.80
C GLN B 335 -10.89 19.90 -36.90
N TRP B 336 -10.96 19.48 -35.64
CA TRP B 336 -11.77 20.18 -34.67
C TRP B 336 -11.24 21.61 -34.42
N LEU B 337 -9.92 21.76 -34.43
CA LEU B 337 -9.38 23.11 -34.11
C LEU B 337 -9.71 24.13 -35.20
N ARG B 338 -9.65 23.68 -36.45
CA ARG B 338 -9.87 24.57 -37.60
C ARG B 338 -11.35 24.66 -37.98
N ASP B 339 -12.08 23.54 -37.96
CA ASP B 339 -13.51 23.62 -38.30
C ASP B 339 -14.46 23.86 -37.15
N GLY B 340 -14.10 23.42 -35.94
CA GLY B 340 -15.07 23.42 -34.85
C GLY B 340 -14.79 24.68 -34.07
N LEU B 341 -13.57 24.78 -33.62
CA LEU B 341 -13.14 25.88 -32.79
C LEU B 341 -12.76 27.09 -33.65
N LYS B 342 -12.28 26.81 -34.85
CA LYS B 342 -11.89 27.89 -35.76
C LYS B 342 -10.72 28.73 -35.15
N VAL B 343 -10.01 28.13 -34.19
CA VAL B 343 -8.78 28.67 -33.64
C VAL B 343 -7.70 28.74 -34.70
N ILE B 344 -7.74 27.81 -35.65
CA ILE B 344 -6.68 27.73 -36.68
C ILE B 344 -7.30 27.57 -38.06
N THR B 350 -0.31 23.98 -39.50
CA THR B 350 -0.34 23.28 -38.20
C THR B 350 1.06 22.92 -37.72
N GLY B 351 1.78 22.11 -38.50
CA GLY B 351 3.20 21.82 -38.24
C GLY B 351 4.04 23.10 -37.96
N SER B 352 3.94 24.07 -38.88
CA SER B 352 4.59 25.36 -38.73
C SER B 352 4.08 26.05 -37.46
N LEU B 353 2.77 26.06 -37.28
CA LEU B 353 2.16 26.74 -36.16
C LEU B 353 2.69 26.08 -34.89
N ALA B 354 2.80 24.75 -34.92
CA ALA B 354 3.16 24.02 -33.75
C ALA B 354 4.53 24.50 -33.30
N GLU B 355 5.35 24.88 -34.28
CA GLU B 355 6.75 25.27 -34.07
C GLU B 355 6.89 26.53 -33.26
N SER B 356 5.89 27.41 -33.38
CA SER B 356 5.97 28.78 -32.84
C SER B 356 5.42 28.93 -31.43
N ALA B 357 4.83 27.86 -30.92
CA ALA B 357 4.35 27.81 -29.53
C ALA B 357 5.52 27.98 -28.58
N ASP B 358 5.30 28.54 -27.39
CA ASP B 358 6.43 28.73 -26.48
C ASP B 358 6.71 27.56 -25.59
N PRO B 359 8.00 27.27 -25.39
CA PRO B 359 8.46 26.17 -24.56
C PRO B 359 8.24 26.38 -23.08
N SER B 360 8.19 27.63 -22.63
CA SER B 360 8.03 27.90 -21.21
C SER B 360 6.87 27.09 -20.68
N GLN B 361 5.80 27.02 -21.48
CA GLN B 361 4.47 26.50 -21.07
C GLN B 361 4.04 25.13 -21.67
N GLU B 362 3.33 24.34 -20.88
CA GLU B 362 3.12 22.94 -21.25
C GLU B 362 1.67 22.52 -21.32
N VAL B 363 1.12 22.52 -22.53
CA VAL B 363 -0.33 22.30 -22.79
C VAL B 363 -0.56 20.92 -23.39
N TYR B 364 -1.41 20.11 -22.75
CA TYR B 364 -1.72 18.78 -23.24
C TYR B 364 -3.18 18.66 -23.69
N LEU B 365 -3.42 18.01 -24.81
CA LEU B 365 -4.78 17.67 -25.22
C LEU B 365 -4.93 16.16 -25.23
N VAL B 366 -5.93 15.68 -24.52
CA VAL B 366 -6.27 14.25 -24.59
C VAL B 366 -7.59 14.24 -25.34
N PRO B 367 -7.55 13.97 -26.64
CA PRO B 367 -8.76 14.18 -27.46
C PRO B 367 -9.76 13.02 -27.43
N ALA B 368 -10.24 12.69 -26.25
CA ALA B 368 -11.18 11.58 -26.06
C ALA B 368 -12.63 11.97 -26.46
N PHE B 369 -12.81 12.63 -27.62
CA PHE B 369 -14.12 13.29 -27.90
C PHE B 369 -15.32 12.38 -27.58
N THR B 370 -15.23 11.10 -27.96
CA THR B 370 -16.21 10.10 -27.56
C THR B 370 -15.60 8.83 -27.00
N GLY B 371 -14.56 8.94 -26.19
CA GLY B 371 -14.06 7.84 -25.42
C GLY B 371 -12.64 7.61 -25.90
N LEU B 372 -12.00 6.56 -25.41
CA LEU B 372 -10.68 6.28 -25.90
C LEU B 372 -10.59 4.86 -26.34
N GLY B 373 -9.79 4.64 -27.38
CA GLY B 373 -9.42 3.30 -27.82
C GLY B 373 -8.22 2.81 -27.01
N ALA B 374 -7.31 2.17 -27.73
CA ALA B 374 -6.23 1.44 -27.15
C ALA B 374 -5.17 2.41 -26.64
N PRO B 375 -4.52 2.08 -25.50
CA PRO B 375 -4.82 0.87 -24.68
C PRO B 375 -5.77 1.07 -23.55
N HIS B 376 -6.63 2.05 -23.69
CA HIS B 376 -7.59 2.34 -22.68
C HIS B 376 -8.95 1.64 -22.87
N TRP B 377 -9.49 1.64 -24.10
CA TRP B 377 -10.84 1.13 -24.28
C TRP B 377 -11.73 1.60 -23.15
N ASP B 378 -11.90 2.92 -23.06
CA ASP B 378 -12.76 3.54 -22.03
C ASP B 378 -13.74 4.53 -22.68
N PRO B 379 -14.97 4.08 -22.95
CA PRO B 379 -15.99 4.83 -23.69
C PRO B 379 -16.57 6.04 -22.99
N ASP B 380 -16.31 6.19 -21.69
CA ASP B 380 -16.90 7.30 -20.94
C ASP B 380 -15.95 8.49 -20.80
N ALA B 381 -14.68 8.23 -21.09
CA ALA B 381 -13.66 9.24 -21.13
C ALA B 381 -14.09 10.38 -22.09
N ARG B 382 -13.80 11.63 -21.71
CA ARG B 382 -14.26 12.83 -22.42
C ARG B 382 -13.04 13.68 -22.81
N GLY B 383 -13.13 14.48 -23.85
CA GLY B 383 -12.04 15.41 -24.21
C GLY B 383 -11.52 16.29 -23.05
N ALA B 384 -10.21 16.53 -22.98
CA ALA B 384 -9.71 17.45 -21.97
C ALA B 384 -8.46 18.10 -22.43
N ILE B 385 -8.27 19.33 -21.98
CA ILE B 385 -7.03 20.12 -22.21
C ILE B 385 -6.50 20.57 -20.83
N PHE B 386 -5.19 20.47 -20.64
CA PHE B 386 -4.52 20.79 -19.39
C PHE B 386 -3.37 21.78 -19.61
N GLY B 387 -3.00 22.46 -18.53
CA GLY B 387 -1.79 23.24 -18.48
C GLY B 387 -1.91 24.60 -19.14
N MSE B 388 -3.10 25.15 -19.22
CA MSE B 388 -3.27 26.42 -19.83
C MSE B 388 -2.90 27.58 -18.93
O MSE B 388 -3.05 27.52 -17.71
CB MSE B 388 -4.68 26.56 -20.32
CG MSE B 388 -4.97 25.47 -21.29
SE MSE B 388 -6.67 25.82 -22.09
CE MSE B 388 -7.65 26.31 -20.46
N THR B 389 -2.45 28.63 -19.59
CA THR B 389 -1.84 29.79 -18.99
C THR B 389 -2.53 30.96 -19.65
N ARG B 390 -2.48 32.15 -19.06
CA ARG B 390 -3.22 33.27 -19.68
C ARG B 390 -2.69 33.55 -21.10
N ASN B 391 -1.49 33.06 -21.37
CA ASN B 391 -0.92 33.29 -22.70
C ASN B 391 -0.98 32.11 -23.68
N THR B 392 -1.78 31.08 -23.38
CA THR B 392 -1.88 30.00 -24.36
C THR B 392 -2.77 30.45 -25.48
N GLY B 393 -2.28 30.29 -26.71
CA GLY B 393 -3.01 30.65 -27.91
C GLY B 393 -3.13 29.52 -28.96
N PRO B 394 -3.54 29.86 -30.20
CA PRO B 394 -3.82 28.79 -31.20
C PRO B 394 -2.62 27.89 -31.42
N ALA B 395 -1.42 28.44 -31.33
CA ALA B 395 -0.23 27.67 -31.63
C ALA B 395 0.00 26.60 -30.57
N GLU B 396 -0.40 26.85 -29.34
CA GLU B 396 -0.25 25.88 -28.27
C GLU B 396 -1.32 24.75 -28.35
N PHE B 397 -2.54 25.09 -28.77
CA PHE B 397 -3.51 24.07 -29.02
C PHE B 397 -3.01 23.19 -30.17
N ALA B 398 -2.44 23.83 -31.20
CA ALA B 398 -2.12 23.15 -32.43
C ALA B 398 -1.00 22.14 -32.15
N ARG B 399 -0.07 22.54 -31.29
CA ARG B 399 1.02 21.70 -30.91
C ARG B 399 0.60 20.55 -29.96
N ALA B 400 -0.29 20.85 -29.02
CA ALA B 400 -0.92 19.85 -28.21
C ALA B 400 -1.66 18.78 -29.06
N ALA B 401 -2.34 19.18 -30.14
CA ALA B 401 -3.05 18.24 -31.00
C ALA B 401 -2.09 17.30 -31.66
N LEU B 402 -0.94 17.81 -32.10
CA LEU B 402 0.03 17.02 -32.81
C LEU B 402 0.82 16.16 -31.90
N GLU B 403 1.15 16.68 -30.71
CA GLU B 403 1.83 15.89 -29.69
C GLU B 403 1.02 14.73 -29.14
N ALA B 404 -0.30 14.92 -29.02
CA ALA B 404 -1.16 13.90 -28.47
C ALA B 404 -1.04 12.64 -29.30
N VAL B 405 -1.00 12.78 -30.61
CA VAL B 405 -0.74 11.65 -31.51
C VAL B 405 0.61 10.96 -31.25
N CYS B 406 1.64 11.76 -30.95
CA CYS B 406 2.93 11.21 -30.62
C CYS B 406 2.89 10.42 -29.27
N TYR B 407 2.29 11.01 -28.23
CA TYR B 407 2.20 10.33 -26.93
C TYR B 407 1.36 9.08 -27.01
N GLN B 408 0.19 9.20 -27.65
CA GLN B 408 -0.65 8.01 -27.90
C GLN B 408 0.07 6.93 -28.71
N THR B 409 0.95 7.30 -29.60
CA THR B 409 1.66 6.25 -30.36
C THR B 409 2.59 5.54 -29.41
N ARG B 410 3.24 6.33 -28.54
CA ARG B 410 4.22 5.82 -27.56
C ARG B 410 3.53 4.85 -26.60
N ASP B 411 2.39 5.22 -26.03
CA ASP B 411 1.61 4.28 -25.22
C ASP B 411 1.27 3.00 -25.95
N LEU B 412 1.10 3.06 -27.28
CA LEU B 412 0.78 1.80 -27.98
C LEU B 412 2.03 0.97 -28.12
N LEU B 413 3.14 1.59 -28.49
CA LEU B 413 4.38 0.81 -28.65
C LEU B 413 4.86 0.23 -27.36
N GLU B 414 4.69 0.97 -26.26
CA GLU B 414 4.99 0.47 -24.95
C GLU B 414 4.11 -0.75 -24.62
N ALA B 415 2.82 -0.65 -24.92
CA ALA B 415 1.95 -1.82 -24.79
C ALA B 415 2.46 -2.99 -25.66
N MSE B 416 2.90 -2.72 -26.89
CA MSE B 416 3.39 -3.80 -27.80
C MSE B 416 4.63 -4.51 -27.27
O MSE B 416 4.68 -5.76 -27.27
CB MSE B 416 3.65 -3.28 -29.21
CG MSE B 416 2.46 -3.26 -30.15
SE MSE B 416 2.69 -1.98 -31.64
CE MSE B 416 4.60 -1.95 -31.81
N HIS B 417 5.63 -3.72 -26.86
CA HIS B 417 6.90 -4.17 -26.30
C HIS B 417 6.69 -5.11 -25.15
N LYS B 418 5.71 -4.83 -24.29
CA LYS B 418 5.39 -5.78 -23.25
C LYS B 418 4.78 -7.06 -23.84
N ASP B 419 3.97 -6.92 -24.89
CA ASP B 419 3.31 -8.07 -25.51
C ASP B 419 4.26 -8.89 -26.38
N TRP B 420 5.23 -8.23 -27.00
CA TRP B 420 6.06 -8.93 -27.94
C TRP B 420 7.52 -8.62 -27.73
N ARG B 421 8.27 -9.67 -27.37
CA ARG B 421 9.73 -9.63 -27.30
C ARG B 421 10.40 -10.89 -27.84
N THR B 427 12.06 -3.93 -36.92
CA THR B 427 12.10 -3.48 -35.55
C THR B 427 12.28 -1.96 -35.42
N VAL B 428 12.25 -1.25 -36.53
CA VAL B 428 12.15 0.19 -36.50
C VAL B 428 10.80 0.63 -37.11
N LEU B 429 10.08 1.45 -36.36
CA LEU B 429 8.74 1.91 -36.74
C LEU B 429 8.71 2.53 -38.16
N ARG B 430 7.83 2.01 -39.01
CA ARG B 430 7.58 2.71 -40.29
C ARG B 430 6.22 3.43 -40.19
N VAL B 431 6.08 4.53 -40.89
CA VAL B 431 5.02 5.47 -40.64
C VAL B 431 4.51 5.97 -42.01
N ASP B 432 3.20 6.14 -42.17
CA ASP B 432 2.62 6.65 -43.43
C ASP B 432 1.34 7.41 -43.11
N GLY B 433 0.60 7.83 -44.14
CA GLY B 433 -0.49 8.77 -43.92
C GLY B 433 -0.08 10.24 -44.03
N GLY B 434 -0.97 11.06 -44.60
CA GLY B 434 -0.77 12.50 -44.72
C GLY B 434 0.08 13.13 -43.62
N MSE B 435 -0.37 13.03 -42.39
CA MSE B 435 0.30 13.68 -41.25
C MSE B 435 1.85 13.60 -41.28
O MSE B 435 2.52 14.47 -40.75
CB MSE B 435 -0.19 13.04 -39.95
CG MSE B 435 -0.40 13.99 -38.77
SE MSE B 435 -2.13 13.51 -37.84
CE MSE B 435 -3.31 13.66 -39.40
N VAL B 436 2.39 12.54 -41.89
CA VAL B 436 3.79 12.25 -41.72
C VAL B 436 4.71 13.14 -42.57
N ALA B 437 4.10 13.95 -43.43
CA ALA B 437 4.83 14.85 -44.31
C ALA B 437 5.65 15.82 -43.45
N SER B 438 4.98 16.34 -42.42
CA SER B 438 5.54 17.20 -41.40
C SER B 438 6.74 16.59 -40.73
N ASP B 439 7.89 17.23 -40.95
CA ASP B 439 9.11 16.77 -40.36
C ASP B 439 9.12 17.10 -38.87
N TRP B 440 8.49 18.22 -38.53
CA TRP B 440 8.44 18.60 -37.14
C TRP B 440 7.76 17.46 -36.41
N THR B 441 6.57 17.09 -36.86
CA THR B 441 5.79 16.01 -36.19
C THR B 441 6.60 14.73 -35.93
N MSE B 442 7.33 14.32 -36.96
CA MSE B 442 7.96 13.01 -36.96
C MSE B 442 9.25 13.00 -36.15
O MSE B 442 9.59 11.97 -35.52
CB MSE B 442 8.19 12.54 -38.38
CG MSE B 442 6.89 12.28 -39.14
SE MSE B 442 5.97 10.68 -38.46
CE MSE B 442 4.37 11.54 -37.71
N GLN B 443 9.96 14.13 -36.17
CA GLN B 443 11.10 14.39 -35.28
C GLN B 443 10.60 14.40 -33.84
N ARG B 444 9.56 15.19 -33.61
CA ARG B 444 8.84 15.18 -32.33
C ARG B 444 8.45 13.76 -31.94
N LEU B 445 8.04 12.94 -32.93
CA LEU B 445 7.68 11.57 -32.66
C LEU B 445 8.89 10.78 -32.22
N SER B 446 9.99 10.89 -32.97
CA SER B 446 11.20 10.15 -32.63
C SER B 446 11.68 10.51 -31.21
N ASP B 447 11.56 11.79 -30.90
CA ASP B 447 12.06 12.29 -29.60
C ASP B 447 11.30 11.66 -28.48
N LEU B 448 9.99 11.62 -28.65
CA LEU B 448 9.15 11.18 -27.58
C LEU B 448 9.28 9.66 -27.46
N LEU B 449 9.41 8.98 -28.59
CA LEU B 449 9.69 7.53 -28.58
C LEU B 449 11.02 7.13 -27.93
N ASP B 450 11.99 8.04 -27.99
CA ASP B 450 13.40 7.74 -27.78
C ASP B 450 13.80 6.57 -28.67
N ALA B 451 13.52 6.70 -29.96
CA ALA B 451 13.72 5.61 -30.97
C ALA B 451 13.65 6.18 -32.37
N PRO B 452 14.26 5.51 -33.38
CA PRO B 452 14.15 6.03 -34.75
C PRO B 452 12.78 5.74 -35.40
N VAL B 453 12.42 6.59 -36.34
CA VAL B 453 11.17 6.52 -37.07
C VAL B 453 11.48 6.60 -38.55
N ASP B 454 11.07 5.58 -39.30
CA ASP B 454 11.33 5.45 -40.75
C ASP B 454 10.17 5.92 -41.60
N ARG B 455 10.45 6.82 -42.53
CA ARG B 455 9.42 7.28 -43.40
C ARG B 455 9.67 6.82 -44.83
N PRO B 456 8.62 6.34 -45.52
CA PRO B 456 8.78 5.81 -46.88
C PRO B 456 8.67 6.90 -47.96
N VAL B 457 9.36 6.71 -49.10
CA VAL B 457 9.23 7.65 -50.23
C VAL B 457 7.77 7.79 -50.67
N ILE B 458 7.10 6.66 -50.82
CA ILE B 458 5.68 6.67 -51.11
C ILE B 458 4.91 6.58 -49.80
N LEU B 459 4.10 7.60 -49.57
CA LEU B 459 3.26 7.70 -48.38
C LEU B 459 1.86 7.07 -48.52
N GLU B 460 1.46 6.77 -49.74
CA GLU B 460 0.16 6.09 -49.97
C GLU B 460 0.44 4.58 -49.95
N THR B 461 0.83 4.08 -48.78
CA THR B 461 1.21 2.70 -48.68
C THR B 461 -0.04 1.81 -48.59
N THR B 462 -1.17 2.36 -48.13
CA THR B 462 -2.34 1.55 -48.03
C THR B 462 -2.75 1.13 -49.45
N ALA B 463 -2.90 2.12 -50.34
CA ALA B 463 -3.09 1.91 -51.77
C ALA B 463 -2.05 0.99 -52.40
N LEU B 464 -0.78 1.19 -52.07
CA LEU B 464 0.27 0.43 -52.70
C LEU B 464 0.21 -1.01 -52.29
N GLY B 465 -0.11 -1.24 -51.01
CA GLY B 465 -0.20 -2.58 -50.48
C GLY B 465 -1.26 -3.41 -51.17
N VAL B 466 -2.40 -2.81 -51.43
CA VAL B 466 -3.45 -3.54 -52.11
C VAL B 466 -3.18 -3.64 -53.63
N ALA B 467 -2.52 -2.64 -54.21
CA ALA B 467 -2.05 -2.66 -55.60
C ALA B 467 -1.18 -3.86 -55.80
N TRP B 468 -0.27 -4.10 -54.85
CA TRP B 468 0.65 -5.23 -54.95
C TRP B 468 -0.09 -6.57 -54.78
N LEU B 469 -1.09 -6.64 -53.92
CA LEU B 469 -1.83 -7.87 -53.78
C LEU B 469 -2.31 -8.23 -55.17
N ALA B 470 -2.84 -7.24 -55.86
CA ALA B 470 -3.49 -7.45 -57.12
C ALA B 470 -2.48 -7.74 -58.24
N GLY B 471 -1.39 -6.98 -58.27
CA GLY B 471 -0.38 -7.12 -59.31
C GLY B 471 0.36 -8.44 -59.23
N SER B 472 0.70 -8.86 -58.03
CA SER B 472 1.36 -10.15 -57.81
C SER B 472 0.45 -11.25 -58.29
N ARG B 473 -0.82 -11.20 -57.90
CA ARG B 473 -1.70 -12.26 -58.30
C ARG B 473 -1.89 -12.25 -59.81
N ALA B 474 -1.87 -11.06 -60.40
CA ALA B 474 -2.11 -10.90 -61.83
C ALA B 474 -0.87 -11.37 -62.61
N GLY B 475 0.27 -11.42 -61.93
CA GLY B 475 1.52 -11.84 -62.57
C GLY B 475 2.30 -10.76 -63.30
N VAL B 476 1.91 -9.49 -63.13
CA VAL B 476 2.59 -8.35 -63.73
C VAL B 476 3.47 -7.53 -62.79
N TRP B 477 3.39 -7.77 -61.47
CA TRP B 477 4.29 -7.14 -60.49
C TRP B 477 5.07 -8.24 -59.81
N PRO B 478 6.19 -7.90 -59.16
CA PRO B 478 7.05 -8.88 -58.51
C PRO B 478 6.45 -9.53 -57.26
N ASN B 479 7.06 -10.61 -56.81
CA ASN B 479 6.59 -11.35 -55.64
C ASN B 479 6.93 -10.69 -54.33
N GLN B 480 6.61 -11.38 -53.23
CA GLN B 480 6.69 -10.77 -51.90
C GLN B 480 8.09 -10.31 -51.50
N GLU B 481 9.10 -11.15 -51.71
CA GLU B 481 10.47 -10.74 -51.38
C GLU B 481 11.03 -9.65 -52.28
N ALA B 482 10.71 -9.70 -53.57
CA ALA B 482 11.10 -8.61 -54.46
C ALA B 482 10.42 -7.30 -54.07
N PHE B 483 9.10 -7.35 -53.86
CA PHE B 483 8.37 -6.20 -53.31
C PHE B 483 8.96 -5.73 -51.99
N ALA B 484 9.38 -6.65 -51.12
CA ALA B 484 9.98 -6.29 -49.84
C ALA B 484 11.27 -5.53 -50.04
N LYS B 485 12.18 -6.09 -50.86
CA LYS B 485 13.50 -5.48 -51.10
C LYS B 485 13.41 -4.08 -51.68
N SER B 486 12.34 -3.84 -52.42
CA SER B 486 12.16 -2.60 -53.15
C SER B 486 11.62 -1.46 -52.26
N TRP B 487 11.40 -1.75 -50.98
CA TRP B 487 10.89 -0.71 -50.10
C TRP B 487 11.89 0.43 -49.96
N ALA B 488 11.37 1.64 -50.10
CA ALA B 488 12.15 2.83 -50.37
C ALA B 488 12.15 3.83 -49.22
N ARG B 489 13.21 3.87 -48.41
CA ARG B 489 13.25 4.80 -47.28
C ARG B 489 13.54 6.21 -47.72
N ASP B 490 12.70 7.15 -47.28
CA ASP B 490 12.96 8.56 -47.53
C ASP B 490 13.78 9.17 -46.39
N ARG B 491 13.56 8.73 -45.15
CA ARG B 491 14.22 9.34 -43.97
C ARG B 491 14.14 8.39 -42.78
N ARG B 492 15.28 8.21 -42.10
CA ARG B 492 15.27 7.68 -40.73
C ARG B 492 15.37 8.82 -39.71
N PHE B 493 14.27 9.13 -39.03
CA PHE B 493 14.27 10.19 -38.03
C PHE B 493 14.92 9.65 -36.77
N GLU B 494 15.69 10.52 -36.11
CA GLU B 494 16.47 10.09 -34.96
C GLU B 494 16.18 10.92 -33.73
N PRO B 495 16.23 10.30 -32.54
CA PRO B 495 15.95 11.07 -31.35
C PRO B 495 17.13 11.97 -30.95
N HIS B 496 16.84 13.26 -30.76
CA HIS B 496 17.78 14.29 -30.28
C HIS B 496 17.05 15.22 -29.36
N MSE B 497 16.48 14.66 -28.32
CA MSE B 497 15.90 15.44 -27.28
C MSE B 497 16.67 14.99 -26.09
O MSE B 497 17.08 13.82 -26.01
CB MSE B 497 14.41 15.08 -27.13
CG MSE B 497 13.69 15.91 -26.10
SE MSE B 497 11.78 15.46 -25.94
CE MSE B 497 11.11 16.54 -27.44
N ASP B 498 16.89 15.89 -25.15
CA ASP B 498 17.66 15.48 -23.99
C ASP B 498 16.77 14.85 -22.95
N GLU B 499 17.24 13.75 -22.36
CA GLU B 499 16.54 13.07 -21.28
C GLU B 499 15.72 14.08 -20.44
N ALA B 500 16.31 15.26 -20.20
CA ALA B 500 15.68 16.27 -19.33
C ALA B 500 14.31 16.67 -19.80
N THR B 501 14.25 17.27 -20.98
CA THR B 501 13.02 17.72 -21.54
C THR B 501 12.11 16.47 -21.74
N ARG B 502 12.69 15.37 -22.24
CA ARG B 502 11.89 14.18 -22.50
C ARG B 502 11.09 13.85 -21.26
N LYS B 503 11.75 13.78 -20.11
CA LYS B 503 11.10 13.39 -18.86
C LYS B 503 9.91 14.24 -18.52
N VAL B 504 10.04 15.57 -18.63
CA VAL B 504 9.00 16.52 -18.29
C VAL B 504 7.76 16.34 -19.19
N LYS B 505 7.98 16.26 -20.48
CA LYS B 505 6.87 16.02 -21.42
C LYS B 505 6.10 14.73 -21.11
N LEU B 506 6.82 13.64 -20.98
CA LEU B 506 6.22 12.37 -20.76
C LEU B 506 5.43 12.36 -19.48
N LYS B 507 5.97 13.03 -18.45
CA LYS B 507 5.34 13.11 -17.14
C LYS B 507 4.03 13.90 -17.22
N GLY B 508 4.02 14.95 -18.02
CA GLY B 508 2.84 15.79 -18.13
C GLY B 508 1.75 14.98 -18.84
N TRP B 509 2.19 14.20 -19.83
CA TRP B 509 1.23 13.39 -20.56
C TRP B 509 0.62 12.33 -19.73
N ARG B 510 1.39 11.62 -18.91
CA ARG B 510 0.85 10.60 -17.98
C ARG B 510 -0.15 11.20 -17.02
N SER B 511 0.12 12.43 -16.61
CA SER B 511 -0.75 13.15 -15.70
C SER B 511 -2.07 13.56 -16.40
N ALA B 512 -1.96 14.07 -17.63
CA ALA B 512 -3.10 14.42 -18.43
C ALA B 512 -4.00 13.20 -18.62
N VAL B 513 -3.42 12.04 -18.90
CA VAL B 513 -4.16 10.77 -19.10
C VAL B 513 -4.83 10.32 -17.81
N LYS B 514 -4.11 10.30 -16.68
CA LYS B 514 -4.79 9.94 -15.45
C LYS B 514 -5.99 10.83 -15.15
N ARG B 515 -5.82 12.14 -15.31
CA ARG B 515 -6.90 13.11 -15.03
C ARG B 515 -8.11 12.98 -15.95
N THR B 516 -7.89 12.56 -17.20
CA THR B 516 -8.93 12.29 -18.15
C THR B 516 -9.64 10.97 -17.79
N LEU B 517 -8.90 9.95 -17.32
CA LEU B 517 -9.43 8.57 -17.14
C LEU B 517 -10.18 8.35 -15.84
N ILE B 518 -9.88 9.18 -14.86
CA ILE B 518 -10.45 9.06 -13.55
C ILE B 518 -11.97 9.26 -13.53
N ALA B 519 -12.65 8.44 -12.72
CA ALA B 519 -14.08 8.55 -12.57
C ALA B 519 -14.38 9.82 -11.81
N HIS C 7 -36.13 66.91 -8.02
CA HIS C 7 -37.55 67.12 -7.88
C HIS C 7 -38.00 68.53 -7.55
N SER C 8 -38.29 69.38 -8.53
CA SER C 8 -38.47 70.80 -8.23
C SER C 8 -39.82 71.42 -8.47
N SER C 9 -40.36 72.08 -7.45
CA SER C 9 -41.63 72.76 -7.62
C SER C 9 -41.65 74.27 -7.52
N GLY C 10 -40.60 74.86 -6.98
CA GLY C 10 -40.53 76.31 -6.89
C GLY C 10 -41.45 76.93 -5.86
N VAL C 11 -42.07 76.13 -5.02
CA VAL C 11 -42.83 76.66 -3.92
C VAL C 11 -41.94 77.30 -2.86
N ASP C 12 -40.86 76.62 -2.51
CA ASP C 12 -39.98 77.05 -1.44
C ASP C 12 -38.53 76.97 -1.86
N LEU C 13 -38.01 78.06 -2.37
CA LEU C 13 -36.68 78.08 -2.92
C LEU C 13 -35.66 77.74 -1.87
N GLY C 14 -35.84 78.21 -0.64
CA GLY C 14 -34.87 77.96 0.37
C GLY C 14 -34.71 76.50 0.64
N THR C 15 -35.81 75.77 0.73
CA THR C 15 -35.76 74.34 0.87
C THR C 15 -35.15 73.64 -0.33
N GLU C 16 -35.48 74.12 -1.51
CA GLU C 16 -34.94 73.56 -2.72
C GLU C 16 -33.44 73.72 -2.81
N ASN C 17 -32.95 74.86 -2.35
CA ASN C 17 -31.53 75.18 -2.38
C ASN C 17 -30.70 74.22 -1.54
N LEU C 18 -31.29 73.66 -0.50
CA LEU C 18 -30.61 72.68 0.32
C LEU C 18 -30.02 71.56 -0.50
N TYR C 19 -30.68 71.26 -1.61
CA TYR C 19 -30.28 70.24 -2.56
C TYR C 19 -29.19 70.72 -3.56
N PHE C 20 -29.41 71.89 -4.17
CA PHE C 20 -28.45 72.55 -5.05
C PHE C 20 -27.16 72.72 -4.26
N GLN C 21 -27.33 73.04 -2.98
CA GLN C 21 -26.26 73.37 -2.04
C GLN C 21 -25.42 72.14 -1.68
N SER C 22 -26.10 71.13 -1.12
CA SER C 22 -25.47 69.84 -0.82
C SER C 22 -24.70 69.34 -2.04
N MSE C 23 -25.26 69.58 -3.22
CA MSE C 23 -24.64 69.20 -4.50
C MSE C 23 -23.30 69.93 -4.77
O MSE C 23 -22.23 69.28 -4.71
CB MSE C 23 -25.64 69.36 -5.63
CG MSE C 23 -25.08 69.05 -6.97
SE MSE C 23 -26.42 69.27 -8.37
CE MSE C 23 -25.28 70.19 -9.69
N MSE C 24 -23.35 71.22 -5.08
CA MSE C 24 -22.15 72.04 -5.22
C MSE C 24 -21.33 71.96 -3.92
O MSE C 24 -21.90 71.77 -2.86
CB MSE C 24 -22.52 73.50 -5.55
N GLY C 25 -20.00 72.08 -4.01
CA GLY C 25 -19.16 71.89 -2.81
C GLY C 25 -19.41 70.60 -2.03
N GLY C 26 -19.91 69.58 -2.74
CA GLY C 26 -19.92 68.19 -2.25
C GLY C 26 -19.33 67.25 -3.30
N TYR C 27 -18.66 67.82 -4.29
CA TYR C 27 -18.02 67.03 -5.35
C TYR C 27 -16.87 66.22 -4.79
N ILE C 28 -17.00 64.90 -4.84
CA ILE C 28 -15.87 64.04 -4.51
C ILE C 28 -15.27 63.44 -5.76
N LEU C 29 -13.96 63.53 -5.85
CA LEU C 29 -13.23 62.91 -6.93
C LEU C 29 -12.67 61.58 -6.41
N ALA C 30 -13.08 60.50 -7.08
CA ALA C 30 -12.67 59.14 -6.74
C ALA C 30 -11.74 58.62 -7.80
N ILE C 31 -10.58 58.14 -7.37
CA ILE C 31 -9.64 57.58 -8.33
C ILE C 31 -9.52 56.07 -8.13
N ASP C 32 -9.92 55.30 -9.13
CA ASP C 32 -9.89 53.82 -9.03
C ASP C 32 -8.81 53.37 -9.98
N GLN C 33 -7.64 53.14 -9.42
CA GLN C 33 -6.51 52.68 -10.20
C GLN C 33 -6.54 51.15 -10.28
N GLY C 34 -7.18 50.60 -11.29
CA GLY C 34 -7.42 49.16 -11.33
C GLY C 34 -6.30 48.27 -11.86
N THR C 35 -6.59 46.98 -11.96
CA THR C 35 -5.65 46.04 -12.53
C THR C 35 -5.35 46.26 -14.01
N THR C 36 -6.34 46.66 -14.78
CA THR C 36 -6.14 46.74 -16.23
C THR C 36 -6.49 48.09 -16.83
N SER C 37 -7.14 48.93 -16.04
CA SER C 37 -7.31 50.35 -16.38
C SER C 37 -7.46 51.21 -15.13
N THR C 38 -7.36 52.52 -15.31
CA THR C 38 -7.62 53.48 -14.26
C THR C 38 -8.92 54.24 -14.56
N ARG C 39 -9.78 54.32 -13.58
CA ARG C 39 -10.98 55.08 -13.75
C ARG C 39 -10.98 56.26 -12.80
N ALA C 40 -11.30 57.45 -13.31
CA ALA C 40 -11.65 58.56 -12.43
C ALA C 40 -13.13 58.97 -12.52
N ILE C 41 -13.76 59.05 -11.36
CA ILE C 41 -15.15 59.47 -11.31
C ILE C 41 -15.43 60.66 -10.36
N VAL C 42 -16.04 61.74 -10.89
CA VAL C 42 -16.55 62.77 -9.96
C VAL C 42 -18.00 62.49 -9.53
N PHE C 43 -18.22 62.42 -8.23
CA PHE C 43 -19.55 62.35 -7.64
C PHE C 43 -19.93 63.76 -7.18
N ASP C 44 -21.22 64.08 -7.19
CA ASP C 44 -21.68 65.36 -6.61
C ASP C 44 -21.95 65.19 -5.13
N GLY C 45 -22.48 66.25 -4.51
CA GLY C 45 -22.86 66.22 -3.11
C GLY C 45 -24.12 65.42 -2.89
N ASN C 46 -24.81 65.09 -3.99
CA ASN C 46 -25.95 64.15 -4.01
C ASN C 46 -25.51 62.70 -4.19
N GLN C 47 -24.22 62.50 -4.50
CA GLN C 47 -23.67 61.15 -4.65
C GLN C 47 -24.12 60.55 -5.97
N LYS C 48 -24.28 61.40 -6.96
CA LYS C 48 -24.61 60.99 -8.31
C LYS C 48 -23.36 61.23 -9.17
N ILE C 49 -23.20 60.39 -10.20
CA ILE C 49 -22.07 60.51 -11.12
C ILE C 49 -22.24 61.75 -11.99
N ALA C 50 -21.21 62.57 -12.03
CA ALA C 50 -21.22 63.83 -12.76
C ALA C 50 -20.28 63.76 -13.97
N GLY C 51 -19.22 62.96 -13.85
CA GLY C 51 -18.29 62.78 -14.98
C GLY C 51 -17.33 61.63 -14.85
N VAL C 52 -16.93 61.03 -15.98
CA VAL C 52 -16.12 59.83 -15.91
C VAL C 52 -14.97 59.83 -16.90
N GLY C 53 -13.78 59.48 -16.39
CA GLY C 53 -12.56 59.28 -17.18
C GLY C 53 -11.95 57.88 -16.94
N GLN C 54 -11.65 57.17 -18.02
CA GLN C 54 -11.08 55.83 -17.92
C GLN C 54 -10.00 55.62 -18.97
N LYS C 55 -8.88 55.04 -18.55
CA LYS C 55 -7.78 54.74 -19.46
C LYS C 55 -7.07 53.40 -19.14
N GLU C 56 -7.02 52.51 -20.13
CA GLU C 56 -6.25 51.28 -20.03
C GLU C 56 -4.76 51.64 -20.06
N PHE C 57 -3.96 50.79 -19.43
CA PHE C 57 -2.52 50.85 -19.53
C PHE C 57 -1.97 49.44 -19.74
N LYS C 58 -0.76 49.38 -20.28
CA LYS C 58 -0.12 48.13 -20.63
C LYS C 58 0.10 47.14 -19.46
N GLN C 59 -0.19 45.86 -19.75
CA GLN C 59 0.08 44.69 -18.93
C GLN C 59 1.33 43.97 -19.47
N HIS C 60 2.43 43.99 -18.73
CA HIS C 60 3.63 43.30 -19.18
C HIS C 60 3.76 41.95 -18.52
N PHE C 61 4.25 41.02 -19.33
CA PHE C 61 4.54 39.68 -18.92
C PHE C 61 6.00 39.42 -19.30
N PRO C 62 6.93 39.64 -18.34
CA PRO C 62 8.34 39.33 -18.68
C PRO C 62 8.61 37.82 -18.80
N LYS C 63 7.92 37.01 -18.00
CA LYS C 63 8.03 35.53 -18.05
C LYS C 63 6.61 35.02 -17.86
N SER C 64 6.42 33.72 -18.03
CA SER C 64 5.11 33.07 -17.87
C SER C 64 4.66 33.08 -16.42
N GLY C 65 3.46 33.55 -16.15
CA GLY C 65 3.07 33.69 -14.74
C GLY C 65 3.57 34.98 -14.09
N TRP C 66 4.48 35.73 -14.74
CA TRP C 66 4.90 37.08 -14.29
C TRP C 66 4.04 38.18 -14.88
N VAL C 67 3.62 39.09 -14.02
CA VAL C 67 2.76 40.21 -14.42
C VAL C 67 3.26 41.54 -13.81
N GLU C 68 3.45 42.53 -14.65
CA GLU C 68 4.03 43.80 -14.26
C GLU C 68 3.28 44.95 -14.95
N HIS C 69 3.28 46.08 -14.25
CA HIS C 69 2.89 47.40 -14.72
C HIS C 69 4.02 48.44 -14.68
N ASP C 70 4.11 49.20 -15.77
CA ASP C 70 4.92 50.40 -15.78
C ASP C 70 4.30 51.47 -14.85
N PRO C 71 4.92 51.72 -13.67
CA PRO C 71 4.31 52.68 -12.73
C PRO C 71 4.18 54.13 -13.26
N GLU C 72 5.06 54.54 -14.16
CA GLU C 72 4.93 55.84 -14.84
C GLU C 72 3.70 55.89 -15.75
N GLU C 73 3.45 54.79 -16.46
CA GLU C 73 2.26 54.69 -17.30
C GLU C 73 1.04 54.81 -16.41
N ILE C 74 0.96 54.00 -15.36
CA ILE C 74 -0.12 54.08 -14.39
C ILE C 74 -0.36 55.53 -13.99
N TRP C 75 0.71 56.20 -13.59
CA TRP C 75 0.60 57.55 -13.09
C TRP C 75 -0.03 58.56 -14.10
N GLN C 76 0.38 58.45 -15.37
CA GLN C 76 -0.04 59.33 -16.44
C GLN C 76 -1.52 59.09 -16.70
N THR C 77 -1.91 57.85 -16.46
CA THR C 77 -3.26 57.36 -16.59
C THR C 77 -4.18 58.05 -15.56
N VAL C 78 -3.64 58.29 -14.37
CA VAL C 78 -4.34 58.93 -13.29
C VAL C 78 -4.50 60.40 -13.64
N VAL C 79 -3.54 60.92 -14.38
CA VAL C 79 -3.54 62.33 -14.74
C VAL C 79 -4.56 62.59 -15.86
N SER C 80 -4.41 61.90 -16.99
CA SER C 80 -5.27 62.15 -18.11
C SER C 80 -6.70 61.91 -17.66
N THR C 81 -6.84 60.92 -16.77
CA THR C 81 -8.13 60.41 -16.35
C THR C 81 -8.91 61.36 -15.42
N VAL C 82 -8.20 62.02 -14.51
CA VAL C 82 -8.84 63.07 -13.72
C VAL C 82 -9.24 64.24 -14.62
N LYS C 83 -8.34 64.64 -15.52
CA LYS C 83 -8.54 65.83 -16.34
C LYS C 83 -9.81 65.67 -17.16
N GLU C 84 -10.13 64.42 -17.47
CA GLU C 84 -11.27 64.07 -18.31
C GLU C 84 -12.56 63.92 -17.49
N ALA C 85 -12.46 63.48 -16.22
CA ALA C 85 -13.66 63.38 -15.36
C ALA C 85 -14.18 64.77 -14.96
N ILE C 86 -13.32 65.77 -15.10
CA ILE C 86 -13.66 67.15 -14.76
C ILE C 86 -14.37 67.87 -15.92
N GLU C 87 -13.74 67.94 -17.10
CA GLU C 87 -14.41 68.54 -18.28
C GLU C 87 -15.60 67.71 -18.80
N LYS C 88 -15.90 66.61 -18.14
CA LYS C 88 -17.15 65.91 -18.37
C LYS C 88 -18.16 66.31 -17.27
N SER C 89 -17.64 66.66 -16.10
CA SER C 89 -18.47 67.13 -14.99
C SER C 89 -18.99 68.57 -15.22
N GLY C 90 -18.33 69.29 -16.13
CA GLY C 90 -18.66 70.69 -16.44
C GLY C 90 -17.99 71.71 -15.54
N ILE C 91 -17.23 71.22 -14.55
CA ILE C 91 -16.70 72.04 -13.44
C ILE C 91 -15.17 72.24 -13.46
N THR C 92 -14.63 72.75 -12.36
CA THR C 92 -13.17 72.90 -12.28
C THR C 92 -12.62 72.28 -11.03
N ALA C 93 -11.32 72.07 -11.05
CA ALA C 93 -10.61 71.48 -9.94
C ALA C 93 -10.81 72.26 -8.63
N ASN C 94 -11.14 73.55 -8.75
CA ASN C 94 -11.32 74.41 -7.58
C ASN C 94 -12.57 74.04 -6.80
N ASP C 95 -13.56 73.55 -7.55
CA ASP C 95 -14.88 73.15 -7.06
C ASP C 95 -14.88 71.79 -6.30
N ILE C 96 -13.93 70.90 -6.66
CA ILE C 96 -13.79 69.58 -6.01
C ILE C 96 -13.58 69.81 -4.51
N ALA C 97 -14.38 69.14 -3.67
CA ALA C 97 -14.20 69.13 -2.21
C ALA C 97 -12.97 68.34 -1.75
N ALA C 98 -13.03 67.02 -1.92
CA ALA C 98 -11.97 66.11 -1.48
C ALA C 98 -11.71 65.06 -2.54
N ILE C 99 -10.62 64.33 -2.41
CA ILE C 99 -10.25 63.27 -3.34
C ILE C 99 -10.23 61.96 -2.59
N GLY C 100 -10.85 60.95 -3.19
CA GLY C 100 -10.77 59.57 -2.74
C GLY C 100 -9.96 58.66 -3.67
N ILE C 101 -9.18 57.76 -3.07
CA ILE C 101 -8.26 56.88 -3.80
C ILE C 101 -8.47 55.41 -3.46
N THR C 102 -8.85 54.62 -4.49
CA THR C 102 -8.78 53.15 -4.43
C THR C 102 -7.87 52.54 -5.47
N ASN C 103 -7.47 51.31 -5.20
CA ASN C 103 -6.37 50.68 -5.95
C ASN C 103 -6.46 49.16 -6.07
N GLN C 104 -6.04 48.61 -7.21
CA GLN C 104 -5.64 47.20 -7.25
C GLN C 104 -4.74 47.03 -6.02
N ARG C 105 -5.07 46.04 -5.16
CA ARG C 105 -4.30 45.75 -3.95
C ARG C 105 -3.15 44.78 -4.22
N GLU C 106 -2.36 44.54 -3.17
CA GLU C 106 -1.11 43.73 -3.18
C GLU C 106 -0.01 44.18 -4.13
N THR C 107 -0.38 44.67 -5.31
CA THR C 107 0.55 45.25 -6.28
C THR C 107 1.60 46.08 -5.54
N VAL C 108 2.87 45.91 -5.96
CA VAL C 108 4.01 46.41 -5.22
C VAL C 108 4.79 47.39 -6.07
N VAL C 109 5.09 48.54 -5.48
CA VAL C 109 6.07 49.49 -6.06
C VAL C 109 7.11 49.90 -5.02
N VAL C 110 8.30 50.18 -5.52
CA VAL C 110 9.44 50.49 -4.72
C VAL C 110 10.11 51.60 -5.48
N TRP C 111 10.28 52.73 -4.79
CA TRP C 111 10.81 53.91 -5.45
C TRP C 111 11.78 54.66 -4.55
N ASP C 112 12.53 55.54 -5.18
CA ASP C 112 13.48 56.35 -4.45
C ASP C 112 12.83 57.52 -3.69
N ARG C 113 13.12 57.65 -2.40
CA ARG C 113 12.59 58.73 -1.60
C ARG C 113 12.90 60.11 -2.23
N GLU C 114 14.14 60.37 -2.58
CA GLU C 114 14.49 61.64 -3.22
C GLU C 114 13.88 61.78 -4.61
N THR C 115 14.27 60.89 -5.53
CA THR C 115 14.00 61.07 -6.94
C THR C 115 12.56 60.70 -7.23
N GLY C 116 12.00 59.82 -6.41
CA GLY C 116 10.66 59.29 -6.65
C GLY C 116 10.58 58.31 -7.82
N LYS C 117 11.72 58.10 -8.50
CA LYS C 117 11.84 57.17 -9.60
C LYS C 117 11.73 55.72 -9.14
N PRO C 118 10.87 54.93 -9.83
CA PRO C 118 10.74 53.52 -9.46
C PRO C 118 12.06 52.81 -9.73
N ILE C 119 12.38 51.92 -8.79
CA ILE C 119 13.52 50.99 -8.86
C ILE C 119 13.30 49.84 -9.89
N HIS C 120 12.05 49.64 -10.30
CA HIS C 120 11.62 48.48 -11.10
C HIS C 120 10.14 48.72 -11.37
N ASN C 121 9.61 48.00 -12.37
CA ASN C 121 8.20 48.00 -12.66
C ASN C 121 7.50 47.58 -11.37
N ALA C 122 6.24 47.97 -11.23
CA ALA C 122 5.37 47.39 -10.22
C ALA C 122 5.17 45.91 -10.50
N ILE C 123 5.02 45.15 -9.41
CA ILE C 123 4.81 43.74 -9.54
C ILE C 123 3.39 43.48 -9.06
N VAL C 124 2.55 42.98 -9.97
CA VAL C 124 1.12 43.06 -9.78
C VAL C 124 0.71 41.90 -8.90
N TRP C 125 -0.41 42.09 -8.21
CA TRP C 125 -0.98 41.02 -7.37
C TRP C 125 -1.11 39.68 -8.12
N GLN C 126 -1.20 39.76 -9.44
CA GLN C 126 -1.39 38.61 -10.31
C GLN C 126 -0.11 37.78 -10.45
N ASP C 127 1.03 38.40 -10.12
CA ASP C 127 2.36 37.84 -10.37
C ASP C 127 2.63 36.59 -9.51
N ARG C 128 3.18 35.58 -10.15
CA ARG C 128 3.41 34.35 -9.43
C ARG C 128 4.87 34.03 -9.25
N ARG C 129 5.78 34.95 -9.58
CA ARG C 129 7.21 34.61 -9.60
C ARG C 129 7.76 33.96 -8.33
N THR C 130 7.16 34.22 -7.16
CA THR C 130 7.71 33.81 -5.86
C THR C 130 7.16 32.48 -5.37
N ALA C 131 6.56 31.69 -6.27
CA ALA C 131 6.02 30.35 -5.86
C ALA C 131 6.98 29.50 -5.10
N ALA C 132 8.20 29.41 -5.61
CA ALA C 132 9.12 28.40 -5.04
C ALA C 132 9.62 28.88 -3.66
N PHE C 133 9.99 30.15 -3.55
CA PHE C 133 10.29 30.83 -2.27
C PHE C 133 9.15 30.68 -1.26
N CYS C 134 7.92 30.80 -1.71
CA CYS C 134 6.81 30.55 -0.81
C CYS C 134 6.87 29.13 -0.25
N ASP C 135 7.03 28.14 -1.12
CA ASP C 135 7.27 26.76 -0.67
C ASP C 135 8.40 26.73 0.38
N LYS C 136 9.48 27.47 0.14
CA LYS C 136 10.59 27.50 1.08
C LYS C 136 10.15 27.94 2.48
N LEU C 137 9.51 29.12 2.55
CA LEU C 137 9.09 29.70 3.79
C LEU C 137 8.17 28.73 4.53
N LYS C 138 7.35 28.04 3.75
CA LYS C 138 6.45 27.04 4.30
C LYS C 138 7.22 25.88 4.88
N LYS C 139 8.35 25.53 4.25
CA LYS C 139 9.15 24.38 4.71
C LYS C 139 9.89 24.67 6.01
N LYS C 140 10.35 25.90 6.17
CA LYS C 140 11.00 26.30 7.42
C LYS C 140 9.97 26.48 8.55
N GLY C 141 8.74 26.01 8.32
CA GLY C 141 7.64 26.03 9.29
C GLY C 141 7.08 27.41 9.62
N LEU C 142 7.32 28.38 8.73
CA LEU C 142 6.93 29.77 8.95
C LEU C 142 5.44 30.15 8.72
N GLU C 143 4.64 29.27 8.13
CA GLU C 143 3.29 29.71 7.71
C GLU C 143 2.38 30.09 8.87
N LYS C 144 2.55 29.40 9.99
CA LYS C 144 1.62 29.57 11.12
C LYS C 144 1.60 31.00 11.64
N THR C 145 2.77 31.63 11.76
CA THR C 145 2.83 33.00 12.30
C THR C 145 2.23 34.00 11.33
N PHE C 146 2.50 33.83 10.03
CA PHE C 146 1.85 34.67 9.02
C PHE C 146 0.31 34.53 9.02
N VAL C 147 -0.20 33.32 9.05
CA VAL C 147 -1.66 33.07 9.10
C VAL C 147 -2.24 33.73 10.35
N LYS C 148 -1.62 33.46 11.50
CA LYS C 148 -2.03 34.03 12.77
C LYS C 148 -2.02 35.57 12.81
N LYS C 149 -0.94 36.20 12.35
CA LYS C 149 -0.82 37.65 12.52
C LYS C 149 -1.51 38.44 11.43
N THR C 150 -1.77 37.76 10.31
CA THR C 150 -1.97 38.41 9.03
C THR C 150 -3.32 38.12 8.51
N GLY C 151 -3.83 36.93 8.82
CA GLY C 151 -5.12 36.53 8.29
C GLY C 151 -5.03 35.97 6.89
N LEU C 152 -3.80 35.94 6.37
CA LEU C 152 -3.49 35.58 5.01
C LEU C 152 -2.80 34.19 4.88
N LEU C 153 -1.90 34.07 3.93
CA LEU C 153 -1.33 32.75 3.63
C LEU C 153 0.02 32.99 2.97
N LEU C 154 0.89 32.00 3.00
CA LEU C 154 2.16 32.17 2.33
C LEU C 154 1.98 31.82 0.86
N ASP C 155 1.31 32.70 0.14
CA ASP C 155 0.97 32.54 -1.25
C ASP C 155 1.63 33.69 -1.96
N PRO C 156 2.06 33.45 -3.21
CA PRO C 156 2.70 34.49 -4.04
C PRO C 156 1.80 35.69 -4.29
N TYR C 157 0.49 35.54 -4.09
CA TYR C 157 -0.47 36.64 -4.27
C TYR C 157 -0.05 37.94 -3.55
N PHE C 158 0.40 37.81 -2.33
CA PHE C 158 0.52 39.00 -1.45
C PHE C 158 1.86 39.77 -1.61
N SER C 159 1.93 40.96 -1.02
CA SER C 159 3.10 41.84 -1.20
C SER C 159 4.46 41.36 -0.75
N GLY C 160 4.57 40.91 0.51
CA GLY C 160 5.88 40.89 1.18
C GLY C 160 6.91 40.11 0.39
N THR C 161 6.46 38.96 -0.06
CA THR C 161 7.23 38.04 -0.88
C THR C 161 7.74 38.67 -2.18
N LYS C 162 6.96 39.54 -2.78
CA LYS C 162 7.38 40.26 -3.96
C LYS C 162 8.28 41.43 -3.59
N LEU C 163 7.93 42.15 -2.53
CA LEU C 163 8.88 43.14 -1.93
C LEU C 163 10.24 42.47 -1.69
N ASN C 164 10.23 41.31 -1.02
CA ASN C 164 11.43 40.54 -0.82
C ASN C 164 12.10 40.28 -2.19
N TRP C 165 11.33 39.91 -3.23
CA TRP C 165 11.93 39.73 -4.55
C TRP C 165 12.69 40.95 -5.06
N LEU C 166 12.07 42.12 -4.96
CA LEU C 166 12.61 43.31 -5.55
C LEU C 166 13.93 43.72 -4.88
N LEU C 167 13.93 43.78 -3.55
CA LEU C 167 15.15 44.00 -2.76
C LEU C 167 16.29 43.08 -3.17
N SER C 168 15.93 41.84 -3.39
CA SER C 168 16.93 40.81 -3.52
C SER C 168 17.48 40.75 -4.92
N ASN C 169 16.65 41.03 -5.92
CA ASN C 169 17.03 40.91 -7.33
C ASN C 169 17.39 42.21 -8.03
N VAL C 170 16.89 43.35 -7.56
CA VAL C 170 17.31 44.56 -8.25
C VAL C 170 18.57 45.03 -7.60
N LYS C 171 19.60 45.24 -8.42
CA LYS C 171 20.93 45.36 -7.82
C LYS C 171 21.03 46.59 -6.92
N GLY C 172 21.57 46.38 -5.71
CA GLY C 172 21.73 47.45 -4.72
C GLY C 172 20.48 47.92 -4.00
N ALA C 173 19.36 47.25 -4.22
CA ALA C 173 18.07 47.73 -3.75
C ALA C 173 18.01 47.62 -2.25
N GLN C 174 18.39 46.44 -1.77
CA GLN C 174 18.33 46.10 -0.38
C GLN C 174 19.23 46.99 0.51
N VAL C 175 20.44 47.25 0.03
CA VAL C 175 21.39 48.16 0.67
C VAL C 175 20.79 49.53 0.84
N ARG C 176 20.14 50.01 -0.22
CA ARG C 176 19.55 51.32 -0.22
C ARG C 176 18.32 51.37 0.64
N ALA C 177 17.65 50.23 0.78
CA ALA C 177 16.44 50.21 1.56
C ALA C 177 16.83 50.46 3.02
N ALA C 178 17.92 49.80 3.40
CA ALA C 178 18.45 49.80 4.77
C ALA C 178 18.98 51.17 5.20
N LYS C 179 19.32 52.00 4.21
CA LYS C 179 19.80 53.36 4.41
C LYS C 179 18.66 54.36 4.40
N GLY C 180 17.40 53.89 4.53
CA GLY C 180 16.24 54.78 4.48
C GLY C 180 16.16 55.51 3.15
N GLU C 181 16.89 55.04 2.15
CA GLU C 181 16.77 55.64 0.81
C GLU C 181 15.55 55.16 -0.02
N LEU C 182 14.87 54.10 0.38
CA LEU C 182 13.76 53.66 -0.49
C LEU C 182 12.41 53.61 0.18
N CYS C 183 11.40 54.04 -0.56
CA CYS C 183 9.99 53.87 -0.14
C CYS C 183 9.38 52.62 -0.76
N PHE C 184 8.72 51.84 0.07
CA PHE C 184 7.84 50.79 -0.39
C PHE C 184 6.39 51.33 -0.44
N GLY C 185 5.70 51.07 -1.56
CA GLY C 185 4.26 51.27 -1.59
C GLY C 185 3.37 50.26 -2.33
N THR C 186 2.24 49.92 -1.71
CA THR C 186 1.14 49.38 -2.49
C THR C 186 0.63 50.55 -3.27
N ILE C 187 -0.34 50.35 -4.13
CA ILE C 187 -0.59 51.34 -5.17
C ILE C 187 -1.14 52.68 -4.64
N ASP C 188 -2.00 52.61 -3.62
CA ASP C 188 -2.54 53.83 -2.98
C ASP C 188 -1.39 54.76 -2.53
N THR C 189 -0.38 54.17 -1.89
CA THR C 189 0.80 54.88 -1.41
C THR C 189 1.62 55.55 -2.54
N PHE C 190 1.85 54.81 -3.61
CA PHE C 190 2.45 55.39 -4.77
C PHE C 190 1.62 56.57 -5.24
N LEU C 191 0.31 56.41 -5.15
CA LEU C 191 -0.59 57.44 -5.61
C LEU C 191 -0.55 58.65 -4.70
N ILE C 192 -0.72 58.44 -3.40
CA ILE C 192 -0.73 59.50 -2.41
C ILE C 192 0.58 60.29 -2.51
N TRP C 193 1.67 59.57 -2.71
CA TRP C 193 3.00 60.15 -2.83
C TRP C 193 3.15 61.13 -3.97
N ARG C 194 2.66 60.79 -5.14
CA ARG C 194 2.90 61.60 -6.32
C ARG C 194 1.95 62.80 -6.40
N LEU C 195 0.74 62.60 -5.88
CA LEU C 195 -0.25 63.66 -5.79
C LEU C 195 0.22 64.72 -4.79
N THR C 196 0.83 64.28 -3.69
CA THR C 196 1.32 65.21 -2.67
C THR C 196 2.83 65.61 -2.83
N GLY C 197 3.36 65.49 -4.06
CA GLY C 197 4.78 65.71 -4.36
C GLY C 197 5.76 65.22 -3.31
N GLY C 198 5.50 64.03 -2.77
CA GLY C 198 6.36 63.45 -1.74
C GLY C 198 6.16 63.94 -0.31
N GLU C 199 5.15 64.79 -0.12
CA GLU C 199 4.87 65.32 1.22
C GLU C 199 4.28 64.26 2.13
N CYS C 200 3.49 63.33 1.56
CA CYS C 200 2.76 62.37 2.39
C CYS C 200 3.03 60.89 2.03
N PHE C 201 3.67 60.16 2.93
CA PHE C 201 4.09 58.79 2.66
C PHE C 201 3.20 57.86 3.45
N CYS C 202 2.10 57.48 2.81
CA CYS C 202 0.96 57.01 3.56
C CYS C 202 0.23 55.83 2.92
N THR C 203 -0.22 54.93 3.79
CA THR C 203 -1.18 53.89 3.43
C THR C 203 -2.29 53.74 4.49
N ASP C 204 -3.43 53.17 4.06
CA ASP C 204 -4.54 52.86 4.96
C ASP C 204 -4.43 51.41 5.44
N ALA C 205 -5.23 51.03 6.43
CA ALA C 205 -5.16 49.67 7.03
C ALA C 205 -5.68 48.54 6.15
N THR C 206 -6.49 48.86 5.16
CA THR C 206 -6.99 47.81 4.31
C THR C 206 -5.89 47.48 3.33
N ASN C 207 -5.35 48.49 2.63
CA ASN C 207 -4.15 48.28 1.79
C ASN C 207 -3.00 47.55 2.55
N ALA C 208 -2.62 48.06 3.72
CA ALA C 208 -1.47 47.54 4.48
C ALA C 208 -1.72 46.11 4.90
N SER C 209 -3.00 45.83 5.11
CA SER C 209 -3.59 44.49 5.40
C SER C 209 -3.15 43.34 4.51
N ARG C 210 -2.82 43.68 3.28
CA ARG C 210 -2.67 42.74 2.17
C ARG C 210 -1.20 42.39 1.88
N THR C 211 -0.32 42.92 2.73
CA THR C 211 1.10 42.95 2.47
C THR C 211 1.83 41.73 3.00
N LEU C 212 1.26 41.04 3.98
CA LEU C 212 1.99 40.01 4.73
C LEU C 212 2.94 40.56 5.79
N LEU C 213 3.03 41.89 5.92
CA LEU C 213 3.99 42.55 6.83
C LEU C 213 3.24 43.30 7.94
N TYR C 214 1.91 43.29 7.86
CA TYR C 214 1.06 44.07 8.73
C TYR C 214 0.24 43.19 9.67
N ASN C 215 0.35 43.46 10.97
CA ASN C 215 -0.42 42.73 11.98
C ASN C 215 -1.87 43.20 12.02
N ILE C 216 -2.77 42.29 11.70
CA ILE C 216 -4.21 42.56 11.64
C ILE C 216 -4.82 42.80 13.06
N ALA C 217 -4.44 41.98 14.05
CA ALA C 217 -4.87 42.14 15.44
C ALA C 217 -4.53 43.49 16.07
N GLU C 218 -3.25 43.84 16.06
CA GLU C 218 -2.74 45.00 16.81
C GLU C 218 -2.40 46.19 15.91
N ASN C 219 -2.86 46.09 14.67
CA ASN C 219 -2.79 47.17 13.68
C ASN C 219 -1.46 47.89 13.49
N ALA C 220 -0.41 47.11 13.19
CA ALA C 220 0.95 47.65 13.09
C ALA C 220 1.94 46.81 12.26
N TRP C 221 2.85 47.46 11.54
CA TRP C 221 3.96 46.77 10.88
C TRP C 221 4.61 45.81 11.88
N ASP C 222 4.69 44.53 11.53
CA ASP C 222 5.13 43.50 12.46
C ASP C 222 6.61 43.24 12.33
N ASP C 223 7.30 43.30 13.46
CA ASP C 223 8.75 43.15 13.52
C ASP C 223 9.17 41.76 13.08
N GLU C 224 8.48 40.72 13.55
CA GLU C 224 8.86 39.35 13.17
C GLU C 224 8.74 39.17 11.65
N LEU C 225 7.66 39.67 11.07
CA LEU C 225 7.36 39.36 9.67
C LEU C 225 8.33 40.10 8.77
N THR C 226 8.70 41.31 9.21
CA THR C 226 9.56 42.17 8.41
C THR C 226 10.99 41.75 8.60
N GLU C 227 11.21 40.94 9.61
CA GLU C 227 12.53 40.40 9.84
C GLU C 227 12.73 39.19 8.93
N VAL C 228 11.80 38.25 8.99
CA VAL C 228 11.77 37.08 8.14
C VAL C 228 12.01 37.49 6.67
N LEU C 229 11.23 38.48 6.21
CA LEU C 229 11.28 38.93 4.83
C LEU C 229 12.36 39.97 4.55
N ARG C 230 13.14 40.31 5.58
CA ARG C 230 14.25 41.29 5.53
C ARG C 230 13.86 42.64 4.88
N VAL C 231 12.74 43.21 5.34
CA VAL C 231 12.23 44.50 4.84
C VAL C 231 12.68 45.52 5.88
N PRO C 232 13.56 46.47 5.50
CA PRO C 232 13.87 47.51 6.48
C PRO C 232 12.58 48.25 6.93
N LYS C 233 12.44 48.46 8.25
CA LYS C 233 11.24 49.14 8.80
C LYS C 233 11.11 50.55 8.23
N GLU C 234 12.25 51.07 7.78
CA GLU C 234 12.43 52.40 7.24
C GLU C 234 11.76 52.69 5.89
N MSE C 235 11.39 51.62 5.16
CA MSE C 235 10.80 51.72 3.80
C MSE C 235 9.29 51.87 3.85
O MSE C 235 8.65 52.18 2.81
CB MSE C 235 10.91 50.41 3.03
CG MSE C 235 12.20 49.70 3.00
SE MSE C 235 11.83 48.22 1.75
CE MSE C 235 11.80 49.31 0.16
N LEU C 236 8.74 51.56 5.03
CA LEU C 236 7.32 51.32 5.18
C LEU C 236 6.60 52.64 5.41
N PRO C 237 5.33 52.70 5.04
CA PRO C 237 4.59 53.94 5.20
C PRO C 237 3.83 53.97 6.52
N GLU C 238 3.43 55.17 6.92
CA GLU C 238 2.57 55.33 8.07
C GLU C 238 1.17 54.84 7.70
N VAL C 239 0.61 53.96 8.54
CA VAL C 239 -0.75 53.42 8.35
C VAL C 239 -1.83 54.24 9.06
N LYS C 240 -2.83 54.63 8.29
CA LYS C 240 -3.91 55.48 8.71
C LYS C 240 -5.23 54.75 8.64
N ASP C 241 -6.27 55.33 9.22
CA ASP C 241 -7.66 54.93 9.00
C ASP C 241 -8.01 55.19 7.54
N CYS C 242 -9.11 54.61 7.06
CA CYS C 242 -9.52 54.86 5.67
C CYS C 242 -10.00 56.31 5.40
N ALA C 243 -10.42 57.02 6.47
CA ALA C 243 -10.85 58.43 6.38
C ALA C 243 -9.88 59.26 7.20
N ALA C 244 -9.04 60.03 6.51
CA ALA C 244 -7.99 60.78 7.21
C ALA C 244 -7.34 61.86 6.37
N ASP C 245 -6.36 62.54 6.97
CA ASP C 245 -5.60 63.53 6.23
C ASP C 245 -4.42 62.87 5.56
N PHE C 246 -4.61 62.53 4.29
CA PHE C 246 -3.52 61.97 3.48
C PHE C 246 -2.87 63.13 2.69
N GLY C 247 -3.00 64.34 3.22
CA GLY C 247 -2.34 65.49 2.63
C GLY C 247 -3.23 66.25 1.67
N VAL C 248 -2.60 66.93 0.74
CA VAL C 248 -3.28 67.83 -0.18
C VAL C 248 -2.47 67.78 -1.46
N THR C 249 -3.18 67.63 -2.56
CA THR C 249 -2.63 67.73 -3.90
C THR C 249 -1.75 68.97 -4.10
N ASP C 250 -0.53 68.75 -4.61
CA ASP C 250 0.26 69.80 -5.29
C ASP C 250 -0.58 70.43 -6.42
N PRO C 251 -0.85 71.75 -6.33
CA PRO C 251 -1.69 72.54 -7.28
C PRO C 251 -1.25 72.49 -8.75
N SER C 252 0.04 72.41 -8.99
CA SER C 252 0.60 72.22 -10.34
C SER C 252 -0.05 71.07 -11.14
N LEU C 253 -0.59 70.09 -10.40
CA LEU C 253 -1.15 68.87 -10.99
C LEU C 253 -2.40 69.12 -11.81
N PHE C 254 -3.44 69.65 -11.17
CA PHE C 254 -4.74 69.79 -11.82
C PHE C 254 -5.33 71.21 -11.73
N GLY C 255 -4.73 72.06 -10.91
CA GLY C 255 -5.03 73.48 -10.97
C GLY C 255 -5.69 73.97 -9.71
N ALA C 256 -5.51 73.21 -8.63
CA ALA C 256 -6.07 73.49 -7.31
C ALA C 256 -5.34 72.61 -6.31
N ALA C 257 -5.32 73.04 -5.05
CA ALA C 257 -4.81 72.20 -3.97
C ALA C 257 -5.97 71.46 -3.27
N ILE C 258 -6.21 70.23 -3.73
CA ILE C 258 -7.36 69.42 -3.29
C ILE C 258 -6.91 68.44 -2.23
N PRO C 259 -7.57 68.45 -1.07
CA PRO C 259 -7.18 67.51 -0.04
C PRO C 259 -7.61 66.08 -0.41
N ILE C 260 -6.85 65.09 0.06
CA ILE C 260 -7.22 63.68 -0.10
C ILE C 260 -7.57 63.08 1.24
N LEU C 261 -8.76 62.51 1.34
CA LEU C 261 -9.33 62.09 2.63
C LEU C 261 -9.80 60.62 2.73
N GLY C 262 -10.04 59.98 1.58
CA GLY C 262 -10.46 58.59 1.53
C GLY C 262 -9.46 57.69 0.82
N VAL C 263 -8.87 56.77 1.57
CA VAL C 263 -8.03 55.72 0.98
C VAL C 263 -8.50 54.32 1.42
N ALA C 264 -8.74 53.45 0.44
CA ALA C 264 -9.05 52.05 0.72
C ALA C 264 -8.62 51.15 -0.45
N GLY C 265 -8.19 49.94 -0.14
CA GLY C 265 -8.01 48.96 -1.21
C GLY C 265 -9.31 48.82 -1.99
N ASP C 266 -9.24 48.51 -3.28
CA ASP C 266 -10.45 48.50 -4.10
C ASP C 266 -11.59 47.65 -3.57
N GLN C 267 -11.31 46.41 -3.17
CA GLN C 267 -12.37 45.49 -2.78
C GLN C 267 -12.99 45.79 -1.43
N GLN C 268 -12.24 46.44 -0.54
CA GLN C 268 -12.86 46.97 0.68
C GLN C 268 -13.74 48.20 0.38
N ALA C 269 -13.22 49.09 -0.45
CA ALA C 269 -13.96 50.22 -0.95
C ALA C 269 -15.35 49.82 -1.52
N ALA C 270 -15.37 48.83 -2.43
CA ALA C 270 -16.62 48.23 -2.87
C ALA C 270 -17.45 47.68 -1.71
N THR C 271 -16.82 47.16 -0.67
CA THR C 271 -17.57 46.71 0.49
C THR C 271 -18.28 47.90 1.16
N ILE C 272 -17.63 49.05 1.20
CA ILE C 272 -18.31 50.25 1.71
C ILE C 272 -19.39 50.78 0.76
N GLY C 273 -19.06 50.92 -0.53
CA GLY C 273 -20.06 51.35 -1.53
C GLY C 273 -21.36 50.52 -1.53
N GLN C 274 -21.26 49.26 -1.16
CA GLN C 274 -22.40 48.35 -1.14
C GLN C 274 -23.12 48.34 0.22
N ALA C 275 -22.84 49.33 1.08
CA ALA C 275 -23.38 49.45 2.44
C ALA C 275 -23.22 48.23 3.37
N CYS C 276 -22.19 47.43 3.15
CA CYS C 276 -22.03 46.24 3.97
C CYS C 276 -21.30 46.54 5.26
N PHE C 277 -21.91 47.46 6.05
CA PHE C 277 -21.39 47.85 7.38
C PHE C 277 -21.78 46.87 8.45
N LYS C 278 -22.77 46.05 8.15
CA LYS C 278 -23.41 45.19 9.16
C LYS C 278 -22.87 43.78 9.09
N PRO C 279 -22.56 43.18 10.25
CA PRO C 279 -22.17 41.78 10.27
C PRO C 279 -23.09 40.91 9.41
N GLY C 280 -22.52 39.95 8.70
CA GLY C 280 -23.29 39.09 7.81
C GLY C 280 -23.45 39.67 6.42
N MSE C 281 -23.22 40.97 6.24
CA MSE C 281 -23.42 41.51 4.90
C MSE C 281 -22.28 41.19 3.94
O MSE C 281 -21.09 41.30 4.28
CB MSE C 281 -23.74 43.00 4.93
CG MSE C 281 -24.99 43.35 5.75
SE MSE C 281 -25.33 45.27 5.60
CE MSE C 281 -26.00 45.29 3.77
N LEU C 282 -22.64 40.77 2.73
CA LEU C 282 -21.66 40.26 1.80
C LEU C 282 -21.79 40.85 0.41
N LYS C 283 -20.64 41.26 -0.13
CA LYS C 283 -20.53 41.80 -1.49
C LYS C 283 -19.53 40.95 -2.28
N SER C 284 -19.70 40.89 -3.60
CA SER C 284 -18.74 40.26 -4.50
C SER C 284 -18.66 41.04 -5.83
N THR C 285 -17.42 41.39 -6.22
CA THR C 285 -17.16 42.31 -7.35
C THR C 285 -16.54 41.58 -8.50
N TYR C 286 -17.03 41.78 -9.71
CA TYR C 286 -16.57 41.07 -10.90
C TYR C 286 -15.71 41.95 -11.86
N GLY C 287 -14.44 41.62 -11.99
CA GLY C 287 -13.53 42.29 -12.92
C GLY C 287 -12.69 41.16 -13.50
N THR C 288 -11.41 41.42 -13.74
CA THR C 288 -10.53 40.35 -14.20
C THR C 288 -10.59 39.18 -13.23
N GLY C 289 -10.67 39.49 -11.95
CA GLY C 289 -10.82 38.52 -10.89
C GLY C 289 -12.19 38.72 -10.22
N CYS C 290 -12.41 37.96 -9.17
CA CYS C 290 -13.62 38.11 -8.41
C CYS C 290 -13.31 37.99 -6.91
N PHE C 291 -13.89 38.93 -6.17
CA PHE C 291 -13.54 39.09 -4.78
C PHE C 291 -14.79 39.33 -3.99
N ALA C 292 -14.95 38.47 -2.97
CA ALA C 292 -16.10 38.52 -2.11
C ALA C 292 -15.70 38.71 -0.66
N LEU C 293 -16.45 39.59 -0.01
CA LEU C 293 -16.13 40.06 1.33
C LEU C 293 -17.38 39.97 2.17
N LEU C 294 -17.25 39.27 3.28
CA LEU C 294 -18.35 39.18 4.20
C LEU C 294 -18.03 40.01 5.44
N ASN C 295 -18.91 40.95 5.77
CA ASN C 295 -18.68 41.73 6.99
C ASN C 295 -18.90 40.93 8.28
N THR C 296 -18.03 41.13 9.24
CA THR C 296 -17.81 40.22 10.33
C THR C 296 -17.65 41.11 11.58
N GLY C 297 -17.93 42.40 11.38
CA GLY C 297 -17.94 43.37 12.47
C GLY C 297 -16.60 43.40 13.17
N LYS C 298 -16.64 43.46 14.51
CA LYS C 298 -15.47 43.66 15.36
C LYS C 298 -14.68 42.38 15.63
N ASP C 299 -15.22 41.25 15.22
CA ASP C 299 -14.55 39.97 15.46
C ASP C 299 -13.77 39.43 14.25
N MSE C 300 -12.49 39.15 14.48
CA MSE C 300 -11.69 38.40 13.53
C MSE C 300 -12.19 36.97 13.54
O MSE C 300 -12.28 36.35 14.62
CB MSE C 300 -10.23 38.42 13.96
CG MSE C 300 -9.41 39.57 13.41
SE MSE C 300 -7.55 39.51 14.00
CE MSE C 300 -6.90 37.95 13.03
N VAL C 301 -12.50 36.44 12.37
CA VAL C 301 -12.97 35.06 12.26
C VAL C 301 -11.97 34.20 11.50
N ARG C 302 -11.22 33.38 12.21
CA ARG C 302 -10.23 32.50 11.58
C ARG C 302 -10.96 31.42 10.79
N SER C 303 -10.88 31.52 9.47
CA SER C 303 -11.63 30.62 8.60
C SER C 303 -11.16 29.18 8.73
N LYS C 304 -12.13 28.27 8.82
CA LYS C 304 -11.81 26.84 8.90
C LYS C 304 -12.06 26.23 7.53
N ASN C 305 -12.47 27.10 6.59
CA ASN C 305 -12.80 26.70 5.22
C ASN C 305 -12.03 27.43 4.10
N ARG C 306 -10.74 27.67 4.34
CA ARG C 306 -9.78 28.19 3.36
C ARG C 306 -10.09 29.58 2.79
N LEU C 307 -10.77 30.42 3.56
CA LEU C 307 -10.97 31.85 3.26
C LEU C 307 -9.93 32.75 3.95
N LEU C 308 -9.77 33.97 3.47
CA LEU C 308 -8.88 34.97 4.10
C LEU C 308 -9.59 35.78 5.22
N THR C 309 -8.82 36.13 6.24
CA THR C 309 -9.21 37.14 7.25
C THR C 309 -8.53 38.49 6.93
N THR C 310 -9.35 39.52 6.79
CA THR C 310 -8.75 40.77 6.42
C THR C 310 -9.38 41.94 7.16
N ILE C 311 -8.87 43.14 6.89
CA ILE C 311 -9.49 44.32 7.43
C ILE C 311 -10.47 44.88 6.39
N ALA C 312 -11.76 44.88 6.75
CA ALA C 312 -12.81 45.51 5.94
C ALA C 312 -12.73 47.04 5.88
N TYR C 313 -12.38 47.65 7.04
CA TYR C 313 -12.13 49.11 7.17
C TYR C 313 -11.78 49.51 8.60
N ARG C 314 -10.93 50.53 8.72
CA ARG C 314 -10.64 51.11 10.02
C ARG C 314 -11.19 52.52 10.03
N LEU C 315 -11.93 52.85 11.08
CA LEU C 315 -12.49 54.20 11.26
C LEU C 315 -12.25 54.69 12.66
N ASP C 316 -11.50 55.79 12.76
CA ASP C 316 -10.98 56.32 14.03
C ASP C 316 -10.56 55.24 15.03
N GLY C 317 -9.63 54.37 14.66
CA GLY C 317 -9.15 53.34 15.59
C GLY C 317 -10.13 52.21 15.83
N GLU C 318 -11.31 52.28 15.21
CA GLU C 318 -12.24 51.16 15.22
C GLU C 318 -12.03 50.29 13.97
N THR C 319 -11.63 49.04 14.17
CA THR C 319 -11.39 48.12 13.05
C THR C 319 -12.53 47.15 12.88
N THR C 320 -13.17 47.20 11.70
CA THR C 320 -14.11 46.16 11.30
C THR C 320 -13.36 45.11 10.43
N TYR C 321 -13.51 43.83 10.76
CA TYR C 321 -12.90 42.76 10.00
C TYR C 321 -13.81 42.19 8.92
N ALA C 322 -13.27 41.27 8.12
CA ALA C 322 -14.02 40.61 7.07
C ALA C 322 -13.47 39.20 6.75
N LEU C 323 -14.35 38.36 6.22
CA LEU C 323 -13.91 37.12 5.55
C LEU C 323 -13.79 37.43 4.07
N GLU C 324 -12.67 37.05 3.46
CA GLU C 324 -12.54 37.19 2.00
C GLU C 324 -12.27 35.91 1.22
N GLY C 325 -12.98 35.76 0.10
CA GLY C 325 -12.63 34.81 -0.94
C GLY C 325 -12.08 35.55 -2.15
N SER C 326 -11.02 35.03 -2.78
CA SER C 326 -10.37 35.74 -3.88
C SER C 326 -10.20 34.75 -5.01
N ILE C 327 -10.72 35.13 -6.17
CA ILE C 327 -10.67 34.25 -7.33
C ILE C 327 -9.76 34.98 -8.30
N PHE C 328 -8.70 34.34 -8.78
CA PHE C 328 -7.71 35.08 -9.56
C PHE C 328 -8.23 35.44 -10.90
N VAL C 329 -9.00 34.50 -11.46
CA VAL C 329 -9.46 34.58 -12.85
C VAL C 329 -10.96 34.48 -12.99
N ALA C 330 -11.59 35.62 -13.27
CA ALA C 330 -13.01 35.67 -13.52
C ALA C 330 -13.27 36.14 -14.97
N GLY C 331 -13.41 37.46 -15.14
CA GLY C 331 -13.53 38.11 -16.44
C GLY C 331 -12.33 37.84 -17.31
N ALA C 332 -11.15 37.61 -16.72
CA ALA C 332 -9.97 37.33 -17.55
C ALA C 332 -10.07 36.04 -18.41
N ALA C 333 -10.87 35.06 -18.00
CA ALA C 333 -11.16 33.91 -18.85
C ALA C 333 -11.86 34.34 -20.15
N VAL C 334 -12.80 35.27 -20.08
CA VAL C 334 -13.40 35.72 -21.35
C VAL C 334 -12.49 36.59 -22.15
N GLN C 335 -11.62 37.31 -21.46
CA GLN C 335 -10.55 38.07 -22.12
C GLN C 335 -9.65 37.14 -22.93
N TRP C 336 -9.40 35.97 -22.34
CA TRP C 336 -8.49 35.01 -22.90
C TRP C 336 -9.06 34.44 -24.20
N LEU C 337 -10.34 34.05 -24.17
CA LEU C 337 -11.09 33.62 -25.35
C LEU C 337 -11.05 34.60 -26.51
N ARG C 338 -11.02 35.89 -26.19
CA ARG C 338 -11.00 37.00 -27.14
C ARG C 338 -9.60 37.30 -27.76
N ASP C 339 -8.58 37.52 -26.91
CA ASP C 339 -7.23 37.99 -27.31
C ASP C 339 -6.15 36.89 -27.27
N GLY C 340 -6.34 35.86 -26.44
CA GLY C 340 -5.34 34.78 -26.35
C GLY C 340 -5.63 33.76 -27.44
N LEU C 341 -6.64 32.94 -27.19
CA LEU C 341 -7.06 31.91 -28.09
C LEU C 341 -7.68 32.46 -29.36
N LYS C 342 -8.28 33.67 -29.26
CA LYS C 342 -8.94 34.36 -30.37
C LYS C 342 -10.00 33.47 -31.07
N VAL C 343 -10.90 32.97 -30.23
CA VAL C 343 -12.02 32.11 -30.59
C VAL C 343 -13.35 32.87 -30.44
N ILE C 344 -13.33 34.07 -29.85
CA ILE C 344 -14.54 34.90 -29.79
C ILE C 344 -14.36 36.15 -30.65
N THR C 350 -20.82 38.64 -24.83
CA THR C 350 -20.32 37.30 -24.48
C THR C 350 -21.44 36.44 -23.87
N GLY C 351 -22.39 37.10 -23.21
CA GLY C 351 -23.59 36.45 -22.68
C GLY C 351 -24.49 35.92 -23.78
N SER C 352 -24.69 36.72 -24.83
CA SER C 352 -25.48 36.27 -25.99
C SER C 352 -24.91 34.96 -26.54
N LEU C 353 -23.67 34.99 -27.04
CA LEU C 353 -22.95 33.79 -27.48
C LEU C 353 -23.23 32.67 -26.52
N ALA C 354 -23.04 32.92 -25.23
CA ALA C 354 -23.24 31.91 -24.22
C ALA C 354 -24.60 31.27 -24.35
N GLU C 355 -25.65 32.10 -24.35
CA GLU C 355 -27.01 31.61 -24.39
C GLU C 355 -27.20 30.76 -25.64
N SER C 356 -26.40 31.02 -26.67
CA SER C 356 -26.54 30.33 -27.96
C SER C 356 -25.81 29.00 -28.07
N ALA C 357 -25.34 28.46 -26.94
CA ALA C 357 -24.52 27.25 -26.97
C ALA C 357 -25.37 26.02 -26.80
N ASP C 358 -24.90 24.93 -27.42
CA ASP C 358 -25.57 23.66 -27.51
C ASP C 358 -25.92 23.10 -26.13
N PRO C 359 -27.22 22.98 -25.81
CA PRO C 359 -27.71 22.61 -24.47
C PRO C 359 -27.22 21.27 -23.88
N SER C 360 -26.90 20.27 -24.70
CA SER C 360 -26.47 18.98 -24.14
C SER C 360 -24.98 18.63 -24.35
N GLN C 361 -24.18 19.63 -24.78
CA GLN C 361 -22.73 19.70 -24.57
C GLN C 361 -22.44 20.11 -23.13
N GLU C 362 -21.79 19.22 -22.39
CA GLU C 362 -21.30 19.53 -21.06
C GLU C 362 -19.80 19.87 -21.12
N VAL C 363 -19.51 21.14 -21.41
CA VAL C 363 -18.16 21.71 -21.42
C VAL C 363 -17.85 22.62 -20.19
N TYR C 364 -16.74 22.30 -19.54
CA TYR C 364 -16.32 22.97 -18.30
C TYR C 364 -14.93 23.54 -18.39
N LEU C 365 -14.78 24.80 -18.00
CA LEU C 365 -13.47 25.43 -17.94
C LEU C 365 -13.12 25.75 -16.48
N VAL C 366 -12.03 25.19 -15.96
CA VAL C 366 -11.49 25.65 -14.65
C VAL C 366 -10.30 26.60 -14.93
N PRO C 367 -10.52 27.91 -14.76
CA PRO C 367 -9.53 28.87 -15.25
C PRO C 367 -8.49 29.17 -14.19
N ALA C 368 -7.61 28.19 -13.97
CA ALA C 368 -6.50 28.21 -13.01
C ALA C 368 -5.23 28.61 -13.76
N PHE C 369 -5.39 29.57 -14.65
CA PHE C 369 -4.34 30.08 -15.52
C PHE C 369 -2.99 30.23 -14.84
N THR C 370 -2.98 30.62 -13.56
CA THR C 370 -1.80 30.41 -12.77
C THR C 370 -2.09 30.16 -11.32
N GLY C 371 -2.66 29.00 -11.05
CA GLY C 371 -3.01 28.58 -9.70
C GLY C 371 -4.43 28.94 -9.37
N LEU C 372 -4.93 28.48 -8.22
CA LEU C 372 -6.22 28.90 -7.74
C LEU C 372 -6.12 29.59 -6.38
N GLY C 373 -6.94 30.62 -6.20
CA GLY C 373 -7.08 31.23 -4.90
C GLY C 373 -8.12 30.43 -4.13
N ALA C 374 -9.04 31.18 -3.51
CA ALA C 374 -9.98 30.70 -2.54
C ALA C 374 -11.03 29.86 -3.22
N PRO C 375 -11.42 28.72 -2.62
CA PRO C 375 -10.91 28.12 -1.37
C PRO C 375 -9.84 27.07 -1.60
N HIS C 376 -9.19 27.07 -2.75
CA HIS C 376 -8.19 26.04 -3.06
C HIS C 376 -6.69 26.35 -2.68
N TRP C 377 -6.24 27.55 -2.98
CA TRP C 377 -4.86 27.92 -2.66
C TRP C 377 -3.87 26.86 -3.18
N ASP C 378 -3.93 26.64 -4.50
CA ASP C 378 -3.13 25.64 -5.18
C ASP C 378 -2.31 26.32 -6.28
N PRO C 379 -1.03 26.57 -6.01
CA PRO C 379 -0.24 27.35 -6.97
C PRO C 379 0.11 26.56 -8.20
N ASP C 380 0.04 25.23 -8.12
CA ASP C 380 0.41 24.39 -9.26
C ASP C 380 -0.76 24.06 -10.18
N ALA C 381 -1.95 24.47 -9.79
CA ALA C 381 -3.10 24.24 -10.67
C ALA C 381 -2.91 25.02 -11.96
N ARG C 382 -3.31 24.41 -13.07
CA ARG C 382 -3.25 25.06 -14.34
C ARG C 382 -4.63 25.00 -15.01
N GLY C 383 -4.86 25.87 -15.99
CA GLY C 383 -6.14 25.92 -16.67
C GLY C 383 -6.48 24.63 -17.43
N ALA C 384 -7.73 24.20 -17.34
CA ALA C 384 -8.18 22.94 -17.92
C ALA C 384 -9.62 23.02 -18.43
N ILE C 385 -9.86 22.41 -19.60
CA ILE C 385 -11.17 22.36 -20.21
C ILE C 385 -11.62 20.90 -20.40
N PHE C 386 -12.85 20.59 -19.99
CA PHE C 386 -13.35 19.23 -20.02
C PHE C 386 -14.61 19.07 -20.87
N GLY C 387 -14.75 17.87 -21.43
CA GLY C 387 -15.92 17.47 -22.20
C GLY C 387 -16.01 17.93 -23.65
N MSE C 388 -14.96 18.51 -24.25
CA MSE C 388 -15.10 18.85 -25.67
C MSE C 388 -15.50 17.64 -26.52
O MSE C 388 -15.17 16.49 -26.21
CB MSE C 388 -13.86 19.49 -26.31
CG MSE C 388 -13.40 20.75 -25.68
SE MSE C 388 -12.23 20.06 -24.34
CE MSE C 388 -11.24 18.74 -25.41
N THR C 389 -16.16 17.95 -27.62
CA THR C 389 -16.73 16.97 -28.50
C THR C 389 -16.41 17.60 -29.82
N ARG C 390 -16.61 16.87 -30.93
CA ARG C 390 -16.24 17.41 -32.26
C ARG C 390 -16.99 18.69 -32.67
N ASN C 391 -18.16 18.90 -32.11
CA ASN C 391 -18.85 20.11 -32.47
C ASN C 391 -18.60 21.28 -31.49
N THR C 392 -17.85 21.08 -30.38
CA THR C 392 -17.81 22.19 -29.42
C THR C 392 -17.11 23.38 -30.03
N GLY C 393 -17.77 24.52 -29.86
CA GLY C 393 -17.35 25.76 -30.47
C GLY C 393 -17.28 26.95 -29.55
N PRO C 394 -17.02 28.12 -30.15
CA PRO C 394 -16.71 29.28 -29.37
C PRO C 394 -17.83 29.59 -28.42
N ALA C 395 -19.06 29.29 -28.79
CA ALA C 395 -20.20 29.58 -27.91
C ALA C 395 -20.12 28.69 -26.69
N GLU C 396 -19.60 27.48 -26.84
CA GLU C 396 -19.41 26.54 -25.70
C GLU C 396 -18.29 26.95 -24.70
N PHE C 397 -17.20 27.48 -25.24
CA PHE C 397 -16.11 28.04 -24.45
C PHE C 397 -16.59 29.28 -23.69
N ALA C 398 -17.30 30.14 -24.40
CA ALA C 398 -17.92 31.33 -23.83
C ALA C 398 -18.88 30.98 -22.71
N ARG C 399 -19.67 29.93 -22.88
CA ARG C 399 -20.55 29.51 -21.82
C ARG C 399 -19.72 29.07 -20.62
N ALA C 400 -18.81 28.12 -20.83
CA ALA C 400 -17.98 27.53 -19.79
C ALA C 400 -17.24 28.60 -18.92
N ALA C 401 -16.69 29.61 -19.58
CA ALA C 401 -16.12 30.77 -18.88
C ALA C 401 -17.09 31.49 -17.93
N LEU C 402 -18.26 31.93 -18.41
CA LEU C 402 -19.16 32.72 -17.54
C LEU C 402 -19.67 31.83 -16.44
N GLU C 403 -19.90 30.59 -16.83
CA GLU C 403 -20.27 29.57 -15.87
C GLU C 403 -19.20 29.41 -14.81
N ALA C 404 -17.92 29.40 -15.20
CA ALA C 404 -16.85 29.21 -14.21
C ALA C 404 -16.91 30.31 -13.17
N VAL C 405 -17.22 31.53 -13.60
CA VAL C 405 -17.41 32.69 -12.65
C VAL C 405 -18.50 32.43 -11.59
N CYS C 406 -19.60 31.79 -12.02
CA CYS C 406 -20.71 31.53 -11.12
C CYS C 406 -20.39 30.37 -10.25
N TYR C 407 -19.74 29.34 -10.81
CA TYR C 407 -19.35 28.22 -9.95
C TYR C 407 -18.35 28.66 -8.88
N GLN C 408 -17.32 29.41 -9.28
CA GLN C 408 -16.30 29.82 -8.34
C GLN C 408 -16.92 30.67 -7.23
N THR C 409 -17.85 31.57 -7.56
CA THR C 409 -18.63 32.32 -6.55
C THR C 409 -19.36 31.42 -5.57
N ARG C 410 -20.18 30.50 -6.07
CA ARG C 410 -20.83 29.50 -5.17
C ARG C 410 -19.86 28.82 -4.21
N ASP C 411 -18.70 28.37 -4.73
CA ASP C 411 -17.65 27.82 -3.85
C ASP C 411 -17.17 28.79 -2.76
N LEU C 412 -16.97 30.05 -3.12
CA LEU C 412 -16.71 31.05 -2.12
C LEU C 412 -17.86 31.13 -1.11
N LEU C 413 -19.09 31.23 -1.60
CA LEU C 413 -20.24 31.41 -0.69
C LEU C 413 -20.48 30.19 0.17
N GLU C 414 -20.35 29.02 -0.44
CA GLU C 414 -20.57 27.80 0.31
C GLU C 414 -19.59 27.83 1.47
N ALA C 415 -18.32 28.12 1.22
CA ALA C 415 -17.30 28.15 2.29
C ALA C 415 -17.67 29.18 3.35
N MSE C 416 -18.14 30.33 2.88
CA MSE C 416 -18.67 31.38 3.72
C MSE C 416 -19.79 30.90 4.66
O MSE C 416 -19.60 30.91 5.87
CB MSE C 416 -19.13 32.56 2.88
CG MSE C 416 -18.18 33.71 2.96
SE MSE C 416 -18.33 34.83 1.40
CE MSE C 416 -20.23 35.20 1.43
N HIS C 417 -20.92 30.46 4.10
CA HIS C 417 -22.03 30.01 4.94
C HIS C 417 -21.60 29.02 6.03
N LYS C 418 -20.55 28.25 5.80
CA LYS C 418 -19.95 27.44 6.89
C LYS C 418 -19.26 28.31 7.95
N ASP C 419 -18.45 29.26 7.50
CA ASP C 419 -17.75 30.15 8.42
C ASP C 419 -18.70 31.08 9.18
N TRP C 420 -19.79 31.52 8.54
CA TRP C 420 -20.75 32.47 9.15
C TRP C 420 -22.20 32.00 9.03
N ARG C 421 -23.01 32.26 10.06
CA ARG C 421 -24.46 32.00 10.04
C ARG C 421 -25.24 32.83 8.97
N THR C 427 -28.94 39.63 4.34
CA THR C 427 -27.95 38.70 3.83
C THR C 427 -28.18 38.23 2.37
N VAL C 428 -28.67 39.12 1.50
CA VAL C 428 -28.76 38.79 0.06
C VAL C 428 -27.55 39.36 -0.71
N LEU C 429 -26.95 38.49 -1.54
CA LEU C 429 -25.68 38.77 -2.20
C LEU C 429 -25.70 40.12 -2.88
N ARG C 430 -24.75 40.96 -2.53
CA ARG C 430 -24.60 42.23 -3.20
C ARG C 430 -23.49 42.07 -4.19
N VAL C 431 -23.74 42.53 -5.40
CA VAL C 431 -22.95 42.20 -6.53
C VAL C 431 -22.60 43.46 -7.30
N ASP C 432 -21.32 43.62 -7.63
CA ASP C 432 -20.89 44.78 -8.44
C ASP C 432 -19.86 44.50 -9.51
N GLY C 433 -19.71 45.46 -10.42
CA GLY C 433 -18.68 45.39 -11.45
C GLY C 433 -19.24 45.41 -12.85
N GLY C 434 -18.43 45.89 -13.79
CA GLY C 434 -18.77 45.94 -15.21
C GLY C 434 -19.60 44.78 -15.74
N MSE C 435 -19.21 43.58 -15.32
CA MSE C 435 -19.78 42.32 -15.79
C MSE C 435 -21.22 42.11 -15.35
O MSE C 435 -21.94 41.34 -15.96
CB MSE C 435 -18.96 41.19 -15.20
CG MSE C 435 -19.10 39.85 -15.86
SE MSE C 435 -17.49 38.80 -15.35
CE MSE C 435 -16.14 40.26 -15.63
N VAL C 436 -21.65 42.74 -14.27
CA VAL C 436 -22.95 42.39 -13.76
C VAL C 436 -24.13 43.06 -14.48
N ALA C 437 -23.82 43.95 -15.43
CA ALA C 437 -24.83 44.56 -16.29
C ALA C 437 -25.59 43.50 -17.11
N SER C 438 -24.87 42.45 -17.51
CA SER C 438 -25.40 41.32 -18.30
C SER C 438 -26.42 40.50 -17.49
N ASP C 439 -27.68 40.59 -17.89
CA ASP C 439 -28.75 39.87 -17.18
C ASP C 439 -28.57 38.36 -17.33
N TRP C 440 -28.13 37.93 -18.51
CA TRP C 440 -27.86 36.51 -18.71
C TRP C 440 -26.92 36.01 -17.60
N THR C 441 -25.73 36.60 -17.51
CA THR C 441 -24.73 36.23 -16.47
C THR C 441 -25.31 36.25 -15.04
N MSE C 442 -26.02 37.32 -14.69
CA MSE C 442 -26.60 37.39 -13.33
C MSE C 442 -27.74 36.39 -13.08
O MSE C 442 -27.96 35.93 -11.91
CB MSE C 442 -26.99 38.82 -13.03
CG MSE C 442 -25.78 39.78 -13.11
SE MSE C 442 -24.61 39.38 -11.58
CE MSE C 442 -23.36 38.18 -12.53
N GLN C 443 -28.45 36.01 -14.14
CA GLN C 443 -29.49 35.00 -14.03
C GLN C 443 -28.85 33.64 -13.85
N ARG C 444 -27.84 33.38 -14.69
CA ARG C 444 -27.01 32.21 -14.49
C ARG C 444 -26.37 32.20 -13.10
N LEU C 445 -25.78 33.30 -12.66
CA LEU C 445 -25.26 33.31 -11.29
C LEU C 445 -26.36 32.97 -10.33
N SER C 446 -27.51 33.65 -10.40
CA SER C 446 -28.60 33.36 -9.45
C SER C 446 -29.15 31.92 -9.48
N ASP C 447 -29.37 31.40 -10.68
CA ASP C 447 -29.72 29.96 -10.84
C ASP C 447 -28.80 29.04 -10.05
N LEU C 448 -27.48 29.16 -10.30
CA LEU C 448 -26.52 28.21 -9.73
C LEU C 448 -26.32 28.43 -8.25
N LEU C 449 -26.64 29.61 -7.76
CA LEU C 449 -26.57 29.82 -6.33
C LEU C 449 -27.79 29.25 -5.65
N ASP C 450 -28.89 29.16 -6.43
CA ASP C 450 -30.20 28.79 -5.88
C ASP C 450 -30.53 29.82 -4.80
N ALA C 451 -30.16 31.06 -5.09
CA ALA C 451 -30.38 32.20 -4.22
C ALA C 451 -30.54 33.49 -5.03
N PRO C 452 -31.12 34.52 -4.42
CA PRO C 452 -31.28 35.78 -5.13
C PRO C 452 -29.96 36.55 -5.22
N VAL C 453 -29.83 37.31 -6.29
CA VAL C 453 -28.70 38.23 -6.41
C VAL C 453 -29.17 39.71 -6.49
N ASP C 454 -28.58 40.58 -5.65
CA ASP C 454 -28.82 42.05 -5.66
C ASP C 454 -27.83 42.93 -6.45
N ARG C 455 -28.30 43.53 -7.52
CA ARG C 455 -27.49 44.44 -8.35
C ARG C 455 -27.83 45.95 -8.16
N PRO C 456 -26.89 46.74 -7.58
CA PRO C 456 -27.14 48.14 -7.20
C PRO C 456 -27.39 49.04 -8.39
N VAL C 457 -28.03 50.18 -8.12
CA VAL C 457 -28.28 51.17 -9.18
C VAL C 457 -26.95 51.75 -9.71
N ILE C 458 -26.03 52.09 -8.81
CA ILE C 458 -24.68 52.44 -9.24
C ILE C 458 -23.77 51.23 -9.16
N LEU C 459 -23.28 50.84 -10.34
CA LEU C 459 -22.38 49.70 -10.53
C LEU C 459 -20.96 49.91 -10.01
N GLU C 460 -20.47 51.16 -10.05
CA GLU C 460 -19.10 51.48 -9.63
C GLU C 460 -19.05 51.80 -8.14
N THR C 461 -19.30 50.80 -7.31
CA THR C 461 -19.33 50.96 -5.86
C THR C 461 -17.94 51.09 -5.20
N THR C 462 -16.89 50.67 -5.89
CA THR C 462 -15.52 50.77 -5.38
C THR C 462 -15.14 52.25 -5.27
N ALA C 463 -15.41 52.96 -6.37
CA ALA C 463 -15.27 54.42 -6.47
C ALA C 463 -16.23 55.15 -5.51
N LEU C 464 -17.51 54.75 -5.49
CA LEU C 464 -18.51 55.38 -4.62
C LEU C 464 -18.09 55.35 -3.15
N GLY C 465 -17.64 54.18 -2.67
CA GLY C 465 -17.33 54.01 -1.25
C GLY C 465 -16.07 54.71 -0.77
N VAL C 466 -15.17 54.97 -1.71
CA VAL C 466 -14.03 55.79 -1.38
C VAL C 466 -14.42 57.27 -1.57
N ALA C 467 -15.34 57.56 -2.50
CA ALA C 467 -15.93 58.89 -2.48
C ALA C 467 -16.62 59.16 -1.11
N TRP C 468 -17.24 58.15 -0.51
CA TRP C 468 -17.89 58.34 0.80
C TRP C 468 -16.95 58.49 1.98
N LEU C 469 -15.80 57.82 1.94
CA LEU C 469 -14.83 57.98 3.01
C LEU C 469 -14.22 59.39 2.94
N ALA C 470 -13.93 59.87 1.73
CA ALA C 470 -13.48 61.22 1.57
C ALA C 470 -14.59 62.17 2.05
N GLY C 471 -15.80 61.98 1.52
CA GLY C 471 -16.95 62.86 1.76
C GLY C 471 -17.31 63.05 3.21
N SER C 472 -17.37 61.95 3.96
CA SER C 472 -17.64 61.98 5.40
C SER C 472 -16.56 62.72 6.20
N ARG C 473 -15.30 62.53 5.82
CA ARG C 473 -14.18 63.11 6.53
C ARG C 473 -14.25 64.63 6.43
N ALA C 474 -14.64 65.09 5.25
CA ALA C 474 -14.81 66.51 4.97
C ALA C 474 -16.03 67.12 5.68
N GLY C 475 -17.04 66.28 5.96
CA GLY C 475 -18.31 66.74 6.50
C GLY C 475 -19.19 67.37 5.44
N VAL C 476 -19.08 66.87 4.20
CA VAL C 476 -19.85 67.36 3.03
C VAL C 476 -20.77 66.26 2.45
N TRP C 477 -20.55 65.04 2.91
CA TRP C 477 -21.38 63.91 2.53
C TRP C 477 -22.05 63.37 3.78
N PRO C 478 -23.24 62.74 3.61
CA PRO C 478 -24.03 62.16 4.68
C PRO C 478 -23.24 61.15 5.48
N ASN C 479 -23.71 60.81 6.68
CA ASN C 479 -22.95 59.96 7.56
C ASN C 479 -23.16 58.51 7.18
N GLN C 480 -22.66 57.62 8.03
CA GLN C 480 -22.65 56.20 7.70
C GLN C 480 -24.04 55.57 7.58
N GLU C 481 -24.83 55.61 8.66
CA GLU C 481 -26.20 55.08 8.61
C GLU C 481 -27.03 55.78 7.52
N ALA C 482 -26.78 57.07 7.30
CA ALA C 482 -27.47 57.83 6.25
C ALA C 482 -27.10 57.35 4.82
N PHE C 483 -25.81 57.21 4.57
CA PHE C 483 -25.35 56.72 3.26
C PHE C 483 -25.82 55.27 2.96
N ALA C 484 -25.85 54.44 4.00
CA ALA C 484 -26.37 53.07 3.88
C ALA C 484 -27.85 53.05 3.53
N LYS C 485 -28.60 54.09 3.96
CA LYS C 485 -30.01 54.22 3.59
C LYS C 485 -30.11 54.65 2.15
N SER C 486 -29.11 55.40 1.72
CA SER C 486 -29.10 55.90 0.36
C SER C 486 -28.84 54.78 -0.70
N TRP C 487 -28.43 53.60 -0.25
CA TRP C 487 -28.19 52.47 -1.15
C TRP C 487 -29.47 51.98 -1.86
N ALA C 488 -29.43 51.91 -3.19
CA ALA C 488 -30.59 51.45 -3.96
C ALA C 488 -30.31 50.30 -4.93
N ARG C 489 -31.26 49.37 -4.98
CA ARG C 489 -31.23 48.20 -5.86
C ARG C 489 -31.79 48.48 -7.26
N ASP C 490 -31.12 48.01 -8.32
CA ASP C 490 -31.68 48.00 -9.68
C ASP C 490 -32.65 46.79 -9.84
N ARG C 491 -32.15 45.57 -9.60
CA ARG C 491 -32.93 44.36 -9.80
C ARG C 491 -32.60 43.38 -8.69
N ARG C 492 -33.53 42.52 -8.34
CA ARG C 492 -33.18 41.39 -7.51
C ARG C 492 -33.48 40.12 -8.29
N PHE C 493 -32.40 39.51 -8.79
CA PHE C 493 -32.46 38.25 -9.55
C PHE C 493 -32.84 37.10 -8.62
N GLU C 494 -33.53 36.12 -9.17
CA GLU C 494 -34.09 35.03 -8.39
C GLU C 494 -33.89 33.74 -9.17
N PRO C 495 -33.81 32.60 -8.47
CA PRO C 495 -33.59 31.31 -9.13
C PRO C 495 -34.77 30.86 -9.99
N HIS C 496 -34.55 30.80 -11.30
CA HIS C 496 -35.53 30.29 -12.25
C HIS C 496 -34.98 29.05 -12.98
N MSE C 497 -34.23 28.22 -12.26
CA MSE C 497 -33.63 27.02 -12.87
C MSE C 497 -34.07 25.76 -12.17
O MSE C 497 -34.10 25.69 -10.94
CB MSE C 497 -32.11 27.11 -12.88
CG MSE C 497 -31.41 25.84 -13.33
SE MSE C 497 -29.43 25.91 -13.28
CE MSE C 497 -29.16 26.72 -15.02
N ASP C 498 -34.39 24.76 -12.99
CA ASP C 498 -34.74 23.43 -12.52
C ASP C 498 -33.72 22.77 -11.55
N GLU C 499 -34.20 22.31 -10.40
CA GLU C 499 -33.39 21.64 -9.38
C GLU C 499 -32.52 20.48 -9.93
N ALA C 500 -32.87 19.98 -11.12
CA ALA C 500 -32.13 18.84 -11.69
C ALA C 500 -31.32 19.24 -12.92
N THR C 501 -31.69 20.35 -13.55
CA THR C 501 -30.76 20.94 -14.47
C THR C 501 -29.58 21.43 -13.61
N ARG C 502 -29.90 22.11 -12.50
CA ARG C 502 -28.88 22.59 -11.58
C ARG C 502 -27.90 21.52 -11.14
N LYS C 503 -28.42 20.34 -10.81
CA LYS C 503 -27.59 19.35 -10.13
C LYS C 503 -26.64 18.64 -11.10
N VAL C 504 -26.99 18.64 -12.39
CA VAL C 504 -26.07 18.17 -13.43
C VAL C 504 -24.87 19.13 -13.42
N LYS C 505 -25.18 20.42 -13.56
CA LYS C 505 -24.18 21.47 -13.62
C LYS C 505 -23.27 21.55 -12.38
N LEU C 506 -23.82 21.40 -11.18
CA LEU C 506 -22.99 21.40 -9.97
C LEU C 506 -22.09 20.17 -9.88
N LYS C 507 -22.55 19.05 -10.42
CA LYS C 507 -21.70 17.87 -10.42
C LYS C 507 -20.58 18.02 -11.48
N GLY C 508 -20.91 18.63 -12.60
CA GLY C 508 -19.98 18.68 -13.72
C GLY C 508 -18.81 19.61 -13.40
N TRP C 509 -19.14 20.65 -12.65
CA TRP C 509 -18.11 21.55 -12.20
C TRP C 509 -17.24 20.91 -11.13
N ARG C 510 -17.85 20.25 -10.15
CA ARG C 510 -17.07 19.53 -9.13
C ARG C 510 -16.14 18.54 -9.78
N SER C 511 -16.62 17.94 -10.87
CA SER C 511 -15.82 16.95 -11.57
C SER C 511 -14.64 17.60 -12.33
N ALA C 512 -14.95 18.64 -13.09
CA ALA C 512 -13.90 19.44 -13.68
C ALA C 512 -12.85 19.86 -12.63
N VAL C 513 -13.29 20.29 -11.45
CA VAL C 513 -12.35 20.77 -10.42
C VAL C 513 -11.46 19.69 -9.85
N LYS C 514 -12.07 18.54 -9.54
CA LYS C 514 -11.40 17.36 -9.02
C LYS C 514 -10.25 16.95 -9.93
N ARG C 515 -10.50 17.01 -11.25
CA ARG C 515 -9.60 16.57 -12.30
C ARG C 515 -8.45 17.58 -12.45
N THR C 516 -8.73 18.82 -12.10
CA THR C 516 -7.77 19.92 -12.22
C THR C 516 -6.79 19.97 -11.05
N LEU C 517 -7.26 19.67 -9.83
CA LEU C 517 -6.45 19.73 -8.62
C LEU C 517 -5.72 18.43 -8.38
N ILE C 518 -6.50 17.37 -8.12
CA ILE C 518 -6.01 16.05 -7.67
C ILE C 518 -4.56 15.67 -8.01
N ALA C 519 -3.81 15.28 -6.97
CA ALA C 519 -2.46 14.76 -7.15
C ALA C 519 -2.48 13.39 -7.89
N GLY D 26 26.95 -71.66 33.76
CA GLY D 26 25.96 -72.63 33.20
C GLY D 26 25.83 -73.90 34.04
N TYR D 27 24.61 -74.37 34.27
CA TYR D 27 23.37 -73.73 33.80
C TYR D 27 22.74 -72.84 34.87
N ILE D 28 23.02 -71.55 34.77
CA ILE D 28 22.41 -70.54 35.64
C ILE D 28 21.34 -69.77 34.88
N LEU D 29 20.18 -69.58 35.52
CA LEU D 29 19.14 -68.72 34.96
C LEU D 29 19.49 -67.24 35.21
N ALA D 30 18.94 -66.35 34.38
CA ALA D 30 19.15 -64.92 34.54
C ALA D 30 17.85 -64.16 34.37
N ILE D 31 17.61 -63.25 35.31
CA ILE D 31 16.46 -62.34 35.30
C ILE D 31 16.88 -60.87 35.43
N ASP D 32 16.85 -60.14 34.31
CA ASP D 32 17.10 -58.70 34.29
C ASP D 32 15.77 -57.96 34.43
N GLN D 33 15.43 -57.61 35.69
CA GLN D 33 14.21 -56.87 35.96
C GLN D 33 14.44 -55.37 35.73
N GLY D 34 14.23 -54.96 34.49
CA GLY D 34 14.46 -53.58 34.08
C GLY D 34 13.38 -52.69 34.65
N THR D 35 13.29 -51.48 34.11
CA THR D 35 12.28 -50.55 34.56
C THR D 35 11.14 -50.50 33.53
N THR D 36 11.50 -50.67 32.26
CA THR D 36 10.52 -50.75 31.17
C THR D 36 10.17 -52.20 30.88
N SER D 37 11.16 -53.08 30.91
CA SER D 37 10.94 -54.48 30.58
C SER D 37 11.76 -55.45 31.43
N THR D 38 11.46 -56.73 31.26
CA THR D 38 12.19 -57.81 31.92
C THR D 38 12.76 -58.77 30.87
N ARG D 39 14.09 -58.82 30.81
CA ARG D 39 14.83 -59.69 29.89
C ARG D 39 15.39 -60.91 30.63
N ALA D 40 15.56 -62.02 29.89
CA ALA D 40 15.97 -63.29 30.48
C ALA D 40 17.09 -63.96 29.68
N ILE D 41 17.98 -64.67 30.38
CA ILE D 41 19.14 -65.29 29.74
C ILE D 41 19.70 -66.52 30.47
N VAL D 42 19.22 -67.70 30.08
CA VAL D 42 19.65 -68.99 30.67
C VAL D 42 21.04 -69.39 30.18
N PHE D 43 21.98 -68.44 30.28
CA PHE D 43 23.33 -68.54 29.73
C PHE D 43 24.17 -69.67 30.33
N LYS D 48 28.34 -69.43 27.37
CA LYS D 48 27.65 -68.68 26.30
C LYS D 48 26.19 -68.39 26.70
N ILE D 49 25.44 -67.75 25.81
CA ILE D 49 24.00 -67.48 26.02
C ILE D 49 23.09 -68.60 25.50
N ALA D 50 22.02 -68.89 26.23
CA ALA D 50 21.05 -69.92 25.82
C ALA D 50 19.59 -69.47 25.95
N GLY D 51 19.38 -68.28 26.53
CA GLY D 51 18.04 -67.70 26.70
C GLY D 51 17.95 -66.21 26.41
N VAL D 52 16.86 -65.80 25.77
CA VAL D 52 16.67 -64.40 25.35
C VAL D 52 15.20 -64.06 25.04
N GLY D 53 14.48 -63.55 26.05
CA GLY D 53 13.08 -63.10 25.89
C GLY D 53 12.71 -61.88 26.72
N GLN D 54 11.74 -61.11 26.22
CA GLN D 54 11.32 -59.85 26.86
C GLN D 54 9.80 -59.63 26.82
N LYS D 55 9.25 -58.96 27.83
CA LYS D 55 7.86 -58.47 27.81
C LYS D 55 7.71 -57.14 28.57
N GLU D 56 7.18 -56.14 27.89
CA GLU D 56 7.12 -54.79 28.46
C GLU D 56 5.87 -54.57 29.31
N PHE D 57 5.93 -53.56 30.18
CA PHE D 57 4.90 -53.30 31.20
C PHE D 57 4.62 -51.80 31.36
N LYS D 58 3.51 -51.48 32.00
CA LYS D 58 2.95 -50.12 31.98
C LYS D 58 3.53 -49.16 33.03
N GLN D 59 4.17 -48.11 32.52
CA GLN D 59 4.71 -47.01 33.32
C GLN D 59 3.63 -46.01 33.79
N HIS D 60 2.78 -46.47 34.73
CA HIS D 60 1.73 -45.63 35.32
C HIS D 60 2.32 -44.37 35.96
N PHE D 61 2.19 -43.24 35.26
CA PHE D 61 2.76 -41.94 35.70
C PHE D 61 1.69 -40.86 36.01
N PRO D 62 1.07 -40.92 37.22
CA PRO D 62 -0.09 -40.09 37.60
C PRO D 62 0.18 -38.59 37.78
N LYS D 63 1.22 -38.23 38.53
CA LYS D 63 1.64 -36.84 38.62
C LYS D 63 3.01 -36.66 37.99
N TRP D 66 5.59 -38.19 39.30
CA TRP D 66 5.38 -39.52 39.90
C TRP D 66 5.53 -40.64 38.88
N VAL D 67 5.97 -41.81 39.36
CA VAL D 67 6.14 -43.03 38.53
C VAL D 67 5.78 -44.26 39.36
N GLU D 68 5.25 -45.28 38.70
CA GLU D 68 4.75 -46.47 39.41
C GLU D 68 4.62 -47.69 38.50
N HIS D 69 4.90 -48.86 39.05
CA HIS D 69 4.68 -50.12 38.37
C HIS D 69 3.58 -50.89 39.05
N ASP D 70 2.93 -51.74 38.27
CA ASP D 70 1.99 -52.74 38.75
C ASP D 70 2.79 -53.94 39.26
N PRO D 71 2.65 -54.27 40.55
CA PRO D 71 3.39 -55.38 41.18
C PRO D 71 3.05 -56.74 40.57
N GLU D 72 1.77 -56.92 40.20
CA GLU D 72 1.28 -58.16 39.60
C GLU D 72 1.84 -58.31 38.18
N GLU D 73 1.63 -57.29 37.35
CA GLU D 73 2.13 -57.31 35.98
C GLU D 73 3.61 -57.67 35.94
N ILE D 74 4.30 -57.42 37.06
CA ILE D 74 5.70 -57.83 37.19
C ILE D 74 5.78 -59.33 37.43
N TRP D 75 5.09 -59.80 38.47
CA TRP D 75 5.06 -61.22 38.81
C TRP D 75 4.63 -62.08 37.63
N GLN D 76 3.64 -61.60 36.87
CA GLN D 76 3.17 -62.31 35.67
C GLN D 76 4.19 -62.23 34.53
N THR D 77 4.76 -61.05 34.29
CA THR D 77 5.74 -60.83 33.22
C THR D 77 7.01 -61.63 33.44
N VAL D 78 7.46 -61.66 34.69
CA VAL D 78 8.67 -62.41 35.07
C VAL D 78 8.46 -63.90 34.83
N VAL D 79 7.25 -64.36 35.17
CA VAL D 79 6.86 -65.75 34.99
C VAL D 79 6.32 -66.05 33.58
N SER D 80 6.46 -65.07 32.67
CA SER D 80 6.21 -65.28 31.25
C SER D 80 7.51 -65.11 30.47
N THR D 81 8.46 -64.39 31.06
CA THR D 81 9.80 -64.20 30.49
C THR D 81 10.75 -65.37 30.77
N VAL D 82 10.35 -66.25 31.71
CA VAL D 82 11.11 -67.47 32.01
C VAL D 82 10.74 -68.61 31.04
N LYS D 83 9.43 -68.84 30.87
CA LYS D 83 8.90 -69.88 29.99
C LYS D 83 8.88 -69.49 28.50
N GLU D 84 9.32 -68.27 28.19
CA GLU D 84 9.51 -67.85 26.80
C GLU D 84 10.95 -67.38 26.53
N ALA D 85 11.90 -68.00 27.22
CA ALA D 85 13.32 -67.81 26.96
C ALA D 85 14.07 -69.14 27.08
N ILE D 86 13.44 -70.09 27.78
CA ILE D 86 13.95 -71.45 27.96
C ILE D 86 13.43 -72.44 26.90
N GLU D 87 12.29 -72.11 26.29
CA GLU D 87 11.74 -72.90 25.17
C GLU D 87 12.33 -72.44 23.82
N LYS D 88 13.13 -71.38 23.88
CA LYS D 88 13.69 -70.73 22.70
C LYS D 88 15.21 -70.59 22.79
N THR D 92 14.17 -77.95 28.82
CA THR D 92 13.15 -78.48 29.74
C THR D 92 13.20 -77.78 31.12
N ALA D 93 12.24 -78.14 31.99
CA ALA D 93 12.09 -77.56 33.34
C ALA D 93 13.30 -77.80 34.26
N ASN D 94 13.98 -78.93 34.08
CA ASN D 94 15.22 -79.25 34.79
C ASN D 94 16.47 -79.33 33.92
N ASP D 95 16.92 -78.17 33.45
CA ASP D 95 18.22 -78.05 32.80
C ASP D 95 19.02 -76.97 33.50
N ILE D 96 18.33 -76.18 34.33
CA ILE D 96 18.96 -75.11 35.11
C ILE D 96 19.29 -75.59 36.53
N ALA D 97 20.56 -75.44 36.91
CA ALA D 97 21.04 -75.87 38.23
C ALA D 97 20.65 -74.87 39.31
N ALA D 98 20.71 -73.59 38.97
CA ALA D 98 20.30 -72.48 39.86
C ALA D 98 19.72 -71.31 39.07
N ILE D 99 19.16 -70.33 39.79
CA ILE D 99 18.60 -69.13 39.17
C ILE D 99 19.19 -67.85 39.82
N GLY D 100 19.34 -66.79 39.02
CA GLY D 100 20.02 -65.56 39.44
C GLY D 100 19.23 -64.28 39.19
N ILE D 101 18.96 -63.55 40.28
CA ILE D 101 18.08 -62.39 40.24
C ILE D 101 18.80 -61.06 40.44
N THR D 102 18.70 -60.21 39.42
CA THR D 102 19.07 -58.79 39.49
C THR D 102 17.81 -57.93 39.25
N ASN D 103 17.83 -56.73 39.81
CA ASN D 103 16.62 -55.92 39.81
C ASN D 103 16.86 -54.41 39.73
N GLN D 104 15.89 -53.71 39.17
CA GLN D 104 15.81 -52.26 39.38
C GLN D 104 15.77 -52.01 40.89
N ARG D 105 16.61 -51.10 41.33
CA ARG D 105 16.91 -50.94 42.73
C ARG D 105 15.95 -49.94 43.37
N GLU D 106 16.03 -49.77 44.68
CA GLU D 106 15.23 -48.80 45.45
C GLU D 106 13.71 -48.99 45.37
N THR D 107 13.23 -49.79 44.42
CA THR D 107 11.79 -49.88 44.15
C THR D 107 11.08 -50.71 45.24
N VAL D 108 10.14 -50.05 45.92
CA VAL D 108 9.51 -50.53 47.16
C VAL D 108 8.16 -51.25 46.90
N VAL D 109 7.86 -52.26 47.69
CA VAL D 109 6.53 -52.92 47.69
C VAL D 109 6.13 -53.42 49.08
N VAL D 110 4.92 -53.11 49.50
CA VAL D 110 4.36 -53.62 50.77
C VAL D 110 3.29 -54.69 50.53
N TRP D 111 3.56 -55.90 51.04
CA TRP D 111 2.65 -57.05 50.86
C TRP D 111 2.49 -57.84 52.19
N ASP D 112 1.53 -58.77 52.25
CA ASP D 112 1.21 -59.52 53.51
C ASP D 112 2.16 -60.70 53.80
N ARG D 113 2.39 -61.00 55.08
CA ARG D 113 3.31 -62.08 55.46
C ARG D 113 2.67 -63.46 55.18
N GLU D 114 1.46 -63.67 55.69
CA GLU D 114 0.76 -64.95 55.58
C GLU D 114 0.16 -65.21 54.19
N THR D 115 0.40 -64.27 53.27
CA THR D 115 0.06 -64.44 51.87
C THR D 115 1.15 -63.79 51.00
N GLY D 116 1.01 -62.48 50.78
CA GLY D 116 1.90 -61.72 49.91
C GLY D 116 1.21 -60.69 49.01
N LYS D 117 0.09 -60.15 49.47
CA LYS D 117 -0.72 -59.24 48.66
C LYS D 117 -0.20 -57.78 48.64
N PRO D 118 0.09 -57.23 47.44
CA PRO D 118 0.56 -55.85 47.27
C PRO D 118 -0.48 -54.84 47.75
N ILE D 119 -0.15 -54.13 48.83
CA ILE D 119 -1.05 -53.16 49.45
C ILE D 119 -1.20 -51.92 48.55
N HIS D 120 -0.09 -51.56 47.91
CA HIS D 120 -0.02 -50.45 46.96
C HIS D 120 0.78 -50.93 45.76
N ASN D 121 0.72 -50.16 44.68
CA ASN D 121 1.64 -50.32 43.58
C ASN D 121 3.11 -50.19 44.04
N ALA D 122 4.03 -50.76 43.27
CA ALA D 122 5.44 -50.47 43.44
C ALA D 122 5.59 -48.99 43.21
N ILE D 123 6.09 -48.29 44.23
CA ILE D 123 6.56 -46.94 44.03
C ILE D 123 7.99 -47.13 43.52
N VAL D 124 8.30 -46.48 42.41
CA VAL D 124 9.49 -46.76 41.62
C VAL D 124 10.59 -45.76 41.93
N TRP D 125 11.83 -46.23 41.79
CA TRP D 125 12.98 -45.38 42.00
C TRP D 125 12.90 -44.01 41.31
N GLN D 126 12.13 -43.92 40.22
CA GLN D 126 11.99 -42.65 39.47
C GLN D 126 11.15 -41.60 40.23
N ASP D 127 10.24 -42.09 41.05
CA ASP D 127 9.23 -41.28 41.68
C ASP D 127 9.74 -40.13 42.56
N ARG D 128 9.20 -38.92 42.32
CA ARG D 128 9.57 -37.74 43.11
C ARG D 128 8.68 -37.37 44.33
N ARG D 129 7.71 -38.21 44.70
CA ARG D 129 6.58 -37.80 45.58
C ARG D 129 6.91 -37.27 46.99
N THR D 130 7.99 -37.83 47.56
CA THR D 130 8.39 -37.63 48.94
C THR D 130 9.40 -36.50 49.11
N ALA D 131 9.54 -35.67 48.08
CA ALA D 131 10.52 -34.57 48.13
C ALA D 131 10.35 -33.67 49.36
N ALA D 132 9.08 -33.39 49.67
CA ALA D 132 8.69 -32.41 50.68
C ALA D 132 8.94 -33.03 52.05
N PHE D 133 8.56 -34.31 52.16
CA PHE D 133 8.84 -35.11 53.33
C PHE D 133 10.36 -35.19 53.65
N CYS D 134 11.15 -35.38 52.60
CA CYS D 134 12.61 -35.34 52.70
C CYS D 134 13.11 -34.00 53.24
N ASP D 135 12.54 -32.91 52.71
CA ASP D 135 12.86 -31.54 53.15
C ASP D 135 12.39 -31.21 54.58
N LYS D 136 11.30 -31.85 55.00
CA LYS D 136 10.90 -31.81 56.41
C LYS D 136 11.98 -32.48 57.23
N LEU D 137 12.50 -33.62 56.74
CA LEU D 137 13.56 -34.34 57.43
C LEU D 137 14.89 -33.56 57.45
N LYS D 138 15.28 -33.01 56.30
CA LYS D 138 16.48 -32.15 56.22
C LYS D 138 16.36 -30.95 57.18
N LYS D 139 15.14 -30.41 57.31
CA LYS D 139 14.83 -29.28 58.23
C LYS D 139 14.99 -29.56 59.76
N LYS D 140 14.64 -30.77 60.19
CA LYS D 140 14.86 -31.25 61.56
C LYS D 140 16.31 -31.69 61.81
N GLY D 141 17.16 -31.50 60.81
CA GLY D 141 18.61 -31.70 60.94
C GLY D 141 19.09 -33.14 60.81
N LEU D 142 18.26 -33.99 60.21
CA LEU D 142 18.56 -35.43 60.11
C LEU D 142 19.49 -35.83 58.96
N GLU D 143 19.75 -34.90 58.04
CA GLU D 143 20.42 -35.28 56.79
C GLU D 143 21.84 -35.84 56.95
N LYS D 144 22.57 -35.33 57.95
CA LYS D 144 23.94 -35.76 58.18
C LYS D 144 24.03 -37.18 58.77
N THR D 145 23.12 -37.54 59.68
CA THR D 145 23.12 -38.90 60.25
C THR D 145 22.80 -39.95 59.18
N PHE D 146 21.85 -39.60 58.31
CA PHE D 146 21.55 -40.41 57.13
C PHE D 146 22.74 -40.49 56.20
N VAL D 147 23.28 -39.35 55.80
CA VAL D 147 24.39 -39.36 54.85
C VAL D 147 25.51 -40.25 55.39
N LYS D 148 25.83 -40.03 56.67
CA LYS D 148 26.89 -40.74 57.40
C LYS D 148 26.67 -42.27 57.49
N LYS D 149 25.49 -42.69 57.93
CA LYS D 149 25.22 -44.11 58.13
C LYS D 149 24.92 -44.83 56.81
N THR D 150 24.51 -44.03 55.83
CA THR D 150 23.80 -44.53 54.66
C THR D 150 24.58 -44.41 53.32
N GLY D 151 25.39 -43.36 53.17
CA GLY D 151 26.14 -43.15 51.92
C GLY D 151 25.32 -42.56 50.77
N LEU D 152 24.07 -42.21 51.08
CA LEU D 152 23.16 -41.64 50.11
C LEU D 152 22.78 -40.28 50.67
N LEU D 153 21.55 -39.84 50.40
CA LEU D 153 21.11 -38.48 50.70
C LEU D 153 19.61 -38.49 50.93
N LEU D 154 19.10 -37.42 51.57
CA LEU D 154 17.63 -37.25 51.72
C LEU D 154 17.01 -36.79 50.40
N ASP D 155 16.64 -37.79 49.60
CA ASP D 155 16.17 -37.60 48.24
C ASP D 155 15.16 -38.72 47.94
N PRO D 156 14.04 -38.37 47.30
CA PRO D 156 12.93 -39.28 46.91
C PRO D 156 13.34 -40.58 46.23
N TYR D 157 14.56 -40.61 45.68
CA TYR D 157 15.07 -41.71 44.87
C TYR D 157 15.06 -43.06 45.61
N PHE D 158 15.45 -43.07 46.90
CA PHE D 158 15.62 -44.32 47.68
C PHE D 158 14.39 -44.72 48.51
N SER D 159 14.38 -45.96 49.01
CA SER D 159 13.17 -46.68 49.47
C SER D 159 12.57 -46.23 50.79
N GLY D 160 13.40 -45.75 51.71
CA GLY D 160 12.95 -45.51 53.08
C GLY D 160 11.79 -44.55 53.14
N THR D 161 11.94 -43.44 52.42
CA THR D 161 10.93 -42.42 52.41
C THR D 161 9.67 -42.88 51.64
N LYS D 162 9.85 -43.78 50.68
CA LYS D 162 8.73 -44.35 49.93
C LYS D 162 7.89 -45.28 50.82
N LEU D 163 8.58 -46.03 51.68
CA LEU D 163 7.92 -46.84 52.70
C LEU D 163 7.15 -45.99 53.73
N ASN D 164 7.79 -44.91 54.19
CA ASN D 164 7.13 -43.93 55.04
C ASN D 164 5.83 -43.44 54.39
N TRP D 165 5.93 -43.06 53.12
CA TRP D 165 4.77 -42.63 52.35
C TRP D 165 3.70 -43.73 52.28
N LEU D 166 4.14 -45.00 52.16
CA LEU D 166 3.22 -46.13 52.13
C LEU D 166 2.31 -46.10 53.37
N LEU D 167 2.93 -46.10 54.54
CA LEU D 167 2.26 -46.34 55.81
C LEU D 167 1.32 -45.22 56.29
N SER D 168 1.73 -43.97 56.03
CA SER D 168 0.90 -42.79 56.30
C SER D 168 -0.21 -42.58 55.28
N ASN D 169 0.01 -43.04 54.04
CA ASN D 169 -0.91 -42.79 52.93
C ASN D 169 -1.91 -43.87 52.59
N VAL D 170 -1.53 -45.13 52.78
CA VAL D 170 -2.46 -46.25 52.65
C VAL D 170 -3.28 -46.39 53.94
N LYS D 171 -4.59 -46.57 53.80
CA LYS D 171 -5.56 -46.61 54.93
C LYS D 171 -5.26 -47.65 56.05
N GLY D 172 -4.76 -47.15 57.19
CA GLY D 172 -4.37 -47.97 58.32
C GLY D 172 -3.38 -49.08 57.99
N ALA D 173 -2.45 -48.78 57.09
CA ALA D 173 -1.46 -49.78 56.66
C ALA D 173 -0.39 -50.05 57.73
N GLN D 174 -0.14 -49.05 58.59
CA GLN D 174 0.79 -49.25 59.71
C GLN D 174 0.16 -50.16 60.76
N VAL D 175 -1.14 -50.00 61.00
CA VAL D 175 -1.89 -50.89 61.88
C VAL D 175 -1.70 -52.34 61.39
N ARG D 176 -1.73 -52.54 60.07
CA ARG D 176 -1.37 -53.82 59.49
C ARG D 176 0.10 -54.15 59.79
N ALA D 177 1.01 -53.24 59.43
CA ALA D 177 2.45 -53.46 59.55
C ALA D 177 2.89 -53.71 60.99
N ALA D 178 2.20 -53.05 61.93
CA ALA D 178 2.54 -53.03 63.36
C ALA D 178 2.35 -54.38 64.07
N LYS D 179 1.57 -55.28 63.46
CA LYS D 179 1.42 -56.63 63.98
C LYS D 179 2.47 -57.58 63.41
N GLY D 180 2.91 -57.29 62.19
CA GLY D 180 3.74 -58.23 61.42
C GLY D 180 3.00 -58.76 60.21
N GLU D 181 1.89 -58.10 59.89
CA GLU D 181 1.03 -58.49 58.76
C GLU D 181 1.45 -57.89 57.43
N LEU D 182 2.61 -57.22 57.41
CA LEU D 182 3.14 -56.65 56.19
C LEU D 182 4.61 -56.97 56.02
N CYS D 183 4.97 -57.24 54.78
CA CYS D 183 6.36 -57.43 54.36
C CYS D 183 6.80 -56.26 53.48
N PHE D 184 7.86 -55.58 53.91
CA PHE D 184 8.58 -54.66 53.02
C PHE D 184 9.64 -55.45 52.23
N GLY D 185 10.28 -54.78 51.28
CA GLY D 185 11.35 -55.41 50.52
C GLY D 185 11.39 -54.81 49.16
N THR D 186 12.60 -54.66 48.64
CA THR D 186 12.81 -54.20 47.26
C THR D 186 12.52 -55.34 46.25
N ILE D 187 12.59 -55.03 44.96
CA ILE D 187 12.17 -55.96 43.90
C ILE D 187 12.82 -57.33 44.00
N ASP D 188 14.10 -57.38 44.33
CA ASP D 188 14.77 -58.65 44.56
C ASP D 188 13.99 -59.53 45.55
N THR D 189 13.50 -58.90 46.61
CA THR D 189 12.78 -59.60 47.70
C THR D 189 11.35 -60.00 47.33
N PHE D 190 10.63 -59.08 46.70
CA PHE D 190 9.35 -59.38 46.07
C PHE D 190 9.49 -60.56 45.09
N LEU D 191 10.62 -60.61 44.38
CA LEU D 191 10.89 -61.63 43.35
C LEU D 191 11.51 -62.91 43.88
N ILE D 192 12.33 -62.81 44.91
CA ILE D 192 12.77 -64.00 45.63
C ILE D 192 11.68 -64.58 46.57
N TRP D 193 10.71 -63.75 46.98
CA TRP D 193 9.59 -64.20 47.82
C TRP D 193 8.69 -65.17 47.08
N ARG D 194 8.00 -64.65 46.07
CA ARG D 194 7.03 -65.40 45.28
C ARG D 194 7.67 -66.57 44.50
N LEU D 195 8.95 -66.41 44.14
CA LEU D 195 9.72 -67.51 43.57
C LEU D 195 9.82 -68.68 44.53
N THR D 196 10.12 -68.39 45.80
CA THR D 196 10.24 -69.44 46.82
C THR D 196 8.91 -69.72 47.54
N GLY D 197 7.80 -69.31 46.92
CA GLY D 197 6.46 -69.58 47.44
C GLY D 197 6.25 -69.10 48.86
N GLY D 198 6.70 -67.87 49.14
CA GLY D 198 6.61 -67.29 50.47
C GLY D 198 7.60 -67.87 51.48
N GLU D 199 8.45 -68.78 51.02
CA GLU D 199 9.39 -69.52 51.88
C GLU D 199 10.56 -68.65 52.33
N CYS D 200 11.10 -67.88 51.40
CA CYS D 200 12.27 -67.02 51.65
C CYS D 200 11.94 -65.52 51.55
N PHE D 201 12.44 -64.75 52.53
CA PHE D 201 12.22 -63.31 52.62
C PHE D 201 13.55 -62.61 52.91
N CYS D 202 14.32 -62.39 51.86
CA CYS D 202 15.69 -61.90 51.98
C CYS D 202 15.99 -60.76 51.00
N THR D 203 16.98 -59.94 51.35
CA THR D 203 17.69 -59.09 50.40
C THR D 203 19.14 -59.59 50.27
N ASP D 204 19.90 -58.94 49.39
CA ASP D 204 21.36 -58.96 49.45
C ASP D 204 21.85 -57.61 50.01
N ALA D 205 23.17 -57.44 50.11
CA ALA D 205 23.75 -56.22 50.68
C ALA D 205 23.85 -55.03 49.68
N THR D 206 23.99 -55.32 48.38
CA THR D 206 23.97 -54.27 47.34
C THR D 206 22.61 -53.58 47.31
N ASN D 207 21.55 -54.38 47.13
CA ASN D 207 20.20 -53.85 47.07
C ASN D 207 19.81 -53.21 48.38
N ALA D 208 20.35 -53.76 49.47
CA ALA D 208 20.16 -53.21 50.80
C ALA D 208 20.76 -51.80 50.98
N SER D 209 21.86 -51.49 50.26
CA SER D 209 22.51 -50.16 50.33
C SER D 209 21.57 -49.08 49.87
N ARG D 210 20.66 -49.47 48.99
CA ARG D 210 19.79 -48.59 48.21
C ARG D 210 18.49 -48.30 48.95
N THR D 211 18.40 -48.82 50.18
CA THR D 211 17.15 -48.78 50.87
C THR D 211 17.03 -47.52 51.70
N LEU D 212 18.17 -46.96 52.08
CA LEU D 212 18.21 -45.78 52.94
C LEU D 212 17.76 -46.08 54.38
N LEU D 213 17.71 -47.37 54.71
CA LEU D 213 17.34 -47.82 56.04
C LEU D 213 18.48 -48.61 56.69
N TYR D 214 19.50 -48.90 55.88
CA TYR D 214 20.57 -49.84 56.17
C TYR D 214 21.90 -49.14 56.43
N ASN D 215 22.54 -49.49 57.55
CA ASN D 215 23.92 -49.06 57.87
C ASN D 215 24.88 -49.79 56.93
N ILE D 216 25.55 -49.07 56.05
CA ILE D 216 26.43 -49.71 55.06
C ILE D 216 27.82 -50.10 55.59
N ALA D 217 28.12 -49.78 56.84
CA ALA D 217 29.39 -50.21 57.50
C ALA D 217 29.21 -51.49 58.35
N GLU D 218 28.28 -51.39 59.32
CA GLU D 218 27.91 -52.46 60.25
C GLU D 218 27.01 -53.53 59.62
N ASN D 219 26.58 -53.29 58.39
CA ASN D 219 25.66 -54.19 57.65
C ASN D 219 24.39 -54.62 58.38
N ALA D 220 23.72 -53.67 59.01
CA ALA D 220 22.47 -53.93 59.72
C ALA D 220 21.41 -52.88 59.42
N TRP D 221 20.15 -53.22 59.62
CA TRP D 221 19.11 -52.21 59.66
C TRP D 221 19.35 -51.35 60.90
N ASP D 222 19.38 -50.03 60.71
CA ASP D 222 19.66 -49.15 61.84
C ASP D 222 18.39 -48.73 62.57
N ASP D 223 18.40 -48.88 63.89
CA ASP D 223 17.26 -48.58 64.77
C ASP D 223 16.82 -47.12 64.71
N GLU D 224 17.79 -46.21 64.68
CA GLU D 224 17.49 -44.77 64.62
C GLU D 224 16.92 -44.39 63.25
N LEU D 225 17.55 -44.91 62.19
CA LEU D 225 17.08 -44.72 60.81
C LEU D 225 15.65 -45.21 60.59
N THR D 226 15.37 -46.45 60.98
CA THR D 226 14.04 -47.05 60.81
C THR D 226 12.97 -46.35 61.66
N GLU D 227 13.32 -46.03 62.90
CA GLU D 227 12.40 -45.34 63.82
C GLU D 227 12.15 -43.87 63.43
N VAL D 228 13.20 -43.19 62.96
CA VAL D 228 13.05 -41.85 62.40
C VAL D 228 12.01 -41.95 61.29
N LEU D 229 12.12 -43.03 60.52
CA LEU D 229 11.22 -43.31 59.40
C LEU D 229 9.89 -43.95 59.85
N ARG D 230 9.83 -44.32 61.14
CA ARG D 230 8.72 -45.09 61.74
C ARG D 230 8.41 -46.33 60.88
N VAL D 231 9.46 -47.11 60.65
CA VAL D 231 9.45 -48.32 59.86
C VAL D 231 9.72 -49.48 60.82
N PRO D 232 8.70 -50.33 61.04
CA PRO D 232 8.82 -51.42 62.02
C PRO D 232 9.63 -52.58 61.46
N LYS D 233 10.79 -52.83 62.08
CA LYS D 233 11.79 -53.79 61.60
C LYS D 233 11.26 -55.18 61.22
N GLU D 234 10.08 -55.53 61.73
CA GLU D 234 9.42 -56.81 61.42
C GLU D 234 9.17 -56.90 59.92
N MSE D 235 8.73 -55.77 59.36
CA MSE D 235 8.57 -55.57 57.92
C MSE D 235 9.76 -55.95 57.05
O MSE D 235 9.60 -56.29 55.88
CB MSE D 235 8.29 -54.10 57.65
CG MSE D 235 6.84 -53.80 57.41
SE MSE D 235 6.66 -51.90 57.18
CE MSE D 235 5.50 -51.95 55.61
N LEU D 236 10.97 -55.85 57.64
CA LEU D 236 12.23 -55.85 56.88
C LEU D 236 12.81 -57.25 56.74
N PRO D 237 13.49 -57.51 55.60
CA PRO D 237 13.94 -58.86 55.30
C PRO D 237 15.33 -59.11 55.82
N GLU D 238 15.75 -60.38 55.73
CA GLU D 238 17.09 -60.80 56.08
C GLU D 238 18.05 -60.43 54.97
N VAL D 239 18.99 -59.53 55.28
CA VAL D 239 20.02 -59.11 54.33
C VAL D 239 21.10 -60.20 54.23
N LYS D 240 21.10 -60.91 53.11
CA LYS D 240 22.02 -62.02 52.88
C LYS D 240 23.16 -61.59 51.95
N ASP D 241 23.97 -62.55 51.51
CA ASP D 241 25.10 -62.27 50.63
C ASP D 241 24.71 -62.43 49.18
N CYS D 242 25.54 -61.87 48.31
CA CYS D 242 25.32 -61.97 46.86
C CYS D 242 25.48 -63.40 46.41
N ALA D 243 26.35 -64.14 47.07
CA ALA D 243 26.43 -65.60 46.93
C ALA D 243 25.96 -66.28 48.23
N ALA D 244 24.66 -66.60 48.30
CA ALA D 244 24.03 -67.15 49.51
C ALA D 244 22.90 -68.14 49.22
N ASP D 245 22.38 -68.79 50.27
CA ASP D 245 21.30 -69.77 50.12
C ASP D 245 19.89 -69.15 50.31
N PHE D 246 19.33 -68.59 49.23
CA PHE D 246 18.06 -67.86 49.29
C PHE D 246 16.82 -68.68 48.89
N GLY D 247 16.82 -69.96 49.28
CA GLY D 247 15.63 -70.81 49.23
C GLY D 247 15.43 -71.64 47.98
N VAL D 248 14.43 -72.53 48.03
CA VAL D 248 14.06 -73.34 46.89
C VAL D 248 12.81 -72.78 46.18
N THR D 249 12.87 -72.75 44.85
CA THR D 249 11.75 -72.25 44.04
C THR D 249 10.55 -73.21 44.09
N ASP D 250 9.52 -72.94 43.27
CA ASP D 250 8.30 -73.74 43.23
C ASP D 250 8.49 -75.08 42.50
N GLY D 255 8.93 -76.43 36.30
CA GLY D 255 8.59 -77.58 37.15
C GLY D 255 9.80 -78.18 37.84
N ALA D 256 10.50 -77.37 38.63
CA ALA D 256 11.73 -77.78 39.28
C ALA D 256 11.87 -77.15 40.68
N ALA D 257 12.89 -77.62 41.42
CA ALA D 257 13.16 -77.19 42.79
C ALA D 257 14.52 -76.49 42.92
N ILE D 258 14.62 -75.34 42.26
CA ILE D 258 15.91 -74.69 41.99
C ILE D 258 16.29 -73.63 43.06
N PRO D 259 17.55 -73.65 43.54
CA PRO D 259 17.98 -72.74 44.60
C PRO D 259 18.41 -71.36 44.09
N ILE D 260 17.77 -70.31 44.59
CA ILE D 260 18.21 -68.96 44.28
C ILE D 260 19.57 -68.78 44.94
N LEU D 261 20.61 -68.60 44.12
CA LEU D 261 21.98 -68.45 44.63
C LEU D 261 22.76 -67.26 44.03
N GLY D 262 22.04 -66.24 43.55
CA GLY D 262 22.65 -65.01 43.01
C GLY D 262 21.76 -63.76 43.16
N VAL D 263 22.23 -62.81 43.97
CA VAL D 263 21.44 -61.63 44.31
C VAL D 263 22.25 -60.35 44.50
N ALA D 264 22.23 -59.50 43.46
CA ALA D 264 22.65 -58.10 43.55
C ALA D 264 21.78 -57.21 42.64
N GLY D 265 22.03 -55.90 42.68
CA GLY D 265 21.31 -54.95 41.84
C GLY D 265 21.84 -55.01 40.41
N ASP D 266 20.99 -54.63 39.45
CA ASP D 266 21.38 -54.58 38.03
C ASP D 266 22.63 -53.76 37.82
N GLN D 267 22.81 -52.76 38.69
CA GLN D 267 23.85 -51.76 38.57
C GLN D 267 25.12 -52.18 39.27
N GLN D 268 24.99 -53.04 40.27
CA GLN D 268 26.14 -53.68 40.86
C GLN D 268 26.60 -54.86 39.99
N ALA D 269 25.66 -55.74 39.65
CA ALA D 269 25.91 -56.84 38.73
C ALA D 269 26.24 -56.36 37.32
N ALA D 270 26.18 -55.05 37.15
CA ALA D 270 26.66 -54.42 35.93
C ALA D 270 28.18 -54.47 35.99
N THR D 271 28.71 -54.07 37.15
CA THR D 271 30.15 -54.08 37.42
C THR D 271 30.70 -55.51 37.38
N ILE D 272 30.02 -56.46 38.04
CA ILE D 272 30.45 -57.87 38.05
C ILE D 272 30.18 -58.61 36.71
N GLY D 273 29.44 -57.98 35.80
CA GLY D 273 29.40 -58.48 34.43
C GLY D 273 30.55 -57.87 33.65
N GLN D 274 31.14 -56.82 34.22
CA GLN D 274 31.99 -55.88 33.51
C GLN D 274 33.46 -55.91 33.88
N ALA D 275 33.97 -57.08 34.26
CA ALA D 275 35.33 -57.21 34.82
C ALA D 275 35.85 -55.90 35.45
N CYS D 276 35.17 -55.47 36.52
CA CYS D 276 35.63 -54.37 37.36
C CYS D 276 35.81 -54.78 38.83
N PHE D 277 36.06 -56.07 39.06
CA PHE D 277 36.18 -56.59 40.43
C PHE D 277 37.28 -55.84 41.20
N LYS D 278 38.31 -55.39 40.47
CA LYS D 278 39.36 -54.50 40.99
C LYS D 278 38.78 -53.49 42.04
N LEU D 282 35.24 -48.87 37.07
CA LEU D 282 34.08 -48.03 36.76
C LEU D 282 33.39 -48.32 35.41
N LYS D 283 32.15 -48.83 35.50
CA LYS D 283 31.34 -49.12 34.31
C LYS D 283 30.20 -48.10 34.18
N SER D 284 29.75 -47.87 32.93
CA SER D 284 28.56 -47.06 32.72
C SER D 284 27.50 -47.77 31.88
N THR D 285 26.35 -48.01 32.51
CA THR D 285 25.24 -48.73 31.90
C THR D 285 24.29 -47.70 31.20
N TYR D 286 23.88 -47.99 29.96
CA TYR D 286 23.01 -47.09 29.16
C TYR D 286 21.69 -47.73 28.64
N GLY D 287 20.62 -47.62 29.42
CA GLY D 287 19.32 -48.19 29.05
C GLY D 287 18.25 -47.12 28.96
N THR D 288 17.54 -46.90 30.06
CA THR D 288 16.55 -45.84 30.20
C THR D 288 17.12 -44.75 31.09
N GLY D 289 17.79 -45.19 32.16
CA GLY D 289 18.70 -44.35 32.91
C GLY D 289 20.12 -44.64 32.47
N CYS D 290 21.06 -43.99 33.13
CA CYS D 290 22.49 -44.25 32.95
C CYS D 290 23.08 -44.31 34.32
N PHE D 291 23.84 -45.39 34.54
CA PHE D 291 24.45 -45.62 35.84
C PHE D 291 25.93 -45.98 35.74
N ALA D 292 26.72 -45.31 36.56
CA ALA D 292 28.16 -45.52 36.61
C ALA D 292 28.63 -45.60 38.04
N LEU D 293 29.50 -46.57 38.29
CA LEU D 293 30.08 -46.83 39.60
C LEU D 293 31.57 -47.13 39.44
N LEU D 294 32.39 -46.55 40.33
CA LEU D 294 33.85 -46.77 40.35
C LEU D 294 34.26 -47.52 41.63
N ASN D 295 34.82 -48.72 41.49
CA ASN D 295 35.19 -49.57 42.64
C ASN D 295 36.11 -48.87 43.64
N THR D 296 35.73 -48.88 44.91
CA THR D 296 36.43 -48.06 45.88
C THR D 296 37.42 -48.84 46.78
N GLY D 297 37.39 -50.17 46.71
CA GLY D 297 38.17 -51.02 47.62
C GLY D 297 37.60 -50.87 49.01
N LYS D 298 38.14 -51.63 49.97
CA LYS D 298 37.57 -51.66 51.32
C LYS D 298 37.62 -50.29 52.03
N MSE D 300 35.16 -46.85 52.58
CA MSE D 300 34.06 -45.88 52.50
C MSE D 300 34.54 -44.46 52.21
O MSE D 300 35.03 -43.76 53.12
CB MSE D 300 33.17 -45.93 53.75
CG MSE D 300 32.00 -46.90 53.64
SE MSE D 300 30.87 -47.08 55.25
CE MSE D 300 29.95 -45.33 55.21
N VAL D 301 34.41 -44.06 50.95
CA VAL D 301 34.69 -42.69 50.49
C VAL D 301 33.50 -41.76 50.72
N ARG D 302 33.49 -41.06 51.87
CA ARG D 302 32.42 -40.13 52.23
C ARG D 302 32.41 -38.90 51.32
N SER D 303 31.74 -39.05 50.17
CA SER D 303 31.87 -38.16 49.01
C SER D 303 31.75 -36.65 49.28
N LYS D 304 32.44 -35.88 48.42
CA LYS D 304 32.51 -34.44 48.52
C LYS D 304 31.88 -33.78 47.29
N ASN D 305 31.60 -34.60 46.27
CA ASN D 305 31.04 -34.14 45.00
C ASN D 305 29.69 -34.75 44.66
N ARG D 306 28.75 -34.62 45.59
CA ARG D 306 27.35 -35.00 45.38
C ARG D 306 27.15 -36.41 44.82
N LEU D 307 28.08 -37.32 45.09
CA LEU D 307 27.93 -38.72 44.64
C LEU D 307 27.52 -39.70 45.75
N LEU D 308 27.28 -40.94 45.36
CA LEU D 308 26.76 -41.95 46.27
C LEU D 308 27.84 -42.89 46.76
N THR D 309 27.83 -43.17 48.07
CA THR D 309 28.62 -44.28 48.62
C THR D 309 27.73 -45.50 48.74
N THR D 310 28.00 -46.52 47.92
CA THR D 310 27.16 -47.73 47.90
C THR D 310 27.98 -49.02 48.12
N ILE D 311 27.34 -50.18 47.95
CA ILE D 311 28.05 -51.44 48.01
C ILE D 311 28.10 -52.07 46.62
N ALA D 312 29.32 -52.24 46.09
CA ALA D 312 29.49 -52.88 44.80
C ALA D 312 29.22 -54.37 44.91
N TYR D 313 29.55 -54.94 46.08
CA TYR D 313 29.27 -56.35 46.44
C TYR D 313 29.66 -56.70 47.90
N ARG D 314 29.13 -57.82 48.40
CA ARG D 314 29.57 -58.38 49.69
C ARG D 314 29.73 -59.88 49.52
N LEU D 315 30.99 -60.30 49.39
CA LEU D 315 31.32 -61.72 49.21
C LEU D 315 31.88 -62.33 50.50
N ASP D 316 31.05 -63.18 51.11
CA ASP D 316 31.35 -63.95 52.33
C ASP D 316 31.48 -63.08 53.59
N GLY D 317 30.95 -61.86 53.51
CA GLY D 317 30.99 -60.91 54.61
C GLY D 317 31.87 -59.73 54.27
N GLU D 318 32.95 -60.01 53.53
CA GLU D 318 33.90 -58.99 53.10
C GLU D 318 33.26 -58.10 52.01
N THR D 319 32.83 -56.91 52.43
CA THR D 319 32.01 -56.02 51.63
C THR D 319 32.82 -54.97 50.86
N THR D 320 32.81 -55.05 49.54
CA THR D 320 33.45 -54.02 48.70
C THR D 320 32.51 -52.89 48.27
N TYR D 321 32.97 -51.66 48.45
CA TYR D 321 32.16 -50.48 48.20
C TYR D 321 32.54 -49.86 46.85
N ALA D 322 31.56 -49.24 46.18
CA ALA D 322 31.85 -48.33 45.05
C ALA D 322 31.28 -46.93 45.28
N LEU D 323 31.81 -46.00 44.49
CA LEU D 323 31.23 -44.66 44.32
C LEU D 323 30.27 -44.71 43.14
N GLU D 324 29.03 -44.22 43.35
CA GLU D 324 28.02 -44.22 42.28
C GLU D 324 27.60 -42.85 41.72
N GLY D 325 27.54 -42.80 40.40
CA GLY D 325 26.94 -41.70 39.66
C GLY D 325 25.72 -42.23 38.91
N SER D 326 24.58 -41.62 39.18
CA SER D 326 23.31 -42.14 38.68
C SER D 326 22.40 -41.07 38.05
N ILE D 327 21.96 -41.40 36.84
CA ILE D 327 21.23 -40.50 35.95
C ILE D 327 19.88 -41.13 35.62
N PHE D 328 18.82 -40.42 35.98
CA PHE D 328 17.46 -40.95 35.86
C PHE D 328 16.96 -41.17 34.44
N VAL D 329 17.19 -40.21 33.55
CA VAL D 329 16.72 -40.40 32.17
C VAL D 329 17.84 -40.27 31.16
N ALA D 330 18.01 -41.30 30.34
CA ALA D 330 19.01 -41.23 29.30
C ALA D 330 18.40 -41.70 27.97
N GLY D 331 18.24 -43.01 27.80
CA GLY D 331 17.73 -43.57 26.56
C GLY D 331 16.22 -43.45 26.49
N ALA D 332 15.59 -43.24 27.65
CA ALA D 332 14.16 -42.90 27.73
C ALA D 332 13.88 -41.55 27.06
N ALA D 333 14.94 -40.76 26.83
CA ALA D 333 14.80 -39.48 26.15
C ALA D 333 14.52 -39.71 24.67
N VAL D 334 15.07 -40.78 24.10
CA VAL D 334 14.89 -41.05 22.69
C VAL D 334 13.58 -41.81 22.49
N GLN D 335 13.23 -42.62 23.49
CA GLN D 335 11.95 -43.29 23.52
C GLN D 335 10.83 -42.24 23.53
N TRP D 336 11.02 -41.18 24.31
CA TRP D 336 10.04 -40.08 24.41
C TRP D 336 9.80 -39.44 23.05
N LEU D 337 10.90 -39.19 22.34
CA LEU D 337 10.82 -38.67 20.98
C LEU D 337 9.94 -39.55 20.11
N ARG D 338 10.22 -40.85 20.12
CA ARG D 338 9.48 -41.82 19.31
C ARG D 338 8.07 -42.08 19.81
N ASP D 339 7.88 -42.12 21.13
CA ASP D 339 6.59 -42.38 21.76
C ASP D 339 5.83 -41.16 22.24
N GLY D 340 6.48 -40.26 22.97
CA GLY D 340 5.75 -39.11 23.50
C GLY D 340 5.38 -38.13 22.40
N LEU D 341 6.42 -37.53 21.85
CA LEU D 341 6.30 -36.52 20.83
C LEU D 341 6.10 -37.17 19.47
N LYS D 342 6.73 -38.35 19.30
CA LYS D 342 6.62 -39.16 18.07
C LYS D 342 7.01 -38.34 16.87
N VAL D 343 8.22 -37.85 16.91
CA VAL D 343 8.74 -37.06 15.83
C VAL D 343 9.83 -37.82 15.13
N ILE D 344 10.31 -38.89 15.77
CA ILE D 344 11.29 -39.77 15.22
C ILE D 344 10.68 -41.15 15.13
N LYS D 345 11.14 -41.89 14.15
CA LYS D 345 10.56 -43.16 13.81
C LYS D 345 11.41 -44.32 14.28
N THR D 350 17.34 -42.53 16.00
CA THR D 350 18.39 -41.87 16.74
C THR D 350 19.71 -41.85 15.98
N GLY D 351 20.21 -43.04 15.62
CA GLY D 351 21.55 -43.22 15.03
C GLY D 351 21.93 -42.34 13.85
N SER D 352 21.13 -42.41 12.78
CA SER D 352 21.40 -41.68 11.55
C SER D 352 20.93 -40.22 11.61
N LEU D 353 19.70 -40.02 12.10
CA LEU D 353 19.10 -38.69 12.22
C LEU D 353 20.03 -37.72 12.90
N ALA D 354 20.62 -38.13 14.02
CA ALA D 354 21.54 -37.27 14.80
C ALA D 354 22.68 -36.70 13.95
N GLU D 355 23.09 -37.46 12.93
CA GLU D 355 24.12 -37.01 11.99
C GLU D 355 23.59 -35.95 11.02
N SER D 356 22.30 -36.05 10.68
CA SER D 356 21.60 -35.19 9.71
C SER D 356 21.36 -33.74 10.18
N ALA D 357 21.72 -33.45 11.43
CA ALA D 357 21.24 -32.24 12.10
C ALA D 357 22.04 -31.01 11.78
N ASP D 358 21.35 -29.94 11.41
CA ASP D 358 21.99 -28.68 11.06
C ASP D 358 23.04 -28.28 12.09
N PRO D 359 24.29 -28.14 11.65
CA PRO D 359 25.37 -27.79 12.57
C PRO D 359 25.44 -26.30 12.92
N SER D 360 24.51 -25.47 12.43
CA SER D 360 24.42 -24.07 12.87
C SER D 360 23.57 -23.89 14.15
N GLN D 361 22.85 -24.96 14.51
CA GLN D 361 21.81 -24.96 15.55
C GLN D 361 22.32 -25.41 16.92
N GLU D 362 22.35 -24.49 17.86
CA GLU D 362 22.65 -24.83 19.25
C GLU D 362 21.40 -25.28 20.06
N VAL D 363 20.93 -26.50 19.80
CA VAL D 363 19.83 -27.08 20.56
C VAL D 363 20.31 -28.08 21.62
N TYR D 364 19.82 -27.88 22.86
CA TYR D 364 20.12 -28.74 24.01
C TYR D 364 18.89 -29.21 24.76
N LEU D 365 19.04 -30.37 25.39
CA LEU D 365 17.98 -31.02 26.10
C LEU D 365 18.48 -31.56 27.44
N VAL D 366 17.89 -31.04 28.52
CA VAL D 366 18.17 -31.48 29.88
C VAL D 366 16.87 -32.24 30.20
N PRO D 367 16.85 -33.59 29.96
CA PRO D 367 15.60 -34.34 30.12
C PRO D 367 15.35 -34.72 31.57
N ALA D 368 14.98 -33.71 32.34
CA ALA D 368 14.75 -33.89 33.77
C ALA D 368 13.28 -34.29 33.97
N PHE D 369 12.82 -35.24 33.19
CA PHE D 369 11.41 -35.59 33.21
C PHE D 369 10.92 -35.81 34.64
N THR D 370 11.76 -36.32 35.54
CA THR D 370 11.30 -36.61 36.90
C THR D 370 12.39 -36.19 37.87
N GLY D 371 12.86 -34.95 37.77
CA GLY D 371 14.01 -34.53 38.53
C GLY D 371 15.36 -34.93 37.95
N LEU D 372 16.40 -34.48 38.64
CA LEU D 372 17.74 -34.79 38.19
C LEU D 372 18.44 -35.49 39.31
N GLY D 373 19.02 -36.63 38.98
CA GLY D 373 19.90 -37.32 39.92
C GLY D 373 21.27 -36.70 39.98
N ALA D 374 22.28 -37.57 39.85
CA ALA D 374 23.69 -37.22 39.99
C ALA D 374 24.17 -36.21 38.96
N PRO D 375 24.79 -35.11 39.41
CA PRO D 375 25.07 -34.78 40.77
C PRO D 375 24.29 -33.56 41.24
N HIS D 376 23.14 -33.29 40.63
CA HIS D 376 22.37 -32.09 41.00
C HIS D 376 21.44 -32.40 42.18
N TRP D 377 20.78 -33.57 42.16
CA TRP D 377 19.84 -33.97 43.22
C TRP D 377 18.78 -32.89 43.45
N ASP D 378 18.20 -32.44 42.33
CA ASP D 378 17.06 -31.52 42.31
C ASP D 378 15.84 -32.35 41.92
N PRO D 379 14.93 -32.60 42.88
CA PRO D 379 13.74 -33.37 42.56
C PRO D 379 12.66 -32.51 41.91
N ASP D 380 12.83 -31.18 41.98
CA ASP D 380 11.87 -30.24 41.43
C ASP D 380 12.22 -29.80 40.00
N ALA D 381 13.35 -30.22 39.47
CA ALA D 381 13.70 -29.91 38.10
C ALA D 381 12.81 -30.68 37.13
N ARG D 382 12.45 -30.01 36.04
CA ARG D 382 11.70 -30.67 34.97
C ARG D 382 12.40 -30.57 33.64
N GLY D 383 11.92 -31.40 32.72
CA GLY D 383 12.41 -31.42 31.35
C GLY D 383 12.40 -30.05 30.73
N ALA D 384 13.46 -29.75 30.00
CA ALA D 384 13.57 -28.47 29.33
C ALA D 384 14.39 -28.64 28.06
N ILE D 385 14.00 -27.93 27.01
CA ILE D 385 14.78 -27.92 25.73
C ILE D 385 15.14 -26.49 25.42
N PHE D 386 16.38 -26.27 25.01
CA PHE D 386 16.82 -24.95 24.70
C PHE D 386 17.31 -24.76 23.27
N GLY D 387 17.08 -23.55 22.75
CA GLY D 387 17.69 -23.08 21.54
C GLY D 387 16.90 -23.20 20.26
N MSE D 388 15.62 -23.57 20.30
CA MSE D 388 14.88 -23.78 19.05
C MSE D 388 14.73 -22.52 18.21
O MSE D 388 14.63 -21.40 18.72
CB MSE D 388 13.48 -24.39 19.21
CG MSE D 388 13.39 -25.77 19.86
SE MSE D 388 13.17 -25.31 21.72
CE MSE D 388 11.95 -23.79 21.42
N THR D 389 14.71 -22.77 16.90
CA THR D 389 14.66 -21.78 15.85
C THR D 389 13.57 -22.27 14.90
N ARG D 390 13.16 -21.42 13.98
CA ARG D 390 12.30 -21.83 12.88
C ARG D 390 12.76 -23.18 12.31
N ASN D 391 14.10 -23.37 12.32
CA ASN D 391 14.82 -24.45 11.61
C ASN D 391 14.84 -25.79 12.34
N THR D 392 14.71 -25.76 13.67
CA THR D 392 14.88 -26.94 14.49
C THR D 392 13.84 -28.00 14.12
N GLY D 393 14.32 -29.19 13.78
CA GLY D 393 13.41 -30.26 13.39
C GLY D 393 13.79 -31.54 14.10
N PRO D 394 13.24 -32.68 13.65
CA PRO D 394 13.41 -33.94 14.35
C PRO D 394 14.88 -34.31 14.53
N ALA D 395 15.71 -33.93 13.55
CA ALA D 395 17.15 -34.20 13.59
C ALA D 395 17.89 -33.53 14.73
N GLU D 396 17.47 -32.33 15.09
CA GLU D 396 18.13 -31.51 16.12
C GLU D 396 17.73 -31.91 17.58
N PHE D 397 16.49 -32.36 17.76
CA PHE D 397 16.03 -32.94 19.02
C PHE D 397 16.73 -34.27 19.30
N ALA D 398 16.64 -35.18 18.32
CA ALA D 398 17.35 -36.47 18.36
C ALA D 398 18.82 -36.26 18.78
N ARG D 399 19.53 -35.42 18.04
CA ARG D 399 20.86 -35.08 18.45
C ARG D 399 20.93 -34.65 19.89
N ALA D 400 20.10 -33.68 20.29
CA ALA D 400 20.23 -33.07 21.61
C ALA D 400 20.01 -34.12 22.69
N ALA D 401 19.19 -35.12 22.36
CA ALA D 401 18.83 -36.20 23.28
C ALA D 401 19.94 -37.26 23.34
N LEU D 402 20.55 -37.59 22.21
CA LEU D 402 21.74 -38.46 22.25
C LEU D 402 22.85 -37.73 22.96
N GLU D 403 22.98 -36.45 22.65
CA GLU D 403 24.06 -35.68 23.22
C GLU D 403 23.92 -35.57 24.72
N ALA D 404 22.66 -35.59 25.17
CA ALA D 404 22.32 -35.40 26.58
C ALA D 404 22.98 -36.47 27.43
N VAL D 405 22.87 -37.72 26.99
CA VAL D 405 23.53 -38.82 27.72
C VAL D 405 25.04 -38.62 27.85
N CYS D 406 25.70 -38.25 26.74
CA CYS D 406 27.12 -37.92 26.78
C CYS D 406 27.44 -36.81 27.78
N TYR D 407 26.64 -35.73 27.78
CA TYR D 407 26.91 -34.61 28.68
C TYR D 407 26.74 -35.03 30.12
N GLN D 408 25.68 -35.77 30.38
CA GLN D 408 25.37 -36.17 31.73
C GLN D 408 26.44 -37.14 32.20
N THR D 409 26.76 -38.16 31.38
CA THR D 409 27.94 -39.00 31.67
C THR D 409 29.10 -38.10 32.15
N ARG D 410 29.54 -37.19 31.28
CA ARG D 410 30.72 -36.41 31.56
C ARG D 410 30.65 -35.82 32.94
N ASP D 411 29.50 -35.23 33.26
CA ASP D 411 29.29 -34.59 34.55
C ASP D 411 29.57 -35.49 35.76
N LEU D 412 29.36 -36.80 35.58
CA LEU D 412 29.65 -37.78 36.63
C LEU D 412 31.16 -38.03 36.80
N LEU D 413 31.84 -38.31 35.69
CA LEU D 413 33.29 -38.60 35.71
C LEU D 413 34.09 -37.43 36.28
N GLU D 414 33.67 -36.22 35.96
CA GLU D 414 34.30 -35.03 36.51
C GLU D 414 34.10 -34.93 38.02
N ALA D 415 33.05 -35.55 38.53
CA ALA D 415 32.90 -35.73 39.97
C ALA D 415 33.68 -36.94 40.48
N MSE D 416 33.98 -37.87 39.57
CA MSE D 416 34.78 -39.06 39.93
C MSE D 416 36.28 -38.78 39.91
O MSE D 416 36.95 -39.02 40.91
CB MSE D 416 34.43 -40.26 39.04
CG MSE D 416 33.14 -40.92 39.48
SE MSE D 416 32.56 -42.47 38.40
CE MSE D 416 33.17 -42.00 36.60
N HIS D 417 36.79 -38.29 38.78
CA HIS D 417 38.18 -37.78 38.65
C HIS D 417 38.44 -36.64 39.65
N LYS D 418 37.48 -36.42 40.57
CA LYS D 418 37.65 -35.46 41.64
C LYS D 418 37.56 -36.18 43.00
N ASP D 419 36.91 -37.35 43.02
CA ASP D 419 36.88 -38.23 44.19
C ASP D 419 38.04 -39.26 44.17
N TRP D 420 38.44 -39.72 42.99
CA TRP D 420 39.57 -40.66 42.83
C TRP D 420 40.79 -39.94 42.19
N ARG D 430 34.77 -47.74 29.26
CA ARG D 430 34.27 -48.93 29.96
C ARG D 430 32.73 -48.94 30.13
N VAL D 431 31.99 -49.03 29.03
CA VAL D 431 30.52 -48.91 29.07
C VAL D 431 29.75 -50.06 28.40
N ASP D 432 28.60 -50.39 28.99
CA ASP D 432 27.67 -51.39 28.42
C ASP D 432 26.25 -50.83 28.40
N GLY D 433 25.30 -51.66 27.97
CA GLY D 433 23.90 -51.25 27.85
C GLY D 433 23.45 -51.30 26.40
N GLY D 434 22.15 -51.55 26.21
CA GLY D 434 21.56 -51.67 24.89
C GLY D 434 21.72 -50.43 24.01
N MSE D 435 21.41 -49.26 24.57
CA MSE D 435 21.49 -47.97 23.84
C MSE D 435 22.92 -47.54 23.45
O MSE D 435 23.11 -46.48 22.84
CB MSE D 435 20.78 -46.87 24.62
N VAL D 436 23.92 -48.37 23.82
CA VAL D 436 25.33 -48.15 23.51
C VAL D 436 25.79 -48.85 22.24
N ALA D 437 24.82 -49.22 21.39
CA ALA D 437 25.11 -49.90 20.12
C ALA D 437 25.71 -48.98 19.05
N SER D 438 24.95 -47.96 18.64
CA SER D 438 25.37 -46.96 17.64
C SER D 438 26.78 -46.40 17.89
N ASP D 439 27.61 -46.43 16.83
CA ASP D 439 29.00 -45.98 16.95
C ASP D 439 29.01 -44.46 17.14
N TRP D 440 28.10 -43.78 16.42
CA TRP D 440 27.84 -42.35 16.56
C TRP D 440 27.87 -41.94 18.03
N THR D 441 26.97 -42.53 18.83
CA THR D 441 26.77 -42.13 20.23
C THR D 441 28.04 -42.29 21.06
N MSE D 442 28.70 -43.42 20.87
CA MSE D 442 29.91 -43.73 21.60
C MSE D 442 31.07 -42.83 21.14
O MSE D 442 31.85 -42.36 21.98
CB MSE D 442 30.22 -45.22 21.44
CG MSE D 442 29.19 -46.15 22.10
SE MSE D 442 29.12 -45.99 24.08
CE MSE D 442 27.50 -44.89 24.30
N GLN D 443 31.15 -42.58 19.84
CA GLN D 443 32.16 -41.67 19.30
C GLN D 443 31.94 -40.27 19.84
N ARG D 444 30.68 -39.82 19.74
CA ARG D 444 30.23 -38.58 20.33
C ARG D 444 30.49 -38.57 21.82
N LEU D 445 30.36 -39.72 22.48
CA LEU D 445 30.68 -39.83 23.91
C LEU D 445 32.19 -39.72 24.22
N SER D 446 33.01 -40.27 23.34
CA SER D 446 34.47 -40.20 23.50
C SER D 446 34.94 -38.79 23.23
N ASP D 447 34.45 -38.22 22.13
CA ASP D 447 34.67 -36.82 21.78
C ASP D 447 34.38 -35.92 22.98
N LEU D 448 33.18 -36.06 23.55
CA LEU D 448 32.69 -35.13 24.57
C LEU D 448 33.36 -35.31 25.92
N LEU D 449 33.64 -36.57 26.28
CA LEU D 449 34.33 -36.85 27.53
C LEU D 449 35.83 -36.51 27.41
N ASP D 450 36.31 -36.44 26.16
CA ASP D 450 37.74 -36.24 25.81
C ASP D 450 38.55 -37.31 26.51
N ALA D 451 38.14 -38.56 26.27
CA ALA D 451 38.61 -39.72 26.99
C ALA D 451 38.12 -40.97 26.28
N PRO D 452 38.91 -42.05 26.32
CA PRO D 452 38.55 -43.20 25.51
C PRO D 452 37.55 -44.10 26.24
N VAL D 453 36.72 -44.81 25.47
CA VAL D 453 35.69 -45.66 26.06
C VAL D 453 35.64 -47.03 25.37
N ASP D 454 35.46 -48.09 26.17
CA ASP D 454 35.55 -49.47 25.70
C ASP D 454 34.25 -50.26 25.76
N ARG D 455 33.91 -50.97 24.68
CA ARG D 455 32.64 -51.68 24.52
C ARG D 455 32.75 -53.17 24.12
N PRO D 456 32.34 -54.10 25.02
CA PRO D 456 32.28 -55.56 24.81
C PRO D 456 32.06 -56.03 23.36
N ALA D 484 38.81 -62.38 36.38
CA ALA D 484 38.74 -62.87 35.01
C ALA D 484 39.33 -61.90 33.96
N LYS D 485 40.40 -62.35 33.30
CA LYS D 485 40.88 -61.72 32.07
C LYS D 485 39.90 -62.12 30.96
N SER D 486 39.11 -63.16 31.24
CA SER D 486 38.10 -63.70 30.34
C SER D 486 37.19 -62.63 29.75
N TRP D 487 37.27 -61.42 30.31
CA TRP D 487 36.56 -60.26 29.79
C TRP D 487 37.07 -59.89 28.39
N ALA D 488 36.15 -59.89 27.44
CA ALA D 488 36.46 -59.68 26.03
C ALA D 488 35.95 -58.32 25.57
N ARG D 489 36.74 -57.70 24.70
CA ARG D 489 36.41 -56.42 24.09
C ARG D 489 35.92 -56.58 22.65
N ASP D 490 35.19 -55.57 22.19
CA ASP D 490 35.10 -55.29 20.77
C ASP D 490 35.94 -54.04 20.52
N ARG D 491 35.39 -52.89 20.86
CA ARG D 491 35.97 -51.64 20.43
C ARG D 491 36.31 -50.68 21.58
N ARG D 492 37.52 -50.12 21.50
CA ARG D 492 37.91 -48.92 22.23
C ARG D 492 37.66 -47.70 21.32
N PHE D 493 37.38 -46.55 21.93
CA PHE D 493 36.99 -45.35 21.17
C PHE D 493 37.91 -44.14 21.38
N GLU D 494 38.01 -43.28 20.36
CA GLU D 494 38.95 -42.13 20.36
C GLU D 494 38.41 -40.81 19.83
N PRO D 495 38.78 -39.69 20.51
CA PRO D 495 38.35 -38.33 20.14
C PRO D 495 38.85 -37.76 18.80
N HIS D 496 38.01 -37.89 17.76
CA HIS D 496 38.14 -37.12 16.51
C HIS D 496 37.36 -35.79 16.60
N MSE D 497 37.54 -35.07 17.70
CA MSE D 497 36.92 -33.76 17.87
C MSE D 497 37.90 -32.66 18.32
O MSE D 497 38.65 -32.81 19.29
CB MSE D 497 35.68 -33.79 18.79
CG MSE D 497 34.93 -32.42 18.90
SE MSE D 497 33.45 -32.23 20.22
CE MSE D 497 32.24 -33.58 19.45
N ASP D 498 37.84 -31.58 17.55
CA ASP D 498 38.39 -30.27 17.82
C ASP D 498 38.19 -29.80 19.27
N GLU D 499 39.19 -29.10 19.82
CA GLU D 499 39.13 -28.57 21.20
C GLU D 499 38.12 -27.44 21.44
N ALA D 500 37.92 -26.58 20.44
CA ALA D 500 37.00 -25.43 20.60
C ALA D 500 35.55 -25.79 20.26
N THR D 501 35.38 -26.78 19.40
CA THR D 501 34.06 -27.29 19.10
C THR D 501 33.51 -27.99 20.37
N ARG D 502 34.38 -28.70 21.09
CA ARG D 502 34.04 -29.34 22.38
C ARG D 502 33.74 -28.31 23.49
N LYS D 503 34.50 -27.22 23.54
CA LYS D 503 34.22 -26.22 24.55
C LYS D 503 32.89 -25.53 24.21
N VAL D 504 32.61 -25.37 22.91
CA VAL D 504 31.35 -24.79 22.46
C VAL D 504 30.17 -25.68 22.88
N LYS D 505 30.22 -26.95 22.53
CA LYS D 505 29.19 -27.90 22.93
C LYS D 505 29.08 -28.10 24.47
N LEU D 506 30.20 -28.03 25.18
CA LEU D 506 30.20 -28.11 26.64
C LEU D 506 29.53 -26.91 27.31
N LYS D 507 29.78 -25.71 26.79
CA LYS D 507 29.24 -24.49 27.40
C LYS D 507 27.71 -24.46 27.30
N GLY D 508 27.17 -25.01 26.22
CA GLY D 508 25.73 -24.99 25.94
C GLY D 508 24.93 -25.82 26.93
N TRP D 509 25.32 -27.10 27.04
CA TRP D 509 24.91 -27.92 28.17
C TRP D 509 24.92 -27.17 29.52
N ARG D 510 26.10 -26.69 29.93
CA ARG D 510 26.22 -26.10 31.26
C ARG D 510 25.23 -24.93 31.40
N SER D 511 24.91 -24.35 30.25
CA SER D 511 24.04 -23.21 30.19
C SER D 511 22.61 -23.72 30.25
N ALA D 512 22.34 -24.78 29.52
CA ALA D 512 21.07 -25.44 29.57
C ALA D 512 20.79 -25.90 31.02
N VAL D 513 21.80 -26.49 31.66
CA VAL D 513 21.69 -26.98 33.04
C VAL D 513 21.38 -25.90 34.02
N LYS D 514 22.07 -24.76 33.90
CA LYS D 514 21.84 -23.64 34.82
C LYS D 514 20.43 -23.00 34.71
N ARG D 515 19.81 -23.03 33.53
CA ARG D 515 18.46 -22.47 33.39
C ARG D 515 17.41 -23.41 34.00
N THR D 516 17.73 -24.70 34.01
CA THR D 516 16.80 -25.76 34.40
C THR D 516 16.75 -25.91 35.94
N LEU D 517 17.75 -25.35 36.61
CA LEU D 517 18.04 -25.61 38.01
C LEU D 517 17.88 -24.40 38.91
N ILE D 518 17.81 -23.18 38.35
CA ILE D 518 17.78 -21.93 39.11
C ILE D 518 16.41 -21.72 39.75
N ALA D 519 16.38 -20.97 40.85
CA ALA D 519 15.15 -20.73 41.61
C ALA D 519 14.49 -19.42 41.20
C1 GOL E . 4.00 -6.88 10.96
O1 GOL E . 2.61 -7.11 10.70
C2 GOL E . 4.21 -5.63 11.80
O2 GOL E . 3.95 -4.47 11.00
C3 GOL E . 5.68 -5.64 12.23
O3 GOL E . 5.98 -4.39 12.81
NA NA F . -22.85 -6.75 -9.38
C1 GOL G . -9.97 3.52 -40.46
O1 GOL G . -8.99 3.91 -41.39
C2 GOL G . -9.62 2.18 -39.86
O2 GOL G . -10.10 1.18 -40.72
C3 GOL G . -10.30 2.04 -38.49
O3 GOL G . -10.78 0.77 -38.22
CL CL H . -26.66 52.34 -5.08
C1 GOL I . -8.62 43.05 -7.08
O1 GOL I . -8.64 44.18 -7.89
C2 GOL I . -7.63 43.13 -5.97
O2 GOL I . -7.55 44.24 -5.10
C3 GOL I . -6.52 42.12 -5.96
O3 GOL I . -6.63 41.59 -4.66
NA NA J . -30.28 57.60 -3.48
#